data_1FOY
# 
_entry.id   1FOY 
# 
_audit_conform.dict_name       mmcif_pdbx.dic 
_audit_conform.dict_version    5.392 
_audit_conform.dict_location   http://mmcif.pdb.org/dictionaries/ascii/mmcif_pdbx.dic 
# 
loop_
_database_2.database_id 
_database_2.database_code 
_database_2.pdbx_database_accession 
_database_2.pdbx_DOI 
PDB   1FOY         pdb_00001foy 10.2210/pdb1foy/pdb 
WWPDB D_1000173360 ?            ?                   
# 
loop_
_pdbx_audit_revision_history.ordinal 
_pdbx_audit_revision_history.data_content_type 
_pdbx_audit_revision_history.major_revision 
_pdbx_audit_revision_history.minor_revision 
_pdbx_audit_revision_history.revision_date 
1 'Structure model' 1 0 1997-11-26 
2 'Structure model' 1 1 2008-03-24 
3 'Structure model' 1 2 2011-07-13 
4 'Structure model' 1 3 2022-02-23 
5 'Structure model' 1 4 2024-05-22 
# 
_pdbx_audit_revision_details.ordinal             1 
_pdbx_audit_revision_details.revision_ordinal    1 
_pdbx_audit_revision_details.data_content_type   'Structure model' 
_pdbx_audit_revision_details.provider            repository 
_pdbx_audit_revision_details.type                'Initial release' 
_pdbx_audit_revision_details.description         ? 
_pdbx_audit_revision_details.details             ? 
# 
loop_
_pdbx_audit_revision_group.ordinal 
_pdbx_audit_revision_group.revision_ordinal 
_pdbx_audit_revision_group.data_content_type 
_pdbx_audit_revision_group.group 
1 2 'Structure model' 'Version format compliance' 
2 3 'Structure model' 'Version format compliance' 
3 4 'Structure model' 'Database references'       
4 4 'Structure model' 'Derived calculations'      
5 4 'Structure model' Other                       
6 5 'Structure model' 'Data collection'           
# 
loop_
_pdbx_audit_revision_category.ordinal 
_pdbx_audit_revision_category.revision_ordinal 
_pdbx_audit_revision_category.data_content_type 
_pdbx_audit_revision_category.category 
1 4 'Structure model' database_2            
2 4 'Structure model' pdbx_database_status  
3 4 'Structure model' pdbx_struct_assembly  
4 4 'Structure model' pdbx_struct_oper_list 
5 5 'Structure model' chem_comp_atom        
6 5 'Structure model' chem_comp_bond        
# 
loop_
_pdbx_audit_revision_item.ordinal 
_pdbx_audit_revision_item.revision_ordinal 
_pdbx_audit_revision_item.data_content_type 
_pdbx_audit_revision_item.item 
1 4 'Structure model' '_database_2.pdbx_DOI'                
2 4 'Structure model' '_database_2.pdbx_database_accession' 
3 4 'Structure model' '_pdbx_database_status.process_site'  
# 
_pdbx_database_status.status_code                     REL 
_pdbx_database_status.entry_id                        1FOY 
_pdbx_database_status.recvd_initial_deposition_date   1997-05-26 
_pdbx_database_status.deposit_site                    ? 
_pdbx_database_status.process_site                    BNL 
_pdbx_database_status.SG_entry                        . 
_pdbx_database_status.pdb_format_compatible           Y 
_pdbx_database_status.status_code_mr                  ? 
_pdbx_database_status.status_code_sf                  ? 
_pdbx_database_status.status_code_cs                  ? 
_pdbx_database_status.status_code_nmr_data            ? 
_pdbx_database_status.methods_development_category    ? 
# 
_pdbx_database_related.db_name        PDB 
_pdbx_database_related.db_id          2FOW 
_pdbx_database_related.details        . 
_pdbx_database_related.content_type   ensemble 
# 
loop_
_audit_author.name 
_audit_author.pdbx_ordinal 
'Hinck, A.P.'     1 
'Markus, M.A.'    2 
'Huang, S.'       3 
'Grzesiek, S.'    4 
'Kustanovich, I.' 5 
'Draper, D.E.'    6 
'Torchia, D.A.'   7 
# 
_citation.id                        primary 
_citation.title                     
;The RNA binding domain of ribosomal protein L11: three-dimensional structure of the RNA-bound form of the protein and its interaction with 23 S rRNA.
;
_citation.journal_abbrev            J.Mol.Biol. 
_citation.journal_volume            274 
_citation.page_first                101 
_citation.page_last                 113 
_citation.year                      1997 
_citation.journal_id_ASTM           JMOBAK 
_citation.country                   UK 
_citation.journal_id_ISSN           0022-2836 
_citation.journal_id_CSD            0070 
_citation.book_publisher            ? 
_citation.pdbx_database_id_PubMed   9398519 
_citation.pdbx_database_id_DOI      10.1006/jmbi.1997.1379 
# 
loop_
_citation_author.citation_id 
_citation_author.name 
_citation_author.ordinal 
_citation_author.identifier_ORCID 
primary 'Hinck, A.P.'     1 ? 
primary 'Markus, M.A.'    2 ? 
primary 'Huang, S.'       3 ? 
primary 'Grzesiek, S.'    4 ? 
primary 'Kustonovich, I.' 5 ? 
primary 'Draper, D.E.'    6 ? 
primary 'Torchia, D.A.'   7 ? 
# 
_entity.id                         1 
_entity.type                       polymer 
_entity.src_method                 man 
_entity.pdbx_description           'RIBOSOMAL PROTEIN L11' 
_entity.formula_weight             8152.554 
_entity.pdbx_number_of_molecules   1 
_entity.pdbx_ec                    ? 
_entity.pdbx_mutation              F1M 
_entity.pdbx_fragment              'C-TERMINAL DOMAIN, 75 RESIDUES' 
_entity.details                    
;STRUCTURE OF THE PROTEIN IN THIS ENTRY WAS DETERMINED AS A 1\:1 COMPLEX WITH ITS TARGET RNA OF 58 NUCLEOTIDES, BASES 1051 - 1108 OF THE E. COLI SEQUENCE
;
# 
_entity_poly.entity_id                      1 
_entity_poly.type                           'polypeptide(L)' 
_entity_poly.nstd_linkage                   no 
_entity_poly.nstd_monomer                   no 
_entity_poly.pdbx_seq_one_letter_code       MTFITKTPPAAVLLKKAAGIESGSGEPNRNKVATIKRDKVREIAELKMPDLNAASIEAAMRMIEGTARSMGIVVED 
_entity_poly.pdbx_seq_one_letter_code_can   MTFITKTPPAAVLLKKAAGIESGSGEPNRNKVATIKRDKVREIAELKMPDLNAASIEAAMRMIEGTARSMGIVVED 
_entity_poly.pdbx_strand_id                 A 
_entity_poly.pdbx_target_identifier         ? 
# 
loop_
_entity_poly_seq.entity_id 
_entity_poly_seq.num 
_entity_poly_seq.mon_id 
_entity_poly_seq.hetero 
1 1  MET n 
1 2  THR n 
1 3  PHE n 
1 4  ILE n 
1 5  THR n 
1 6  LYS n 
1 7  THR n 
1 8  PRO n 
1 9  PRO n 
1 10 ALA n 
1 11 ALA n 
1 12 VAL n 
1 13 LEU n 
1 14 LEU n 
1 15 LYS n 
1 16 LYS n 
1 17 ALA n 
1 18 ALA n 
1 19 GLY n 
1 20 ILE n 
1 21 GLU n 
1 22 SER n 
1 23 GLY n 
1 24 SER n 
1 25 GLY n 
1 26 GLU n 
1 27 PRO n 
1 28 ASN n 
1 29 ARG n 
1 30 ASN n 
1 31 LYS n 
1 32 VAL n 
1 33 ALA n 
1 34 THR n 
1 35 ILE n 
1 36 LYS n 
1 37 ARG n 
1 38 ASP n 
1 39 LYS n 
1 40 VAL n 
1 41 ARG n 
1 42 GLU n 
1 43 ILE n 
1 44 ALA n 
1 45 GLU n 
1 46 LEU n 
1 47 LYS n 
1 48 MET n 
1 49 PRO n 
1 50 ASP n 
1 51 LEU n 
1 52 ASN n 
1 53 ALA n 
1 54 ALA n 
1 55 SER n 
1 56 ILE n 
1 57 GLU n 
1 58 ALA n 
1 59 ALA n 
1 60 MET n 
1 61 ARG n 
1 62 MET n 
1 63 ILE n 
1 64 GLU n 
1 65 GLY n 
1 66 THR n 
1 67 ALA n 
1 68 ARG n 
1 69 SER n 
1 70 MET n 
1 71 GLY n 
1 72 ILE n 
1 73 VAL n 
1 74 VAL n 
1 75 GLU n 
1 76 ASP n 
# 
_entity_src_gen.entity_id                          1 
_entity_src_gen.pdbx_src_id                        1 
_entity_src_gen.pdbx_alt_source_flag               sample 
_entity_src_gen.pdbx_seq_type                      ? 
_entity_src_gen.pdbx_beg_seq_num                   ? 
_entity_src_gen.pdbx_end_seq_num                   ? 
_entity_src_gen.gene_src_common_name               ? 
_entity_src_gen.gene_src_genus                     Geobacillus 
_entity_src_gen.pdbx_gene_src_gene                 ? 
_entity_src_gen.gene_src_species                   ? 
_entity_src_gen.gene_src_strain                    ? 
_entity_src_gen.gene_src_tissue                    ? 
_entity_src_gen.gene_src_tissue_fraction           ? 
_entity_src_gen.gene_src_details                   ? 
_entity_src_gen.pdbx_gene_src_fragment             ? 
_entity_src_gen.pdbx_gene_src_scientific_name      'Geobacillus stearothermophilus' 
_entity_src_gen.pdbx_gene_src_ncbi_taxonomy_id     1422 
_entity_src_gen.pdbx_gene_src_variant              ? 
_entity_src_gen.pdbx_gene_src_cell_line            BL21 
_entity_src_gen.pdbx_gene_src_atcc                 ? 
_entity_src_gen.pdbx_gene_src_organ                ? 
_entity_src_gen.pdbx_gene_src_organelle            ? 
_entity_src_gen.pdbx_gene_src_cell                 ? 
_entity_src_gen.pdbx_gene_src_cellular_location    ? 
_entity_src_gen.host_org_common_name               ? 
_entity_src_gen.pdbx_host_org_scientific_name      'Escherichia coli BL21(DE3)' 
_entity_src_gen.pdbx_host_org_ncbi_taxonomy_id     469008 
_entity_src_gen.host_org_genus                     Escherichia 
_entity_src_gen.pdbx_host_org_gene                 ? 
_entity_src_gen.pdbx_host_org_organ                ? 
_entity_src_gen.host_org_species                   'Escherichia coli' 
_entity_src_gen.pdbx_host_org_tissue               ? 
_entity_src_gen.pdbx_host_org_tissue_fraction      ? 
_entity_src_gen.pdbx_host_org_strain               'BL21 (DE3)' 
_entity_src_gen.pdbx_host_org_variant              ? 
_entity_src_gen.pdbx_host_org_cell_line            ? 
_entity_src_gen.pdbx_host_org_atcc                 ? 
_entity_src_gen.pdbx_host_org_culture_collection   ? 
_entity_src_gen.pdbx_host_org_cell                 ? 
_entity_src_gen.pdbx_host_org_organelle            ? 
_entity_src_gen.pdbx_host_org_cellular_location    ? 
_entity_src_gen.pdbx_host_org_vector_type          PLASMID 
_entity_src_gen.pdbx_host_org_vector               PET11A 
_entity_src_gen.host_org_details                   ? 
_entity_src_gen.expression_system_id               ? 
_entity_src_gen.plasmid_name                       BL21 
_entity_src_gen.plasmid_details                    ? 
_entity_src_gen.pdbx_description                   ? 
# 
loop_
_chem_comp.id 
_chem_comp.type 
_chem_comp.mon_nstd_flag 
_chem_comp.name 
_chem_comp.pdbx_synonyms 
_chem_comp.formula 
_chem_comp.formula_weight 
ALA 'L-peptide linking' y ALANINE         ? 'C3 H7 N O2'     89.093  
ARG 'L-peptide linking' y ARGININE        ? 'C6 H15 N4 O2 1' 175.209 
ASN 'L-peptide linking' y ASPARAGINE      ? 'C4 H8 N2 O3'    132.118 
ASP 'L-peptide linking' y 'ASPARTIC ACID' ? 'C4 H7 N O4'     133.103 
GLU 'L-peptide linking' y 'GLUTAMIC ACID' ? 'C5 H9 N O4'     147.129 
GLY 'peptide linking'   y GLYCINE         ? 'C2 H5 N O2'     75.067  
ILE 'L-peptide linking' y ISOLEUCINE      ? 'C6 H13 N O2'    131.173 
LEU 'L-peptide linking' y LEUCINE         ? 'C6 H13 N O2'    131.173 
LYS 'L-peptide linking' y LYSINE          ? 'C6 H15 N2 O2 1' 147.195 
MET 'L-peptide linking' y METHIONINE      ? 'C5 H11 N O2 S'  149.211 
PHE 'L-peptide linking' y PHENYLALANINE   ? 'C9 H11 N O2'    165.189 
PRO 'L-peptide linking' y PROLINE         ? 'C5 H9 N O2'     115.130 
SER 'L-peptide linking' y SERINE          ? 'C3 H7 N O3'     105.093 
THR 'L-peptide linking' y THREONINE       ? 'C4 H9 N O3'     119.119 
VAL 'L-peptide linking' y VALINE          ? 'C5 H11 N O2'    117.146 
# 
loop_
_pdbx_poly_seq_scheme.asym_id 
_pdbx_poly_seq_scheme.entity_id 
_pdbx_poly_seq_scheme.seq_id 
_pdbx_poly_seq_scheme.mon_id 
_pdbx_poly_seq_scheme.ndb_seq_num 
_pdbx_poly_seq_scheme.pdb_seq_num 
_pdbx_poly_seq_scheme.auth_seq_num 
_pdbx_poly_seq_scheme.pdb_mon_id 
_pdbx_poly_seq_scheme.auth_mon_id 
_pdbx_poly_seq_scheme.pdb_strand_id 
_pdbx_poly_seq_scheme.pdb_ins_code 
_pdbx_poly_seq_scheme.hetero 
A 1 1  MET 1  1  1  MET MET A . n 
A 1 2  THR 2  2  2  THR THR A . n 
A 1 3  PHE 3  3  3  PHE PHE A . n 
A 1 4  ILE 4  4  4  ILE ILE A . n 
A 1 5  THR 5  5  5  THR THR A . n 
A 1 6  LYS 6  6  6  LYS LYS A . n 
A 1 7  THR 7  7  7  THR THR A . n 
A 1 8  PRO 8  8  8  PRO PRO A . n 
A 1 9  PRO 9  9  9  PRO PRO A . n 
A 1 10 ALA 10 10 10 ALA ALA A . n 
A 1 11 ALA 11 11 11 ALA ALA A . n 
A 1 12 VAL 12 12 12 VAL VAL A . n 
A 1 13 LEU 13 13 13 LEU LEU A . n 
A 1 14 LEU 14 14 14 LEU LEU A . n 
A 1 15 LYS 15 15 15 LYS LYS A . n 
A 1 16 LYS 16 16 16 LYS LYS A . n 
A 1 17 ALA 17 17 17 ALA ALA A . n 
A 1 18 ALA 18 18 18 ALA ALA A . n 
A 1 19 GLY 19 19 19 GLY GLY A . n 
A 1 20 ILE 20 20 20 ILE ILE A . n 
A 1 21 GLU 21 21 21 GLU GLU A . n 
A 1 22 SER 22 22 22 SER SER A . n 
A 1 23 GLY 23 23 23 GLY GLY A . n 
A 1 24 SER 24 24 24 SER SER A . n 
A 1 25 GLY 25 25 25 GLY GLY A . n 
A 1 26 GLU 26 26 26 GLU GLU A . n 
A 1 27 PRO 27 27 27 PRO PRO A . n 
A 1 28 ASN 28 28 28 ASN ASN A . n 
A 1 29 ARG 29 29 29 ARG ARG A . n 
A 1 30 ASN 30 30 30 ASN ASN A . n 
A 1 31 LYS 31 31 31 LYS LYS A . n 
A 1 32 VAL 32 32 32 VAL VAL A . n 
A 1 33 ALA 33 33 33 ALA ALA A . n 
A 1 34 THR 34 34 34 THR THR A . n 
A 1 35 ILE 35 35 35 ILE ILE A . n 
A 1 36 LYS 36 36 36 LYS LYS A . n 
A 1 37 ARG 37 37 37 ARG ARG A . n 
A 1 38 ASP 38 38 38 ASP ASP A . n 
A 1 39 LYS 39 39 39 LYS LYS A . n 
A 1 40 VAL 40 40 40 VAL VAL A . n 
A 1 41 ARG 41 41 41 ARG ARG A . n 
A 1 42 GLU 42 42 42 GLU GLU A . n 
A 1 43 ILE 43 43 43 ILE ILE A . n 
A 1 44 ALA 44 44 44 ALA ALA A . n 
A 1 45 GLU 45 45 45 GLU GLU A . n 
A 1 46 LEU 46 46 46 LEU LEU A . n 
A 1 47 LYS 47 47 47 LYS LYS A . n 
A 1 48 MET 48 48 48 MET MET A . n 
A 1 49 PRO 49 49 49 PRO PRO A . n 
A 1 50 ASP 50 50 50 ASP ASP A . n 
A 1 51 LEU 51 51 51 LEU LEU A . n 
A 1 52 ASN 52 52 52 ASN ASN A . n 
A 1 53 ALA 53 53 53 ALA ALA A . n 
A 1 54 ALA 54 54 54 ALA ALA A . n 
A 1 55 SER 55 55 55 SER SER A . n 
A 1 56 ILE 56 56 56 ILE ILE A . n 
A 1 57 GLU 57 57 57 GLU GLU A . n 
A 1 58 ALA 58 58 58 ALA ALA A . n 
A 1 59 ALA 59 59 59 ALA ALA A . n 
A 1 60 MET 60 60 60 MET MET A . n 
A 1 61 ARG 61 61 61 ARG ARG A . n 
A 1 62 MET 62 62 62 MET MET A . n 
A 1 63 ILE 63 63 63 ILE ILE A . n 
A 1 64 GLU 64 64 64 GLU GLU A . n 
A 1 65 GLY 65 65 65 GLY GLY A . n 
A 1 66 THR 66 66 66 THR THR A . n 
A 1 67 ALA 67 67 67 ALA ALA A . n 
A 1 68 ARG 68 68 68 ARG ARG A . n 
A 1 69 SER 69 69 69 SER SER A . n 
A 1 70 MET 70 70 70 MET MET A . n 
A 1 71 GLY 71 71 71 GLY GLY A . n 
A 1 72 ILE 72 72 72 ILE ILE A . n 
A 1 73 VAL 73 73 73 VAL VAL A . n 
A 1 74 VAL 74 74 74 VAL VAL A . n 
A 1 75 GLU 75 75 75 GLU GLU A . n 
A 1 76 ASP 76 76 76 ASP ASP A . n 
# 
loop_
_software.name 
_software.classification 
_software.version 
_software.citation_id 
_software.pdbx_ordinal 
X-PLOR 'model building' 3.8 ? 1 
X-PLOR refinement       3.8 ? 2 
X-PLOR phasing          3.8 ? 3 
# 
_cell.entry_id           1FOY 
_cell.length_a           1.000 
_cell.length_b           1.000 
_cell.length_c           1.000 
_cell.angle_alpha        90.00 
_cell.angle_beta         90.00 
_cell.angle_gamma        90.00 
_cell.Z_PDB              1 
_cell.pdbx_unique_axis   ? 
# 
_symmetry.entry_id                         1FOY 
_symmetry.space_group_name_H-M             'P 1' 
_symmetry.pdbx_full_space_group_name_H-M   ? 
_symmetry.cell_setting                     ? 
_symmetry.Int_Tables_number                1 
# 
_exptl.entry_id          1FOY 
_exptl.method            'SOLUTION NMR' 
_exptl.crystals_number   ? 
# 
_struct.entry_id                  1FOY 
_struct.title                     
;THE RNA BINDING DOMAIN OF RIBOSOMAL PROTEIN L11: THREE-DIMENSIONAL STRUCTURE OF THE RNA-BOUND FORM OF THE PROTEIN, NMR, MINIMIZED AVERAGE STRUCTURE
;
_struct.pdbx_model_details        ? 
_struct.pdbx_CASP_flag            ? 
_struct.pdbx_model_type_details   ? 
# 
_struct_keywords.entry_id        1FOY 
_struct_keywords.pdbx_keywords   RIBOSOME 
_struct_keywords.text            'RIBOSOME, PROTEIN/RNA, THIOSTREPTON' 
# 
_struct_asym.id                            A 
_struct_asym.pdbx_blank_PDB_chainid_flag   Y 
_struct_asym.pdbx_modified                 N 
_struct_asym.entity_id                     1 
_struct_asym.details                       ? 
# 
_struct_ref.id                         1 
_struct_ref.db_name                    UNP 
_struct_ref.db_code                    RL11_BACST 
_struct_ref.entity_id                  1 
_struct_ref.pdbx_db_accession          P56210 
_struct_ref.pdbx_align_begin           1 
_struct_ref.pdbx_seq_one_letter_code   
;MKLQIPAGKANPAPPVGPALGQAGVNIMAFCKEFNARTADQAGLIIPVEITVFEDRSFTFITKTPPAAVLLKKAAGIESG
SGEPNRNKVATIKRDKVREIAELKMPDLNAASIEAAMRMIEGTARSMGIVVED
;
_struct_ref.pdbx_db_isoform            ? 
# 
_struct_ref_seq.align_id                      1 
_struct_ref_seq.ref_id                        1 
_struct_ref_seq.pdbx_PDB_id_code              1FOY 
_struct_ref_seq.pdbx_strand_id                A 
_struct_ref_seq.seq_align_beg                 2 
_struct_ref_seq.pdbx_seq_align_beg_ins_code   ? 
_struct_ref_seq.seq_align_end                 76 
_struct_ref_seq.pdbx_seq_align_end_ins_code   ? 
_struct_ref_seq.pdbx_db_accession             P56210 
_struct_ref_seq.db_align_beg                  59 
_struct_ref_seq.pdbx_db_align_beg_ins_code    ? 
_struct_ref_seq.db_align_end                  133 
_struct_ref_seq.pdbx_db_align_end_ins_code    ? 
_struct_ref_seq.pdbx_auth_seq_align_beg       2 
_struct_ref_seq.pdbx_auth_seq_align_end       76 
# 
_pdbx_struct_assembly.id                   1 
_pdbx_struct_assembly.details              author_defined_assembly 
_pdbx_struct_assembly.method_details       ? 
_pdbx_struct_assembly.oligomeric_details   monomeric 
_pdbx_struct_assembly.oligomeric_count     1 
# 
_pdbx_struct_assembly_gen.assembly_id       1 
_pdbx_struct_assembly_gen.oper_expression   1 
_pdbx_struct_assembly_gen.asym_id_list      A 
# 
_pdbx_struct_oper_list.id                   1 
_pdbx_struct_oper_list.type                 'identity operation' 
_pdbx_struct_oper_list.name                 1_555 
_pdbx_struct_oper_list.symmetry_operation   x,y,z 
_pdbx_struct_oper_list.matrix[1][1]         1.0000000000 
_pdbx_struct_oper_list.matrix[1][2]         0.0000000000 
_pdbx_struct_oper_list.matrix[1][3]         0.0000000000 
_pdbx_struct_oper_list.vector[1]            0.0000000000 
_pdbx_struct_oper_list.matrix[2][1]         0.0000000000 
_pdbx_struct_oper_list.matrix[2][2]         1.0000000000 
_pdbx_struct_oper_list.matrix[2][3]         0.0000000000 
_pdbx_struct_oper_list.vector[2]            0.0000000000 
_pdbx_struct_oper_list.matrix[3][1]         0.0000000000 
_pdbx_struct_oper_list.matrix[3][2]         0.0000000000 
_pdbx_struct_oper_list.matrix[3][3]         1.0000000000 
_pdbx_struct_oper_list.vector[3]            0.0000000000 
# 
_struct_biol.id   1 
# 
loop_
_struct_conf.conf_type_id 
_struct_conf.id 
_struct_conf.pdbx_PDB_helix_id 
_struct_conf.beg_label_comp_id 
_struct_conf.beg_label_asym_id 
_struct_conf.beg_label_seq_id 
_struct_conf.pdbx_beg_PDB_ins_code 
_struct_conf.end_label_comp_id 
_struct_conf.end_label_asym_id 
_struct_conf.end_label_seq_id 
_struct_conf.pdbx_end_PDB_ins_code 
_struct_conf.beg_auth_comp_id 
_struct_conf.beg_auth_asym_id 
_struct_conf.beg_auth_seq_id 
_struct_conf.end_auth_comp_id 
_struct_conf.end_auth_asym_id 
_struct_conf.end_auth_seq_id 
_struct_conf.pdbx_PDB_helix_class 
_struct_conf.details 
_struct_conf.pdbx_PDB_helix_length 
HELX_P HELX_P1 1 ALA A 10 ? ALA A 17 ? ALA A 10 ALA A 17 1 ? 8  
HELX_P HELX_P2 2 ARG A 37 ? LEU A 46 ? ARG A 37 LEU A 46 1 ? 10 
HELX_P HELX_P3 3 ILE A 56 ? ALA A 67 ? ILE A 56 ALA A 67 1 ? 12 
# 
_struct_conf_type.id          HELX_P 
_struct_conf_type.criteria    ? 
_struct_conf_type.reference   ? 
# 
_struct_sheet.id               A 
_struct_sheet.type             ? 
_struct_sheet.number_strands   2 
_struct_sheet.details          ? 
# 
_struct_sheet_order.sheet_id     A 
_struct_sheet_order.range_id_1   1 
_struct_sheet_order.range_id_2   2 
_struct_sheet_order.offset       ? 
_struct_sheet_order.sense        parallel 
# 
loop_
_struct_sheet_range.sheet_id 
_struct_sheet_range.id 
_struct_sheet_range.beg_label_comp_id 
_struct_sheet_range.beg_label_asym_id 
_struct_sheet_range.beg_label_seq_id 
_struct_sheet_range.pdbx_beg_PDB_ins_code 
_struct_sheet_range.end_label_comp_id 
_struct_sheet_range.end_label_asym_id 
_struct_sheet_range.end_label_seq_id 
_struct_sheet_range.pdbx_end_PDB_ins_code 
_struct_sheet_range.beg_auth_comp_id 
_struct_sheet_range.beg_auth_asym_id 
_struct_sheet_range.beg_auth_seq_id 
_struct_sheet_range.end_auth_comp_id 
_struct_sheet_range.end_auth_asym_id 
_struct_sheet_range.end_auth_seq_id 
A 1 ALA A 33 ? LYS A 36 ? ALA A 33 LYS A 36 
A 2 ILE A 72 ? GLU A 75 ? ILE A 72 GLU A 75 
# 
_pdbx_struct_sheet_hbond.sheet_id                A 
_pdbx_struct_sheet_hbond.range_id_1              1 
_pdbx_struct_sheet_hbond.range_id_2              2 
_pdbx_struct_sheet_hbond.range_1_label_atom_id   O 
_pdbx_struct_sheet_hbond.range_1_label_comp_id   ALA 
_pdbx_struct_sheet_hbond.range_1_label_asym_id   A 
_pdbx_struct_sheet_hbond.range_1_label_seq_id    33 
_pdbx_struct_sheet_hbond.range_1_PDB_ins_code    ? 
_pdbx_struct_sheet_hbond.range_1_auth_atom_id    O 
_pdbx_struct_sheet_hbond.range_1_auth_comp_id    ALA 
_pdbx_struct_sheet_hbond.range_1_auth_asym_id    A 
_pdbx_struct_sheet_hbond.range_1_auth_seq_id     33 
_pdbx_struct_sheet_hbond.range_2_label_atom_id   N 
_pdbx_struct_sheet_hbond.range_2_label_comp_id   VAL 
_pdbx_struct_sheet_hbond.range_2_label_asym_id   A 
_pdbx_struct_sheet_hbond.range_2_label_seq_id    73 
_pdbx_struct_sheet_hbond.range_2_PDB_ins_code    ? 
_pdbx_struct_sheet_hbond.range_2_auth_atom_id    N 
_pdbx_struct_sheet_hbond.range_2_auth_comp_id    VAL 
_pdbx_struct_sheet_hbond.range_2_auth_asym_id    A 
_pdbx_struct_sheet_hbond.range_2_auth_seq_id     73 
# 
loop_
_pdbx_validate_close_contact.id 
_pdbx_validate_close_contact.PDB_model_num 
_pdbx_validate_close_contact.auth_atom_id_1 
_pdbx_validate_close_contact.auth_asym_id_1 
_pdbx_validate_close_contact.auth_comp_id_1 
_pdbx_validate_close_contact.auth_seq_id_1 
_pdbx_validate_close_contact.PDB_ins_code_1 
_pdbx_validate_close_contact.label_alt_id_1 
_pdbx_validate_close_contact.auth_atom_id_2 
_pdbx_validate_close_contact.auth_asym_id_2 
_pdbx_validate_close_contact.auth_comp_id_2 
_pdbx_validate_close_contact.auth_seq_id_2 
_pdbx_validate_close_contact.PDB_ins_code_2 
_pdbx_validate_close_contact.label_alt_id_2 
_pdbx_validate_close_contact.dist 
1 1 O A LEU 14 ? ? H A GLY 19 ? ? 1.58 
2 1 O A ALA 10 ? ? H A LEU 14 ? ? 1.58 
3 1 O A MET 60 ? ? H A GLU 64 ? ? 1.59 
4 1 O A ALA 11 ? ? H A LYS 15 ? ? 1.60 
# 
loop_
_pdbx_validate_torsion.id 
_pdbx_validate_torsion.PDB_model_num 
_pdbx_validate_torsion.auth_comp_id 
_pdbx_validate_torsion.auth_asym_id 
_pdbx_validate_torsion.auth_seq_id 
_pdbx_validate_torsion.PDB_ins_code 
_pdbx_validate_torsion.label_alt_id 
_pdbx_validate_torsion.phi 
_pdbx_validate_torsion.psi 
1  1 ILE A 4  ? ? 46.63   28.71   
2  1 ALA A 11 ? ? -43.20  -70.46  
3  1 LYS A 16 ? ? -73.02  -74.66  
4  1 ILE A 20 ? ? 43.78   -169.83 
5  1 SER A 22 ? ? 163.53  52.64   
6  1 SER A 24 ? ? -91.26  -78.51  
7  1 PRO A 27 ? ? -76.33  -162.06 
8  1 ASN A 28 ? ? -163.14 -58.15  
9  1 ASN A 30 ? ? 76.34   167.65  
10 1 LYS A 31 ? ? 76.94   94.51   
11 1 ASP A 50 ? ? 160.95  -24.40  
12 1 ALA A 53 ? ? -43.90  161.49  
13 1 SER A 55 ? ? 163.79  163.67  
14 1 ILE A 56 ? ? -43.75  -73.79  
15 1 MET A 70 ? ? -120.93 -77.55  
# 
loop_
_pdbx_validate_planes.id 
_pdbx_validate_planes.PDB_model_num 
_pdbx_validate_planes.auth_comp_id 
_pdbx_validate_planes.auth_asym_id 
_pdbx_validate_planes.auth_seq_id 
_pdbx_validate_planes.PDB_ins_code 
_pdbx_validate_planes.label_alt_id 
_pdbx_validate_planes.rmsd 
_pdbx_validate_planes.type 
1 1 ARG A 29 ? ? 0.193 'SIDE CHAIN' 
2 1 ARG A 37 ? ? 0.242 'SIDE CHAIN' 
3 1 ARG A 41 ? ? 0.292 'SIDE CHAIN' 
4 1 ARG A 61 ? ? 0.316 'SIDE CHAIN' 
5 1 ARG A 68 ? ? 0.284 'SIDE CHAIN' 
# 
_pdbx_nmr_ensemble.entry_id                             1FOY 
_pdbx_nmr_ensemble.conformers_calculated_total_number   50 
_pdbx_nmr_ensemble.conformers_submitted_total_number    1 
_pdbx_nmr_ensemble.conformer_selection_criteria         ? 
# 
_pdbx_nmr_exptl_sample_conditions.conditions_id       1 
_pdbx_nmr_exptl_sample_conditions.temperature         320 
_pdbx_nmr_exptl_sample_conditions.pressure            ? 
_pdbx_nmr_exptl_sample_conditions.pH                  6.1 
_pdbx_nmr_exptl_sample_conditions.ionic_strength      ? 
_pdbx_nmr_exptl_sample_conditions.pressure_units      . 
_pdbx_nmr_exptl_sample_conditions.temperature_units   K 
# 
_pdbx_nmr_refine.entry_id           1FOY 
_pdbx_nmr_refine.method             'SUBSTRUCTURE DISTANCE GEOMETRY/SIMULATING ANNEALING' 
_pdbx_nmr_refine.details            'SUBSTRUCTURE DISTANCE GEOMETRY/ SIMULATED ANNEALING PROTOCOL' 
_pdbx_nmr_refine.software_ordinal   1 
# 
loop_
_pdbx_nmr_software.classification 
_pdbx_nmr_software.name 
_pdbx_nmr_software.version 
_pdbx_nmr_software.authors 
_pdbx_nmr_software.ordinal 
refinement           X-PLOR 3.8 BRUNGER 1 
'structure solution' X-PLOR 3.8 ?       2 
# 
loop_
_chem_comp_atom.comp_id 
_chem_comp_atom.atom_id 
_chem_comp_atom.type_symbol 
_chem_comp_atom.pdbx_aromatic_flag 
_chem_comp_atom.pdbx_stereo_config 
_chem_comp_atom.pdbx_ordinal 
ALA N    N N N 1   
ALA CA   C N S 2   
ALA C    C N N 3   
ALA O    O N N 4   
ALA CB   C N N 5   
ALA OXT  O N N 6   
ALA H    H N N 7   
ALA H2   H N N 8   
ALA HA   H N N 9   
ALA HB1  H N N 10  
ALA HB2  H N N 11  
ALA HB3  H N N 12  
ALA HXT  H N N 13  
ARG N    N N N 14  
ARG CA   C N S 15  
ARG C    C N N 16  
ARG O    O N N 17  
ARG CB   C N N 18  
ARG CG   C N N 19  
ARG CD   C N N 20  
ARG NE   N N N 21  
ARG CZ   C N N 22  
ARG NH1  N N N 23  
ARG NH2  N N N 24  
ARG OXT  O N N 25  
ARG H    H N N 26  
ARG H2   H N N 27  
ARG HA   H N N 28  
ARG HB2  H N N 29  
ARG HB3  H N N 30  
ARG HG2  H N N 31  
ARG HG3  H N N 32  
ARG HD2  H N N 33  
ARG HD3  H N N 34  
ARG HE   H N N 35  
ARG HH11 H N N 36  
ARG HH12 H N N 37  
ARG HH21 H N N 38  
ARG HH22 H N N 39  
ARG HXT  H N N 40  
ASN N    N N N 41  
ASN CA   C N S 42  
ASN C    C N N 43  
ASN O    O N N 44  
ASN CB   C N N 45  
ASN CG   C N N 46  
ASN OD1  O N N 47  
ASN ND2  N N N 48  
ASN OXT  O N N 49  
ASN H    H N N 50  
ASN H2   H N N 51  
ASN HA   H N N 52  
ASN HB2  H N N 53  
ASN HB3  H N N 54  
ASN HD21 H N N 55  
ASN HD22 H N N 56  
ASN HXT  H N N 57  
ASP N    N N N 58  
ASP CA   C N S 59  
ASP C    C N N 60  
ASP O    O N N 61  
ASP CB   C N N 62  
ASP CG   C N N 63  
ASP OD1  O N N 64  
ASP OD2  O N N 65  
ASP OXT  O N N 66  
ASP H    H N N 67  
ASP H2   H N N 68  
ASP HA   H N N 69  
ASP HB2  H N N 70  
ASP HB3  H N N 71  
ASP HD2  H N N 72  
ASP HXT  H N N 73  
GLU N    N N N 74  
GLU CA   C N S 75  
GLU C    C N N 76  
GLU O    O N N 77  
GLU CB   C N N 78  
GLU CG   C N N 79  
GLU CD   C N N 80  
GLU OE1  O N N 81  
GLU OE2  O N N 82  
GLU OXT  O N N 83  
GLU H    H N N 84  
GLU H2   H N N 85  
GLU HA   H N N 86  
GLU HB2  H N N 87  
GLU HB3  H N N 88  
GLU HG2  H N N 89  
GLU HG3  H N N 90  
GLU HE2  H N N 91  
GLU HXT  H N N 92  
GLY N    N N N 93  
GLY CA   C N N 94  
GLY C    C N N 95  
GLY O    O N N 96  
GLY OXT  O N N 97  
GLY H    H N N 98  
GLY H2   H N N 99  
GLY HA2  H N N 100 
GLY HA3  H N N 101 
GLY HXT  H N N 102 
ILE N    N N N 103 
ILE CA   C N S 104 
ILE C    C N N 105 
ILE O    O N N 106 
ILE CB   C N S 107 
ILE CG1  C N N 108 
ILE CG2  C N N 109 
ILE CD1  C N N 110 
ILE OXT  O N N 111 
ILE H    H N N 112 
ILE H2   H N N 113 
ILE HA   H N N 114 
ILE HB   H N N 115 
ILE HG12 H N N 116 
ILE HG13 H N N 117 
ILE HG21 H N N 118 
ILE HG22 H N N 119 
ILE HG23 H N N 120 
ILE HD11 H N N 121 
ILE HD12 H N N 122 
ILE HD13 H N N 123 
ILE HXT  H N N 124 
LEU N    N N N 125 
LEU CA   C N S 126 
LEU C    C N N 127 
LEU O    O N N 128 
LEU CB   C N N 129 
LEU CG   C N N 130 
LEU CD1  C N N 131 
LEU CD2  C N N 132 
LEU OXT  O N N 133 
LEU H    H N N 134 
LEU H2   H N N 135 
LEU HA   H N N 136 
LEU HB2  H N N 137 
LEU HB3  H N N 138 
LEU HG   H N N 139 
LEU HD11 H N N 140 
LEU HD12 H N N 141 
LEU HD13 H N N 142 
LEU HD21 H N N 143 
LEU HD22 H N N 144 
LEU HD23 H N N 145 
LEU HXT  H N N 146 
LYS N    N N N 147 
LYS CA   C N S 148 
LYS C    C N N 149 
LYS O    O N N 150 
LYS CB   C N N 151 
LYS CG   C N N 152 
LYS CD   C N N 153 
LYS CE   C N N 154 
LYS NZ   N N N 155 
LYS OXT  O N N 156 
LYS H    H N N 157 
LYS H2   H N N 158 
LYS HA   H N N 159 
LYS HB2  H N N 160 
LYS HB3  H N N 161 
LYS HG2  H N N 162 
LYS HG3  H N N 163 
LYS HD2  H N N 164 
LYS HD3  H N N 165 
LYS HE2  H N N 166 
LYS HE3  H N N 167 
LYS HZ1  H N N 168 
LYS HZ2  H N N 169 
LYS HZ3  H N N 170 
LYS HXT  H N N 171 
MET N    N N N 172 
MET CA   C N S 173 
MET C    C N N 174 
MET O    O N N 175 
MET CB   C N N 176 
MET CG   C N N 177 
MET SD   S N N 178 
MET CE   C N N 179 
MET OXT  O N N 180 
MET H    H N N 181 
MET H2   H N N 182 
MET HA   H N N 183 
MET HB2  H N N 184 
MET HB3  H N N 185 
MET HG2  H N N 186 
MET HG3  H N N 187 
MET HE1  H N N 188 
MET HE2  H N N 189 
MET HE3  H N N 190 
MET HXT  H N N 191 
PHE N    N N N 192 
PHE CA   C N S 193 
PHE C    C N N 194 
PHE O    O N N 195 
PHE CB   C N N 196 
PHE CG   C Y N 197 
PHE CD1  C Y N 198 
PHE CD2  C Y N 199 
PHE CE1  C Y N 200 
PHE CE2  C Y N 201 
PHE CZ   C Y N 202 
PHE OXT  O N N 203 
PHE H    H N N 204 
PHE H2   H N N 205 
PHE HA   H N N 206 
PHE HB2  H N N 207 
PHE HB3  H N N 208 
PHE HD1  H N N 209 
PHE HD2  H N N 210 
PHE HE1  H N N 211 
PHE HE2  H N N 212 
PHE HZ   H N N 213 
PHE HXT  H N N 214 
PRO N    N N N 215 
PRO CA   C N S 216 
PRO C    C N N 217 
PRO O    O N N 218 
PRO CB   C N N 219 
PRO CG   C N N 220 
PRO CD   C N N 221 
PRO OXT  O N N 222 
PRO H    H N N 223 
PRO HA   H N N 224 
PRO HB2  H N N 225 
PRO HB3  H N N 226 
PRO HG2  H N N 227 
PRO HG3  H N N 228 
PRO HD2  H N N 229 
PRO HD3  H N N 230 
PRO HXT  H N N 231 
SER N    N N N 232 
SER CA   C N S 233 
SER C    C N N 234 
SER O    O N N 235 
SER CB   C N N 236 
SER OG   O N N 237 
SER OXT  O N N 238 
SER H    H N N 239 
SER H2   H N N 240 
SER HA   H N N 241 
SER HB2  H N N 242 
SER HB3  H N N 243 
SER HG   H N N 244 
SER HXT  H N N 245 
THR N    N N N 246 
THR CA   C N S 247 
THR C    C N N 248 
THR O    O N N 249 
THR CB   C N R 250 
THR OG1  O N N 251 
THR CG2  C N N 252 
THR OXT  O N N 253 
THR H    H N N 254 
THR H2   H N N 255 
THR HA   H N N 256 
THR HB   H N N 257 
THR HG1  H N N 258 
THR HG21 H N N 259 
THR HG22 H N N 260 
THR HG23 H N N 261 
THR HXT  H N N 262 
VAL N    N N N 263 
VAL CA   C N S 264 
VAL C    C N N 265 
VAL O    O N N 266 
VAL CB   C N N 267 
VAL CG1  C N N 268 
VAL CG2  C N N 269 
VAL OXT  O N N 270 
VAL H    H N N 271 
VAL H2   H N N 272 
VAL HA   H N N 273 
VAL HB   H N N 274 
VAL HG11 H N N 275 
VAL HG12 H N N 276 
VAL HG13 H N N 277 
VAL HG21 H N N 278 
VAL HG22 H N N 279 
VAL HG23 H N N 280 
VAL HXT  H N N 281 
# 
loop_
_chem_comp_bond.comp_id 
_chem_comp_bond.atom_id_1 
_chem_comp_bond.atom_id_2 
_chem_comp_bond.value_order 
_chem_comp_bond.pdbx_aromatic_flag 
_chem_comp_bond.pdbx_stereo_config 
_chem_comp_bond.pdbx_ordinal 
ALA N   CA   sing N N 1   
ALA N   H    sing N N 2   
ALA N   H2   sing N N 3   
ALA CA  C    sing N N 4   
ALA CA  CB   sing N N 5   
ALA CA  HA   sing N N 6   
ALA C   O    doub N N 7   
ALA C   OXT  sing N N 8   
ALA CB  HB1  sing N N 9   
ALA CB  HB2  sing N N 10  
ALA CB  HB3  sing N N 11  
ALA OXT HXT  sing N N 12  
ARG N   CA   sing N N 13  
ARG N   H    sing N N 14  
ARG N   H2   sing N N 15  
ARG CA  C    sing N N 16  
ARG CA  CB   sing N N 17  
ARG CA  HA   sing N N 18  
ARG C   O    doub N N 19  
ARG C   OXT  sing N N 20  
ARG CB  CG   sing N N 21  
ARG CB  HB2  sing N N 22  
ARG CB  HB3  sing N N 23  
ARG CG  CD   sing N N 24  
ARG CG  HG2  sing N N 25  
ARG CG  HG3  sing N N 26  
ARG CD  NE   sing N N 27  
ARG CD  HD2  sing N N 28  
ARG CD  HD3  sing N N 29  
ARG NE  CZ   sing N N 30  
ARG NE  HE   sing N N 31  
ARG CZ  NH1  sing N N 32  
ARG CZ  NH2  doub N N 33  
ARG NH1 HH11 sing N N 34  
ARG NH1 HH12 sing N N 35  
ARG NH2 HH21 sing N N 36  
ARG NH2 HH22 sing N N 37  
ARG OXT HXT  sing N N 38  
ASN N   CA   sing N N 39  
ASN N   H    sing N N 40  
ASN N   H2   sing N N 41  
ASN CA  C    sing N N 42  
ASN CA  CB   sing N N 43  
ASN CA  HA   sing N N 44  
ASN C   O    doub N N 45  
ASN C   OXT  sing N N 46  
ASN CB  CG   sing N N 47  
ASN CB  HB2  sing N N 48  
ASN CB  HB3  sing N N 49  
ASN CG  OD1  doub N N 50  
ASN CG  ND2  sing N N 51  
ASN ND2 HD21 sing N N 52  
ASN ND2 HD22 sing N N 53  
ASN OXT HXT  sing N N 54  
ASP N   CA   sing N N 55  
ASP N   H    sing N N 56  
ASP N   H2   sing N N 57  
ASP CA  C    sing N N 58  
ASP CA  CB   sing N N 59  
ASP CA  HA   sing N N 60  
ASP C   O    doub N N 61  
ASP C   OXT  sing N N 62  
ASP CB  CG   sing N N 63  
ASP CB  HB2  sing N N 64  
ASP CB  HB3  sing N N 65  
ASP CG  OD1  doub N N 66  
ASP CG  OD2  sing N N 67  
ASP OD2 HD2  sing N N 68  
ASP OXT HXT  sing N N 69  
GLU N   CA   sing N N 70  
GLU N   H    sing N N 71  
GLU N   H2   sing N N 72  
GLU CA  C    sing N N 73  
GLU CA  CB   sing N N 74  
GLU CA  HA   sing N N 75  
GLU C   O    doub N N 76  
GLU C   OXT  sing N N 77  
GLU CB  CG   sing N N 78  
GLU CB  HB2  sing N N 79  
GLU CB  HB3  sing N N 80  
GLU CG  CD   sing N N 81  
GLU CG  HG2  sing N N 82  
GLU CG  HG3  sing N N 83  
GLU CD  OE1  doub N N 84  
GLU CD  OE2  sing N N 85  
GLU OE2 HE2  sing N N 86  
GLU OXT HXT  sing N N 87  
GLY N   CA   sing N N 88  
GLY N   H    sing N N 89  
GLY N   H2   sing N N 90  
GLY CA  C    sing N N 91  
GLY CA  HA2  sing N N 92  
GLY CA  HA3  sing N N 93  
GLY C   O    doub N N 94  
GLY C   OXT  sing N N 95  
GLY OXT HXT  sing N N 96  
ILE N   CA   sing N N 97  
ILE N   H    sing N N 98  
ILE N   H2   sing N N 99  
ILE CA  C    sing N N 100 
ILE CA  CB   sing N N 101 
ILE CA  HA   sing N N 102 
ILE C   O    doub N N 103 
ILE C   OXT  sing N N 104 
ILE CB  CG1  sing N N 105 
ILE CB  CG2  sing N N 106 
ILE CB  HB   sing N N 107 
ILE CG1 CD1  sing N N 108 
ILE CG1 HG12 sing N N 109 
ILE CG1 HG13 sing N N 110 
ILE CG2 HG21 sing N N 111 
ILE CG2 HG22 sing N N 112 
ILE CG2 HG23 sing N N 113 
ILE CD1 HD11 sing N N 114 
ILE CD1 HD12 sing N N 115 
ILE CD1 HD13 sing N N 116 
ILE OXT HXT  sing N N 117 
LEU N   CA   sing N N 118 
LEU N   H    sing N N 119 
LEU N   H2   sing N N 120 
LEU CA  C    sing N N 121 
LEU CA  CB   sing N N 122 
LEU CA  HA   sing N N 123 
LEU C   O    doub N N 124 
LEU C   OXT  sing N N 125 
LEU CB  CG   sing N N 126 
LEU CB  HB2  sing N N 127 
LEU CB  HB3  sing N N 128 
LEU CG  CD1  sing N N 129 
LEU CG  CD2  sing N N 130 
LEU CG  HG   sing N N 131 
LEU CD1 HD11 sing N N 132 
LEU CD1 HD12 sing N N 133 
LEU CD1 HD13 sing N N 134 
LEU CD2 HD21 sing N N 135 
LEU CD2 HD22 sing N N 136 
LEU CD2 HD23 sing N N 137 
LEU OXT HXT  sing N N 138 
LYS N   CA   sing N N 139 
LYS N   H    sing N N 140 
LYS N   H2   sing N N 141 
LYS CA  C    sing N N 142 
LYS CA  CB   sing N N 143 
LYS CA  HA   sing N N 144 
LYS C   O    doub N N 145 
LYS C   OXT  sing N N 146 
LYS CB  CG   sing N N 147 
LYS CB  HB2  sing N N 148 
LYS CB  HB3  sing N N 149 
LYS CG  CD   sing N N 150 
LYS CG  HG2  sing N N 151 
LYS CG  HG3  sing N N 152 
LYS CD  CE   sing N N 153 
LYS CD  HD2  sing N N 154 
LYS CD  HD3  sing N N 155 
LYS CE  NZ   sing N N 156 
LYS CE  HE2  sing N N 157 
LYS CE  HE3  sing N N 158 
LYS NZ  HZ1  sing N N 159 
LYS NZ  HZ2  sing N N 160 
LYS NZ  HZ3  sing N N 161 
LYS OXT HXT  sing N N 162 
MET N   CA   sing N N 163 
MET N   H    sing N N 164 
MET N   H2   sing N N 165 
MET CA  C    sing N N 166 
MET CA  CB   sing N N 167 
MET CA  HA   sing N N 168 
MET C   O    doub N N 169 
MET C   OXT  sing N N 170 
MET CB  CG   sing N N 171 
MET CB  HB2  sing N N 172 
MET CB  HB3  sing N N 173 
MET CG  SD   sing N N 174 
MET CG  HG2  sing N N 175 
MET CG  HG3  sing N N 176 
MET SD  CE   sing N N 177 
MET CE  HE1  sing N N 178 
MET CE  HE2  sing N N 179 
MET CE  HE3  sing N N 180 
MET OXT HXT  sing N N 181 
PHE N   CA   sing N N 182 
PHE N   H    sing N N 183 
PHE N   H2   sing N N 184 
PHE CA  C    sing N N 185 
PHE CA  CB   sing N N 186 
PHE CA  HA   sing N N 187 
PHE C   O    doub N N 188 
PHE C   OXT  sing N N 189 
PHE CB  CG   sing N N 190 
PHE CB  HB2  sing N N 191 
PHE CB  HB3  sing N N 192 
PHE CG  CD1  doub Y N 193 
PHE CG  CD2  sing Y N 194 
PHE CD1 CE1  sing Y N 195 
PHE CD1 HD1  sing N N 196 
PHE CD2 CE2  doub Y N 197 
PHE CD2 HD2  sing N N 198 
PHE CE1 CZ   doub Y N 199 
PHE CE1 HE1  sing N N 200 
PHE CE2 CZ   sing Y N 201 
PHE CE2 HE2  sing N N 202 
PHE CZ  HZ   sing N N 203 
PHE OXT HXT  sing N N 204 
PRO N   CA   sing N N 205 
PRO N   CD   sing N N 206 
PRO N   H    sing N N 207 
PRO CA  C    sing N N 208 
PRO CA  CB   sing N N 209 
PRO CA  HA   sing N N 210 
PRO C   O    doub N N 211 
PRO C   OXT  sing N N 212 
PRO CB  CG   sing N N 213 
PRO CB  HB2  sing N N 214 
PRO CB  HB3  sing N N 215 
PRO CG  CD   sing N N 216 
PRO CG  HG2  sing N N 217 
PRO CG  HG3  sing N N 218 
PRO CD  HD2  sing N N 219 
PRO CD  HD3  sing N N 220 
PRO OXT HXT  sing N N 221 
SER N   CA   sing N N 222 
SER N   H    sing N N 223 
SER N   H2   sing N N 224 
SER CA  C    sing N N 225 
SER CA  CB   sing N N 226 
SER CA  HA   sing N N 227 
SER C   O    doub N N 228 
SER C   OXT  sing N N 229 
SER CB  OG   sing N N 230 
SER CB  HB2  sing N N 231 
SER CB  HB3  sing N N 232 
SER OG  HG   sing N N 233 
SER OXT HXT  sing N N 234 
THR N   CA   sing N N 235 
THR N   H    sing N N 236 
THR N   H2   sing N N 237 
THR CA  C    sing N N 238 
THR CA  CB   sing N N 239 
THR CA  HA   sing N N 240 
THR C   O    doub N N 241 
THR C   OXT  sing N N 242 
THR CB  OG1  sing N N 243 
THR CB  CG2  sing N N 244 
THR CB  HB   sing N N 245 
THR OG1 HG1  sing N N 246 
THR CG2 HG21 sing N N 247 
THR CG2 HG22 sing N N 248 
THR CG2 HG23 sing N N 249 
THR OXT HXT  sing N N 250 
VAL N   CA   sing N N 251 
VAL N   H    sing N N 252 
VAL N   H2   sing N N 253 
VAL CA  C    sing N N 254 
VAL CA  CB   sing N N 255 
VAL CA  HA   sing N N 256 
VAL C   O    doub N N 257 
VAL C   OXT  sing N N 258 
VAL CB  CG1  sing N N 259 
VAL CB  CG2  sing N N 260 
VAL CB  HB   sing N N 261 
VAL CG1 HG11 sing N N 262 
VAL CG1 HG12 sing N N 263 
VAL CG1 HG13 sing N N 264 
VAL CG2 HG21 sing N N 265 
VAL CG2 HG22 sing N N 266 
VAL CG2 HG23 sing N N 267 
VAL OXT HXT  sing N N 268 
# 
loop_
_pdbx_nmr_spectrometer.spectrometer_id 
_pdbx_nmr_spectrometer.model 
_pdbx_nmr_spectrometer.manufacturer 
_pdbx_nmr_spectrometer.field_strength 
1 DMX-500 Bruker 500 
2 DMX-600 Bruker 600 
# 
_atom_sites.entry_id                    1FOY 
_atom_sites.fract_transf_matrix[1][1]   1.000000 
_atom_sites.fract_transf_matrix[1][2]   0.000000 
_atom_sites.fract_transf_matrix[1][3]   0.000000 
_atom_sites.fract_transf_matrix[2][1]   0.000000 
_atom_sites.fract_transf_matrix[2][2]   1.000000 
_atom_sites.fract_transf_matrix[2][3]   0.000000 
_atom_sites.fract_transf_matrix[3][1]   0.000000 
_atom_sites.fract_transf_matrix[3][2]   0.000000 
_atom_sites.fract_transf_matrix[3][3]   1.000000 
_atom_sites.fract_transf_vector[1]      0.00000 
_atom_sites.fract_transf_vector[2]      0.00000 
_atom_sites.fract_transf_vector[3]      0.00000 
# 
loop_
_atom_type.symbol 
C 
H 
N 
O 
S 
# 
loop_
_atom_site.group_PDB 
_atom_site.id 
_atom_site.type_symbol 
_atom_site.label_atom_id 
_atom_site.label_alt_id 
_atom_site.label_comp_id 
_atom_site.label_asym_id 
_atom_site.label_entity_id 
_atom_site.label_seq_id 
_atom_site.pdbx_PDB_ins_code 
_atom_site.Cartn_x 
_atom_site.Cartn_y 
_atom_site.Cartn_z 
_atom_site.occupancy 
_atom_site.B_iso_or_equiv 
_atom_site.pdbx_formal_charge 
_atom_site.auth_seq_id 
_atom_site.auth_comp_id 
_atom_site.auth_asym_id 
_atom_site.auth_atom_id 
_atom_site.pdbx_PDB_model_num 
ATOM 1    N N    . MET A 1 1  ? 8.347   -11.680 11.998  1.00 12.98 ? 1  MET A N    1 
ATOM 2    C CA   . MET A 1 1  ? 7.334   -11.960 10.940  1.00 12.64 ? 1  MET A CA   1 
ATOM 3    C C    . MET A 1 1  ? 8.016   -12.634 9.748   1.00 11.83 ? 1  MET A C    1 
ATOM 4    O O    . MET A 1 1  ? 7.709   -12.357 8.605   1.00 11.83 ? 1  MET A O    1 
ATOM 5    C CB   . MET A 1 1  ? 6.695   -10.647 10.485  1.00 13.21 ? 1  MET A CB   1 
ATOM 6    C CG   . MET A 1 1  ? 5.176   -10.738 10.640  1.00 13.64 ? 1  MET A CG   1 
ATOM 7    S SD   . MET A 1 1  ? 4.587   -9.357  11.651  1.00 14.51 ? 1  MET A SD   1 
ATOM 8    C CE   . MET A 1 1  ? 2.832   -9.504  11.236  1.00 14.97 ? 1  MET A CE   1 
ATOM 9    H H1   . MET A 1 1  ? 9.297   -11.671 11.573  1.00 13.09 ? 1  MET A H1   1 
ATOM 10   H H2   . MET A 1 1  ? 8.150   -10.755 12.429  1.00 13.05 ? 1  MET A H2   1 
ATOM 11   H H3   . MET A 1 1  ? 8.299   -12.417 12.728  1.00 13.21 ? 1  MET A H3   1 
ATOM 12   H HA   . MET A 1 1  ? 6.572   -12.614 11.336  1.00 12.76 ? 1  MET A HA   1 
ATOM 13   H HB2  . MET A 1 1  ? 7.071   -9.834  11.091  1.00 13.64 ? 1  MET A HB2  1 
ATOM 14   H HB3  . MET A 1 1  ? 6.938   -10.466 9.450   1.00 13.05 ? 1  MET A HB3  1 
ATOM 15   H HG2  . MET A 1 1  ? 4.712   -10.695 9.666   1.00 13.60 ? 1  MET A HG2  1 
ATOM 16   H HG3  . MET A 1 1  ? 4.918   -11.670 11.121  1.00 13.66 ? 1  MET A HG3  1 
ATOM 17   H HE1  . MET A 1 1  ? 2.721   -10.125 10.359  1.00 15.27 ? 1  MET A HE1  1 
ATOM 18   H HE2  . MET A 1 1  ? 2.303   -9.949  12.069  1.00 15.16 ? 1  MET A HE2  1 
ATOM 19   H HE3  . MET A 1 1  ? 2.424   -8.527  11.036  1.00 14.92 ? 1  MET A HE3  1 
ATOM 20   N N    . THR A 1 2  ? 8.940   -13.519 10.003  1.00 11.31 ? 2  THR A N    1 
ATOM 21   C CA   . THR A 1 2  ? 9.639   -14.211 8.884   1.00 10.69 ? 2  THR A CA   1 
ATOM 22   C C    . THR A 1 2  ? 9.290   -15.700 8.905   1.00 9.66  ? 2  THR A C    1 
ATOM 23   O O    . THR A 1 2  ? 9.907   -16.502 8.233   1.00 9.48  ? 2  THR A O    1 
ATOM 24   C CB   . THR A 1 2  ? 11.152  -14.039 9.045   1.00 10.97 ? 2  THR A CB   1 
ATOM 25   O OG1  . THR A 1 2  ? 11.461  -13.841 10.417  1.00 11.18 ? 2  THR A OG1  1 
ATOM 26   C CG2  . THR A 1 2  ? 11.619  -12.829 8.234   1.00 11.69 ? 2  THR A CG2  1 
ATOM 27   H H    . THR A 1 2  ? 9.174   -13.730 10.931  1.00 11.46 ? 2  THR A H    1 
ATOM 28   H HA   . THR A 1 2  ? 9.327   -13.781 7.944   1.00 10.99 ? 2  THR A HA   1 
ATOM 29   H HB   . THR A 1 2  ? 11.656  -14.923 8.685   1.00 10.74 ? 2  THR A HB   1 
ATOM 30   H HG1  . THR A 1 2  ? 12.239  -13.280 10.468  1.00 11.25 ? 2  THR A HG1  1 
ATOM 31   H HG21 . THR A 1 2  ? 10.936  -12.658 7.415   1.00 11.99 ? 2  THR A HG21 1 
ATOM 32   H HG22 . THR A 1 2  ? 11.644  -11.957 8.870   1.00 11.93 ? 2  THR A HG22 1 
ATOM 33   H HG23 . THR A 1 2  ? 12.609  -13.017 7.843   1.00 11.87 ? 2  THR A HG23 1 
ATOM 34   N N    . PHE A 1 3  ? 8.305   -16.077 9.675   1.00 9.19  ? 3  PHE A N    1 
ATOM 35   C CA   . PHE A 1 3  ? 7.919   -17.514 9.739   1.00 8.38  ? 3  PHE A CA   1 
ATOM 36   C C    . PHE A 1 3  ? 6.538   -17.699 9.103   1.00 7.44  ? 3  PHE A C    1 
ATOM 37   O O    . PHE A 1 3  ? 5.522   -17.447 9.719   1.00 7.47  ? 3  PHE A O    1 
ATOM 38   C CB   . PHE A 1 3  ? 7.871   -17.964 11.200  1.00 8.74  ? 3  PHE A CB   1 
ATOM 39   C CG   . PHE A 1 3  ? 7.197   -16.902 12.034  1.00 9.28  ? 3  PHE A CG   1 
ATOM 40   C CD1  . PHE A 1 3  ? 7.954   -15.865 12.592  1.00 9.79  ? 3  PHE A CD1  1 
ATOM 41   C CD2  . PHE A 1 3  ? 5.814   -16.953 12.249  1.00 9.54  ? 3  PHE A CD2  1 
ATOM 42   C CE1  . PHE A 1 3  ? 7.328   -14.879 13.365  1.00 10.49 ? 3  PHE A CE1  1 
ATOM 43   C CE2  . PHE A 1 3  ? 5.189   -15.967 13.022  1.00 10.27 ? 3  PHE A CE2  1 
ATOM 44   C CZ   . PHE A 1 3  ? 5.945   -14.930 13.580  1.00 10.72 ? 3  PHE A CZ   1 
ATOM 45   H H    . PHE A 1 3  ? 7.821   -15.414 10.210  1.00 9.52  ? 3  PHE A H    1 
ATOM 46   H HA   . PHE A 1 3  ? 8.644   -18.107 9.203   1.00 8.47  ? 3  PHE A HA   1 
ATOM 47   H HB2  . PHE A 1 3  ? 7.315   -18.887 11.275  1.00 9.09  ? 3  PHE A HB2  1 
ATOM 48   H HB3  . PHE A 1 3  ? 8.877   -18.120 11.562  1.00 8.55  ? 3  PHE A HB3  1 
ATOM 49   H HD1  . PHE A 1 3  ? 9.020   -15.825 12.427  1.00 9.81  ? 3  PHE A HD1  1 
ATOM 50   H HD2  . PHE A 1 3  ? 5.230   -17.753 11.818  1.00 9.36  ? 3  PHE A HD2  1 
ATOM 51   H HE1  . PHE A 1 3  ? 7.912   -14.079 13.796  1.00 11.02 ? 3  PHE A HE1  1 
ATOM 52   H HE2  . PHE A 1 3  ? 4.122   -16.008 13.188  1.00 10.65 ? 3  PHE A HE2  1 
ATOM 53   H HZ   . PHE A 1 3  ? 5.463   -14.169 14.176  1.00 11.39 ? 3  PHE A HZ   1 
ATOM 54   N N    . ILE A 1 4  ? 6.496   -18.138 7.875   1.00 6.88  ? 4  ILE A N    1 
ATOM 55   C CA   . ILE A 1 4  ? 5.181   -18.339 7.203   1.00 6.22  ? 4  ILE A CA   1 
ATOM 56   C C    . ILE A 1 4  ? 4.296   -17.113 7.436   1.00 5.10  ? 4  ILE A C    1 
ATOM 57   O O    . ILE A 1 4  ? 3.084   -17.206 7.461   1.00 5.09  ? 4  ILE A O    1 
ATOM 58   C CB   . ILE A 1 4  ? 4.497   -19.580 7.779   1.00 6.67  ? 4  ILE A CB   1 
ATOM 59   C CG1  . ILE A 1 4  ? 5.511   -20.722 7.873   1.00 7.21  ? 4  ILE A CG1  1 
ATOM 60   C CG2  . ILE A 1 4  ? 3.344   -19.998 6.866   1.00 7.17  ? 4  ILE A CG2  1 
ATOM 61   C CD1  . ILE A 1 4  ? 4.885   -21.901 8.622   1.00 7.84  ? 4  ILE A CD1  1 
ATOM 62   H H    . ILE A 1 4  ? 7.327   -18.335 7.396   1.00 7.12  ? 4  ILE A H    1 
ATOM 63   H HA   . ILE A 1 4  ? 5.336   -18.474 6.142   1.00 6.56  ? 4  ILE A HA   1 
ATOM 64   H HB   . ILE A 1 4  ? 4.113   -19.353 8.763   1.00 6.65  ? 4  ILE A HB   1 
ATOM 65   H HG12 . ILE A 1 4  ? 5.794   -21.034 6.879   1.00 7.51  ? 4  ILE A HG12 1 
ATOM 66   H HG13 . ILE A 1 4  ? 6.386   -20.384 8.409   1.00 7.19  ? 4  ILE A HG13 1 
ATOM 67   H HG21 . ILE A 1 4  ? 2.744   -19.133 6.623   1.00 7.44  ? 4  ILE A HG21 1 
ATOM 68   H HG22 . ILE A 1 4  ? 3.741   -20.427 5.958   1.00 7.51  ? 4  ILE A HG22 1 
ATOM 69   H HG23 . ILE A 1 4  ? 2.731   -20.729 7.373   1.00 7.23  ? 4  ILE A HG23 1 
ATOM 70   H HD11 . ILE A 1 4  ? 3.818   -21.910 8.449   1.00 8.03  ? 4  ILE A HD11 1 
ATOM 71   H HD12 . ILE A 1 4  ? 5.315   -22.824 8.264   1.00 8.17  ? 4  ILE A HD12 1 
ATOM 72   H HD13 . ILE A 1 4  ? 5.078   -21.800 9.679   1.00 8.06  ? 4  ILE A HD13 1 
ATOM 73   N N    . THR A 1 5  ? 4.891   -15.964 7.606   1.00 4.51  ? 5  THR A N    1 
ATOM 74   C CA   . THR A 1 5  ? 4.082   -14.734 7.838   1.00 3.70  ? 5  THR A CA   1 
ATOM 75   C C    . THR A 1 5  ? 4.423   -13.692 6.772   1.00 2.85  ? 5  THR A C    1 
ATOM 76   O O    . THR A 1 5  ? 4.293   -12.503 6.988   1.00 3.13  ? 5  THR A O    1 
ATOM 77   C CB   . THR A 1 5  ? 4.399   -14.168 9.224   1.00 4.16  ? 5  THR A CB   1 
ATOM 78   O OG1  . THR A 1 5  ? 4.595   -15.239 10.138  1.00 4.93  ? 5  THR A OG1  1 
ATOM 79   C CG2  . THR A 1 5  ? 3.237   -13.296 9.701   1.00 4.77  ? 5  THR A CG2  1 
ATOM 80   H H    . THR A 1 5  ? 5.868   -15.910 7.582   1.00 4.89  ? 5  THR A H    1 
ATOM 81   H HA   . THR A 1 5  ? 3.031   -14.978 7.781   1.00 3.85  ? 5  THR A HA   1 
ATOM 82   H HB   . THR A 1 5  ? 5.296   -13.570 9.173   1.00 4.00  ? 5  THR A HB   1 
ATOM 83   H HG1  . THR A 1 5  ? 5.514   -15.227 10.416  1.00 5.32  ? 5  THR A HG1  1 
ATOM 84   H HG21 . THR A 1 5  ? 2.403   -13.406 9.024   1.00 5.05  ? 5  THR A HG21 1 
ATOM 85   H HG22 . THR A 1 5  ? 2.939   -13.602 10.693  1.00 5.07  ? 5  THR A HG22 1 
ATOM 86   H HG23 . THR A 1 5  ? 3.549   -12.262 9.722   1.00 5.06  ? 5  THR A HG23 1 
ATOM 87   N N    . LYS A 1 6  ? 4.856   -14.126 5.621   1.00 2.24  ? 6  LYS A N    1 
ATOM 88   C CA   . LYS A 1 6  ? 5.205   -13.159 4.542   1.00 1.62  ? 6  LYS A CA   1 
ATOM 89   C C    . LYS A 1 6  ? 4.049   -12.174 4.348   1.00 1.44  ? 6  LYS A C    1 
ATOM 90   O O    . LYS A 1 6  ? 2.898   -12.559 4.280   1.00 2.17  ? 6  LYS A O    1 
ATOM 91   C CB   . LYS A 1 6  ? 5.453   -13.918 3.237   1.00 2.11  ? 6  LYS A CB   1 
ATOM 92   C CG   . LYS A 1 6  ? 6.837   -14.569 3.280   1.00 2.53  ? 6  LYS A CG   1 
ATOM 93   C CD   . LYS A 1 6  ? 6.686   -16.091 3.293   1.00 3.18  ? 6  LYS A CD   1 
ATOM 94   C CE   . LYS A 1 6  ? 7.231   -16.671 1.986   1.00 3.92  ? 6  LYS A CE   1 
ATOM 95   N NZ   . LYS A 1 6  ? 7.700   -18.065 2.220   1.00 4.53  ? 6  LYS A NZ   1 
ATOM 96   H H    . LYS A 1 6  ? 4.954   -15.089 5.466   1.00 2.61  ? 6  LYS A H    1 
ATOM 97   H HA   . LYS A 1 6  ? 6.096   -12.617 4.818   1.00 1.49  ? 6  LYS A HA   1 
ATOM 98   H HB2  . LYS A 1 6  ? 4.698   -14.682 3.115   1.00 2.54  ? 6  LYS A HB2  1 
ATOM 99   H HB3  . LYS A 1 6  ? 5.407   -13.231 2.406   1.00 2.46  ? 6  LYS A HB3  1 
ATOM 100  H HG2  . LYS A 1 6  ? 7.402   -14.270 2.409   1.00 2.81  ? 6  LYS A HG2  1 
ATOM 101  H HG3  . LYS A 1 6  ? 7.356   -14.253 4.172   1.00 2.87  ? 6  LYS A HG3  1 
ATOM 102  H HD2  . LYS A 1 6  ? 7.238   -16.500 4.127   1.00 3.51  ? 6  LYS A HD2  1 
ATOM 103  H HD3  . LYS A 1 6  ? 5.641   -16.348 3.391   1.00 3.41  ? 6  LYS A HD3  1 
ATOM 104  H HE2  . LYS A 1 6  ? 6.450   -16.673 1.241   1.00 4.02  ? 6  LYS A HE2  1 
ATOM 105  H HE3  . LYS A 1 6  ? 8.057   -16.065 1.641   1.00 4.44  ? 6  LYS A HE3  1 
ATOM 106  H HZ1  . LYS A 1 6  ? 7.347   -18.403 3.137   1.00 4.86  ? 6  LYS A HZ1  1 
ATOM 107  H HZ2  . LYS A 1 6  ? 7.343   -18.682 1.461   1.00 4.73  ? 6  LYS A HZ2  1 
ATOM 108  H HZ3  . LYS A 1 6  ? 8.740   -18.086 2.222   1.00 4.83  ? 6  LYS A HZ3  1 
ATOM 109  N N    . THR A 1 7  ? 4.346   -10.908 4.256   1.00 0.97  ? 7  THR A N    1 
ATOM 110  C CA   . THR A 1 7  ? 3.264   -9.901  4.066   1.00 0.75  ? 7  THR A CA   1 
ATOM 111  C C    . THR A 1 7  ? 2.799   -9.933  2.600   1.00 0.66  ? 7  THR A C    1 
ATOM 112  O O    . THR A 1 7  ? 3.410   -10.578 1.772   1.00 0.72  ? 7  THR A O    1 
ATOM 113  C CB   . THR A 1 7  ? 3.801   -8.505  4.458   1.00 0.81  ? 7  THR A CB   1 
ATOM 114  O OG1  . THR A 1 7  ? 2.837   -7.837  5.258   1.00 1.41  ? 7  THR A OG1  1 
ATOM 115  C CG2  . THR A 1 7  ? 4.112   -7.657  3.217   1.00 1.76  ? 7  THR A CG2  1 
ATOM 116  H H    . THR A 1 7  ? 5.280   -10.618 4.312   1.00 1.35  ? 7  THR A H    1 
ATOM 117  H HA   . THR A 1 7  ? 2.431   -10.154 4.706   1.00 0.80  ? 7  THR A HA   1 
ATOM 118  H HB   . THR A 1 7  ? 4.705   -8.623  5.031   1.00 0.84  ? 7  THR A HB   1 
ATOM 119  H HG1  . THR A 1 7  ? 3.190   -6.976  5.492   1.00 1.80  ? 7  THR A HG1  1 
ATOM 120  H HG21 . THR A 1 7  ? 4.440   -8.299  2.413   1.00 2.08  ? 7  THR A HG21 1 
ATOM 121  H HG22 . THR A 1 7  ? 3.225   -7.123  2.912   1.00 2.33  ? 7  THR A HG22 1 
ATOM 122  H HG23 . THR A 1 7  ? 4.894   -6.953  3.453   1.00 2.33  ? 7  THR A HG23 1 
ATOM 123  N N    . PRO A 1 8  ? 1.729   -9.230  2.328   1.00 0.57  ? 8  PRO A N    1 
ATOM 124  C CA   . PRO A 1 8  ? 1.152   -9.149  0.977   1.00 0.52  ? 8  PRO A CA   1 
ATOM 125  C C    . PRO A 1 8  ? 1.932   -8.129  0.139   1.00 0.51  ? 8  PRO A C    1 
ATOM 126  O O    . PRO A 1 8  ? 2.817   -7.468  0.644   1.00 0.57  ? 8  PRO A O    1 
ATOM 127  C CB   . PRO A 1 8  ? -0.281  -8.673  1.231   1.00 0.53  ? 8  PRO A CB   1 
ATOM 128  C CG   . PRO A 1 8  ? -0.275  -7.977  2.613   1.00 0.57  ? 8  PRO A CG   1 
ATOM 129  C CD   . PRO A 1 8  ? 0.994   -8.452  3.345   1.00 0.59  ? 8  PRO A CD   1 
ATOM 130  H HA   . PRO A 1 8  ? 1.146   -10.115 0.502   1.00 0.58  ? 8  PRO A HA   1 
ATOM 131  H HB2  . PRO A 1 8  ? -0.580  -7.972  0.463   1.00 0.51  ? 8  PRO A HB2  1 
ATOM 132  H HB3  . PRO A 1 8  ? -0.956  -9.515  1.251   1.00 0.60  ? 8  PRO A HB3  1 
ATOM 133  H HG2  . PRO A 1 8  ? -0.252  -6.902  2.485   1.00 0.58  ? 8  PRO A HG2  1 
ATOM 134  H HG3  . PRO A 1 8  ? -1.148  -8.264  3.177   1.00 0.67  ? 8  PRO A HG3  1 
ATOM 135  H HD2  . PRO A 1 8  ? 1.579   -7.601  3.665   1.00 0.61  ? 8  PRO A HD2  1 
ATOM 136  H HD3  . PRO A 1 8  ? 0.740   -9.079  4.185   1.00 0.67  ? 8  PRO A HD3  1 
ATOM 137  N N    . PRO A 1 9  ? 1.577   -8.027  -1.115  1.00 0.53  ? 9  PRO A N    1 
ATOM 138  C CA   . PRO A 1 9  ? 2.229   -7.088  -2.043  1.00 0.61  ? 9  PRO A CA   1 
ATOM 139  C C    . PRO A 1 9  ? 1.772   -5.654  -1.761  1.00 0.58  ? 9  PRO A C    1 
ATOM 140  O O    . PRO A 1 9  ? 0.684   -5.423  -1.272  1.00 0.72  ? 9  PRO A O    1 
ATOM 141  C CB   . PRO A 1 9  ? 1.771   -7.566  -3.424  1.00 0.68  ? 9  PRO A CB   1 
ATOM 142  C CG   . PRO A 1 9  ? 0.474   -8.376  -3.196  1.00 0.62  ? 9  PRO A CG   1 
ATOM 143  C CD   . PRO A 1 9  ? 0.497   -8.831  -1.724  1.00 0.55  ? 9  PRO A CD   1 
ATOM 144  H HA   . PRO A 1 9  ? 3.302   -7.165  -1.967  1.00 0.70  ? 9  PRO A HA   1 
ATOM 145  H HB2  . PRO A 1 9  ? 1.575   -6.716  -4.063  1.00 0.72  ? 9  PRO A HB2  1 
ATOM 146  H HB3  . PRO A 1 9  ? 2.523   -8.200  -3.868  1.00 0.77  ? 9  PRO A HB3  1 
ATOM 147  H HG2  . PRO A 1 9  ? -0.388  -7.753  -3.384  1.00 0.60  ? 9  PRO A HG2  1 
ATOM 148  H HG3  . PRO A 1 9  ? 0.457   -9.239  -3.843  1.00 0.70  ? 9  PRO A HG3  1 
ATOM 149  H HD2  . PRO A 1 9  ? -0.452  -8.621  -1.251  1.00 0.52  ? 9  PRO A HD2  1 
ATOM 150  H HD3  . PRO A 1 9  ? 0.731   -9.881  -1.655  1.00 0.61  ? 9  PRO A HD3  1 
ATOM 151  N N    . ALA A 1 10 ? 2.605   -4.692  -2.055  1.00 0.70  ? 10 ALA A N    1 
ATOM 152  C CA   . ALA A 1 10 ? 2.240   -3.270  -1.795  1.00 0.72  ? 10 ALA A CA   1 
ATOM 153  C C    . ALA A 1 10 ? 0.778   -3.022  -2.171  1.00 0.52  ? 10 ALA A C    1 
ATOM 154  O O    . ALA A 1 10 ? -0.059  -2.792  -1.322  1.00 0.53  ? 10 ALA A O    1 
ATOM 155  C CB   . ALA A 1 10 ? 3.138   -2.356  -2.630  1.00 0.92  ? 10 ALA A CB   1 
ATOM 156  H H    . ALA A 1 10 ? 3.480   -4.907  -2.439  1.00 0.91  ? 10 ALA A H    1 
ATOM 157  H HA   . ALA A 1 10 ? 2.383   -3.049  -0.748  1.00 0.79  ? 10 ALA A HA   1 
ATOM 158  H HB1  . ALA A 1 10 ? 3.172   -2.715  -3.648  1.00 1.30  ? 10 ALA A HB1  1 
ATOM 159  H HB2  . ALA A 1 10 ? 2.743   -1.351  -2.616  1.00 1.57  ? 10 ALA A HB2  1 
ATOM 160  H HB3  . ALA A 1 10 ? 4.137   -2.355  -2.216  1.00 1.35  ? 10 ALA A HB3  1 
ATOM 161  N N    . ALA A 1 11 ? 0.465   -3.055  -3.436  1.00 0.46  ? 11 ALA A N    1 
ATOM 162  C CA   . ALA A 1 11 ? -0.941  -2.809  -3.864  1.00 0.38  ? 11 ALA A CA   1 
ATOM 163  C C    . ALA A 1 11 ? -1.908  -3.554  -2.941  1.00 0.35  ? 11 ALA A C    1 
ATOM 164  O O    . ALA A 1 11 ? -2.620  -2.953  -2.161  1.00 0.47  ? 11 ALA A O    1 
ATOM 165  C CB   . ALA A 1 11 ? -1.130  -3.297  -5.302  1.00 0.52  ? 11 ALA A CB   1 
ATOM 166  H H    . ALA A 1 11 ? 1.158   -3.234  -4.106  1.00 0.56  ? 11 ALA A H    1 
ATOM 167  H HA   . ALA A 1 11 ? -1.147  -1.749  -3.816  1.00 0.39  ? 11 ALA A HA   1 
ATOM 168  H HB1  . ALA A 1 11 ? -0.165  -3.498  -5.743  1.00 1.23  ? 11 ALA A HB1  1 
ATOM 169  H HB2  . ALA A 1 11 ? -1.722  -4.200  -5.301  1.00 1.03  ? 11 ALA A HB2  1 
ATOM 170  H HB3  . ALA A 1 11 ? -1.636  -2.535  -5.877  1.00 1.16  ? 11 ALA A HB3  1 
ATOM 171  N N    . VAL A 1 12 ? -1.944  -4.857  -3.027  1.00 0.38  ? 12 VAL A N    1 
ATOM 172  C CA   . VAL A 1 12 ? -2.873  -5.638  -2.158  1.00 0.41  ? 12 VAL A CA   1 
ATOM 173  C C    . VAL A 1 12 ? -2.849  -5.072  -0.737  1.00 0.39  ? 12 VAL A C    1 
ATOM 174  O O    . VAL A 1 12 ? -3.851  -4.613  -0.227  1.00 0.51  ? 12 VAL A O    1 
ATOM 175  C CB   . VAL A 1 12 ? -2.433  -7.101  -2.130  1.00 0.49  ? 12 VAL A CB   1 
ATOM 176  C CG1  . VAL A 1 12 ? -3.202  -7.845  -1.037  1.00 0.63  ? 12 VAL A CG1  1 
ATOM 177  C CG2  . VAL A 1 12 ? -2.725  -7.747  -3.486  1.00 0.58  ? 12 VAL A CG2  1 
ATOM 178  H H    . VAL A 1 12 ? -1.365  -5.321  -3.667  1.00 0.49  ? 12 VAL A H    1 
ATOM 179  H HA   . VAL A 1 12 ? -3.875  -5.573  -2.554  1.00 0.48  ? 12 VAL A HA   1 
ATOM 180  H HB   . VAL A 1 12 ? -1.374  -7.153  -1.923  1.00 0.48  ? 12 VAL A HB   1 
ATOM 181  H HG11 . VAL A 1 12 ? -4.263  -7.737  -1.206  1.00 1.09  ? 12 VAL A HG11 1 
ATOM 182  H HG12 . VAL A 1 12 ? -2.939  -8.892  -1.060  1.00 1.26  ? 12 VAL A HG12 1 
ATOM 183  H HG13 . VAL A 1 12 ? -2.947  -7.431  -0.071  1.00 1.21  ? 12 VAL A HG13 1 
ATOM 184  H HG21 . VAL A 1 12 ? -2.443  -7.067  -4.276  1.00 1.17  ? 12 VAL A HG21 1 
ATOM 185  H HG22 . VAL A 1 12 ? -2.159  -8.662  -3.579  1.00 1.17  ? 12 VAL A HG22 1 
ATOM 186  H HG23 . VAL A 1 12 ? -3.780  -7.968  -3.560  1.00 1.20  ? 12 VAL A HG23 1 
ATOM 187  N N    . LEU A 1 13 ? -1.717  -5.102  -0.091  1.00 0.39  ? 13 LEU A N    1 
ATOM 188  C CA   . LEU A 1 13 ? -1.638  -4.566  1.297   1.00 0.44  ? 13 LEU A CA   1 
ATOM 189  C C    . LEU A 1 13 ? -2.207  -3.151  1.328   1.00 0.40  ? 13 LEU A C    1 
ATOM 190  O O    . LEU A 1 13 ? -2.916  -2.771  2.239   1.00 0.48  ? 13 LEU A O    1 
ATOM 191  C CB   . LEU A 1 13 ? -0.177  -4.537  1.748   1.00 0.53  ? 13 LEU A CB   1 
ATOM 192  C CG   . LEU A 1 13 ? -0.110  -4.403  3.269   1.00 0.74  ? 13 LEU A CG   1 
ATOM 193  C CD1  . LEU A 1 13 ? 1.188   -5.033  3.779   1.00 1.24  ? 13 LEU A CD1  1 
ATOM 194  C CD2  . LEU A 1 13 ? -0.141  -2.922  3.650   1.00 1.06  ? 13 LEU A CD2  1 
ATOM 195  H H    . LEU A 1 13 ? -0.919  -5.478  -0.518  1.00 0.47  ? 13 LEU A H    1 
ATOM 196  H HA   . LEU A 1 13 ? -2.207  -5.194  1.957   1.00 0.53  ? 13 LEU A HA   1 
ATOM 197  H HB2  . LEU A 1 13 ? 0.309   -5.451  1.444   1.00 0.72  ? 13 LEU A HB2  1 
ATOM 198  H HB3  . LEU A 1 13 ? 0.320   -3.693  1.294   1.00 0.65  ? 13 LEU A HB3  1 
ATOM 199  H HG   . LEU A 1 13 ? -0.955  -4.910  3.714   1.00 1.38  ? 13 LEU A HG   1 
ATOM 200  H HD11 . LEU A 1 13 ? 1.559   -5.735  3.046   1.00 1.78  ? 13 LEU A HD11 1 
ATOM 201  H HD12 . LEU A 1 13 ? 1.924   -4.258  3.940   1.00 1.69  ? 13 LEU A HD12 1 
ATOM 202  H HD13 . LEU A 1 13 ? 0.999   -5.548  4.708   1.00 1.72  ? 13 LEU A HD13 1 
ATOM 203  H HD21 . LEU A 1 13 ? 0.058   -2.321  2.775   1.00 1.57  ? 13 LEU A HD21 1 
ATOM 204  H HD22 . LEU A 1 13 ? -1.114  -2.671  4.045   1.00 1.57  ? 13 LEU A HD22 1 
ATOM 205  H HD23 . LEU A 1 13 ? 0.612   -2.728  4.399   1.00 1.66  ? 13 LEU A HD23 1 
ATOM 206  N N    . LEU A 1 14 ? -1.902  -2.372  0.335   1.00 0.40  ? 14 LEU A N    1 
ATOM 207  C CA   . LEU A 1 14 ? -2.419  -0.977  0.289   1.00 0.47  ? 14 LEU A CA   1 
ATOM 208  C C    . LEU A 1 14 ? -3.929  -1.006  0.048   1.00 0.57  ? 14 LEU A C    1 
ATOM 209  O O    . LEU A 1 14 ? -4.706  -0.574  0.876   1.00 0.64  ? 14 LEU A O    1 
ATOM 210  C CB   . LEU A 1 14 ? -1.730  -0.215  -0.845  1.00 0.63  ? 14 LEU A CB   1 
ATOM 211  C CG   . LEU A 1 14 ? -0.226  -0.157  -0.577  1.00 0.79  ? 14 LEU A CG   1 
ATOM 212  C CD1  . LEU A 1 14 ? 0.522   0.033   -1.898  1.00 1.40  ? 14 LEU A CD1  1 
ATOM 213  C CD2  . LEU A 1 14 ? 0.079   1.020   0.354   1.00 1.32  ? 14 LEU A CD2  1 
ATOM 214  H H    . LEU A 1 14 ? -1.332  -2.709  -0.383  1.00 0.46  ? 14 LEU A H    1 
ATOM 215  H HA   . LEU A 1 14 ? -2.214  -0.486  1.230   1.00 0.46  ? 14 LEU A HA   1 
ATOM 216  H HB2  . LEU A 1 14 ? -1.912  -0.724  -1.781  1.00 0.73  ? 14 LEU A HB2  1 
ATOM 217  H HB3  . LEU A 1 14 ? -2.125  0.788   -0.897  1.00 0.79  ? 14 LEU A HB3  1 
ATOM 218  H HG   . LEU A 1 14 ? 0.093   -1.078  -0.112  1.00 1.57  ? 14 LEU A HG   1 
ATOM 219  H HD11 . LEU A 1 14 ? 0.185   -0.705  -2.611  1.00 2.00  ? 14 LEU A HD11 1 
ATOM 220  H HD12 . LEU A 1 14 ? 0.326   1.022   -2.284  1.00 1.89  ? 14 LEU A HD12 1 
ATOM 221  H HD13 . LEU A 1 14 ? 1.582   -0.086  -1.731  1.00 1.95  ? 14 LEU A HD13 1 
ATOM 222  H HD21 . LEU A 1 14 ? -0.635  1.811   0.180   1.00 1.78  ? 14 LEU A HD21 1 
ATOM 223  H HD22 . LEU A 1 14 ? 0.012   0.693   1.381   1.00 1.91  ? 14 LEU A HD22 1 
ATOM 224  H HD23 . LEU A 1 14 ? 1.076   1.385   0.157   1.00 1.88  ? 14 LEU A HD23 1 
ATOM 225  N N    . LYS A 1 15 ? -4.351  -1.518  -1.076  1.00 0.70  ? 15 LYS A N    1 
ATOM 226  C CA   . LYS A 1 15 ? -5.812  -1.578  -1.358  1.00 0.91  ? 15 LYS A CA   1 
ATOM 227  C C    . LYS A 1 15 ? -6.504  -2.329  -0.221  1.00 0.94  ? 15 LYS A C    1 
ATOM 228  O O    . LYS A 1 15 ? -7.649  -2.086  0.099   1.00 1.13  ? 15 LYS A O    1 
ATOM 229  C CB   . LYS A 1 15 ? -6.049  -2.315  -2.678  1.00 1.05  ? 15 LYS A CB   1 
ATOM 230  C CG   . LYS A 1 15 ? -7.552  -2.450  -2.925  1.00 1.30  ? 15 LYS A CG   1 
ATOM 231  C CD   . LYS A 1 15 ? -7.994  -3.883  -2.620  1.00 1.48  ? 15 LYS A CD   1 
ATOM 232  C CE   . LYS A 1 15 ? -8.857  -4.408  -3.768  1.00 1.66  ? 15 LYS A CE   1 
ATOM 233  N NZ   . LYS A 1 15 ? -9.735  -5.504  -3.270  1.00 2.19  ? 15 LYS A NZ   1 
ATOM 234  H H    . LYS A 1 15 ? -3.710  -1.865  -1.729  1.00 0.70  ? 15 LYS A H    1 
ATOM 235  H HA   . LYS A 1 15 ? -6.210  -0.577  -1.425  1.00 1.02  ? 15 LYS A HA   1 
ATOM 236  H HB2  . LYS A 1 15 ? -5.598  -1.757  -3.487  1.00 1.21  ? 15 LYS A HB2  1 
ATOM 237  H HB3  . LYS A 1 15 ? -5.605  -3.298  -2.627  1.00 1.18  ? 15 LYS A HB3  1 
ATOM 238  H HG2  . LYS A 1 15 ? -8.086  -1.763  -2.284  1.00 1.84  ? 15 LYS A HG2  1 
ATOM 239  H HG3  . LYS A 1 15 ? -7.769  -2.221  -3.958  1.00 1.60  ? 15 LYS A HG3  1 
ATOM 240  H HD2  . LYS A 1 15 ? -7.122  -4.511  -2.505  1.00 1.83  ? 15 LYS A HD2  1 
ATOM 241  H HD3  . LYS A 1 15 ? -8.569  -3.895  -1.706  1.00 2.20  ? 15 LYS A HD3  1 
ATOM 242  H HE2  . LYS A 1 15 ? -9.467  -3.607  -4.157  1.00 2.16  ? 15 LYS A HE2  1 
ATOM 243  H HE3  . LYS A 1 15 ? -8.218  -4.787  -4.553  1.00 2.04  ? 15 LYS A HE3  1 
ATOM 244  H HZ1  . LYS A 1 15 ? -9.156  -6.221  -2.788  1.00 2.61  ? 15 LYS A HZ1  1 
ATOM 245  H HZ2  . LYS A 1 15 ? -10.431 -5.113  -2.602  1.00 2.62  ? 15 LYS A HZ2  1 
ATOM 246  H HZ3  . LYS A 1 15 ? -10.231 -5.943  -4.070  1.00 2.54  ? 15 LYS A HZ3  1 
ATOM 247  N N    . LYS A 1 16 ? -5.813  -3.244  0.395   1.00 0.85  ? 16 LYS A N    1 
ATOM 248  C CA   . LYS A 1 16 ? -6.423  -4.004  1.517   1.00 1.02  ? 16 LYS A CA   1 
ATOM 249  C C    . LYS A 1 16 ? -6.532  -3.105  2.742   1.00 0.97  ? 16 LYS A C    1 
ATOM 250  O O    . LYS A 1 16 ? -7.596  -2.646  3.108   1.00 1.18  ? 16 LYS A O    1 
ATOM 251  C CB   . LYS A 1 16 ? -5.553  -5.219  1.847   1.00 1.08  ? 16 LYS A CB   1 
ATOM 252  C CG   . LYS A 1 16 ? -6.179  -5.996  3.006   1.00 1.65  ? 16 LYS A CG   1 
ATOM 253  C CD   . LYS A 1 16 ? -6.077  -7.498  2.728   1.00 1.98  ? 16 LYS A CD   1 
ATOM 254  C CE   . LYS A 1 16 ? -6.550  -8.278  3.956   1.00 2.63  ? 16 LYS A CE   1 
ATOM 255  N NZ   . LYS A 1 16 ? -6.224  -9.722  3.782   1.00 3.19  ? 16 LYS A NZ   1 
ATOM 256  H H    . LYS A 1 16 ? -4.889  -3.426  0.125   1.00 0.75  ? 16 LYS A H    1 
ATOM 257  H HA   . LYS A 1 16 ? -7.402  -4.331  1.235   1.00 1.21  ? 16 LYS A HA   1 
ATOM 258  H HB2  . LYS A 1 16 ? -5.483  -5.858  0.978   1.00 1.13  ? 16 LYS A HB2  1 
ATOM 259  H HB3  . LYS A 1 16 ? -4.565  -4.887  2.131   1.00 1.21  ? 16 LYS A HB3  1 
ATOM 260  H HG2  . LYS A 1 16 ? -5.654  -5.762  3.921   1.00 2.16  ? 16 LYS A HG2  1 
ATOM 261  H HG3  . LYS A 1 16 ? -7.217  -5.721  3.106   1.00 2.19  ? 16 LYS A HG3  1 
ATOM 262  H HD2  . LYS A 1 16 ? -6.697  -7.749  1.880   1.00 2.34  ? 16 LYS A HD2  1 
ATOM 263  H HD3  . LYS A 1 16 ? -5.051  -7.756  2.513   1.00 2.35  ? 16 LYS A HD3  1 
ATOM 264  H HE2  . LYS A 1 16 ? -6.052  -7.900  4.836   1.00 3.08  ? 16 LYS A HE2  1 
ATOM 265  H HE3  . LYS A 1 16 ? -7.617  -8.160  4.068   1.00 2.95  ? 16 LYS A HE3  1 
ATOM 266  H HZ1  . LYS A 1 16 ? -5.252  -9.818  3.428   1.00 3.54  ? 16 LYS A HZ1  1 
ATOM 267  H HZ2  . LYS A 1 16 ? -6.311  -10.209 4.698   1.00 3.45  ? 16 LYS A HZ2  1 
ATOM 268  H HZ3  . LYS A 1 16 ? -6.883  -10.146 3.099   1.00 3.55  ? 16 LYS A HZ3  1 
ATOM 269  N N    . ALA A 1 17 ? -5.430  -2.861  3.378   1.00 0.78  ? 17 ALA A N    1 
ATOM 270  C CA   . ALA A 1 17 ? -5.432  -2.000  4.596   1.00 0.82  ? 17 ALA A CA   1 
ATOM 271  C C    . ALA A 1 17 ? -5.882  -0.578  4.240   1.00 0.76  ? 17 ALA A C    1 
ATOM 272  O O    . ALA A 1 17 ? -6.850  -0.075  4.772   1.00 0.95  ? 17 ALA A O    1 
ATOM 273  C CB   . ALA A 1 17 ? -4.020  -1.952  5.185   1.00 0.85  ? 17 ALA A CB   1 
ATOM 274  H H    . ALA A 1 17 ? -4.594  -3.256  3.054   1.00 0.71  ? 17 ALA A H    1 
ATOM 275  H HA   . ALA A 1 17 ? -6.108  -2.416  5.327   1.00 1.04  ? 17 ALA A HA   1 
ATOM 276  H HB1  . ALA A 1 17 ? -3.324  -2.391  4.486   1.00 1.19  ? 17 ALA A HB1  1 
ATOM 277  H HB2  . ALA A 1 17 ? -3.743  -0.925  5.372   1.00 1.20  ? 17 ALA A HB2  1 
ATOM 278  H HB3  . ALA A 1 17 ? -3.997  -2.505  6.111   1.00 1.54  ? 17 ALA A HB3  1 
ATOM 279  N N    . ALA A 1 18 ? -5.179  0.078   3.357   1.00 0.67  ? 18 ALA A N    1 
ATOM 280  C CA   . ALA A 1 18 ? -5.559  1.472   2.986   1.00 0.86  ? 18 ALA A CA   1 
ATOM 281  C C    . ALA A 1 18 ? -6.785  1.459   2.069   1.00 1.11  ? 18 ALA A C    1 
ATOM 282  O O    . ALA A 1 18 ? -7.619  2.340   2.125   1.00 1.51  ? 18 ALA A O    1 
ATOM 283  C CB   . ALA A 1 18 ? -4.393  2.140   2.258   1.00 1.00  ? 18 ALA A CB   1 
ATOM 284  H H    . ALA A 1 18 ? -4.393  -0.340  2.947   1.00 0.62  ? 18 ALA A H    1 
ATOM 285  H HA   . ALA A 1 18 ? -5.788  2.031   3.880   1.00 0.89  ? 18 ALA A HA   1 
ATOM 286  H HB1  . ALA A 1 18 ? -4.024  1.480   1.487   1.00 1.48  ? 18 ALA A HB1  1 
ATOM 287  H HB2  . ALA A 1 18 ? -4.730  3.064   1.811   1.00 1.37  ? 18 ALA A HB2  1 
ATOM 288  H HB3  . ALA A 1 18 ? -3.601  2.349   2.962   1.00 1.49  ? 18 ALA A HB3  1 
ATOM 289  N N    . GLY A 1 19 ? -6.903  0.473   1.223   1.00 0.97  ? 19 GLY A N    1 
ATOM 290  C CA   . GLY A 1 19 ? -8.077  0.419   0.307   1.00 1.29  ? 19 GLY A CA   1 
ATOM 291  C C    . GLY A 1 19 ? -9.246  -0.282  1.003   1.00 0.81  ? 19 GLY A C    1 
ATOM 292  O O    . GLY A 1 19 ? -10.169 -0.747  0.366   1.00 1.08  ? 19 GLY A O    1 
ATOM 293  H H    . GLY A 1 19 ? -6.220  -0.228  1.189   1.00 0.73  ? 19 GLY A H    1 
ATOM 294  H HA2  . GLY A 1 19 ? -8.369  1.424   0.039   1.00 1.72  ? 19 GLY A HA2  1 
ATOM 295  H HA3  . GLY A 1 19 ? -7.815  -0.127  -0.585  1.00 1.81  ? 19 GLY A HA3  1 
ATOM 296  N N    . ILE A 1 20 ? -9.213  -0.359  2.306   1.00 0.91  ? 20 ILE A N    1 
ATOM 297  C CA   . ILE A 1 20 ? -10.320 -1.024  3.048   1.00 1.59  ? 20 ILE A CA   1 
ATOM 298  C C    . ILE A 1 20 ? -10.709 -2.327  2.345   1.00 1.84  ? 20 ILE A C    1 
ATOM 299  O O    . ILE A 1 20 ? -10.028 -2.792  1.453   1.00 1.93  ? 20 ILE A O    1 
ATOM 300  C CB   . ILE A 1 20 ? -11.526 -0.081  3.116   1.00 1.88  ? 20 ILE A CB   1 
ATOM 301  C CG1  . ILE A 1 20 ? -12.210 -0.003  1.748   1.00 1.64  ? 20 ILE A CG1  1 
ATOM 302  C CG2  . ILE A 1 20 ? -11.051 1.316   3.518   1.00 2.29  ? 20 ILE A CG2  1 
ATOM 303  C CD1  . ILE A 1 20 ? -13.581 0.656   1.905   1.00 2.37  ? 20 ILE A CD1  1 
ATOM 304  H H    . ILE A 1 20 ? -8.459  0.024   2.799   1.00 1.00  ? 20 ILE A H    1 
ATOM 305  H HA   . ILE A 1 20 ? -9.991  -1.250  4.051   1.00 2.11  ? 20 ILE A HA   1 
ATOM 306  H HB   . ILE A 1 20 ? -12.227 -0.447  3.852   1.00 2.35  ? 20 ILE A HB   1 
ATOM 307  H HG12 . ILE A 1 20 ? -11.604 0.586   1.076   1.00 1.79  ? 20 ILE A HG12 1 
ATOM 308  H HG13 . ILE A 1 20 ? -12.334 -0.996  1.346   1.00 1.60  ? 20 ILE A HG13 1 
ATOM 309  H HG21 . ILE A 1 20 ? -10.114 1.533   3.026   1.00 2.66  ? 20 ILE A HG21 1 
ATOM 310  H HG22 . ILE A 1 20 ? -11.789 2.047   3.222   1.00 2.57  ? 20 ILE A HG22 1 
ATOM 311  H HG23 . ILE A 1 20 ? -10.913 1.356   4.588   1.00 2.60  ? 20 ILE A HG23 1 
ATOM 312  H HD11 . ILE A 1 20 ? -13.539 1.392   2.694   1.00 2.82  ? 20 ILE A HD11 1 
ATOM 313  H HD12 . ILE A 1 20 ? -13.857 1.138   0.978   1.00 2.79  ? 20 ILE A HD12 1 
ATOM 314  H HD13 . ILE A 1 20 ? -14.316 -0.095  2.151   1.00 2.69  ? 20 ILE A HD13 1 
ATOM 315  N N    . GLU A 1 21 ? -11.794 -2.926  2.750   1.00 2.34  ? 21 GLU A N    1 
ATOM 316  C CA   . GLU A 1 21 ? -12.224 -4.205  2.115   1.00 2.79  ? 21 GLU A CA   1 
ATOM 317  C C    . GLU A 1 21 ? -12.463 -3.989  0.618   1.00 2.40  ? 21 GLU A C    1 
ATOM 318  O O    . GLU A 1 21 ? -11.948 -4.713  -0.211  1.00 2.70  ? 21 GLU A O    1 
ATOM 319  C CB   . GLU A 1 21 ? -13.516 -4.695  2.774   1.00 3.57  ? 21 GLU A CB   1 
ATOM 320  C CG   . GLU A 1 21 ? -14.553 -3.570  2.775   1.00 3.75  ? 21 GLU A CG   1 
ATOM 321  C CD   . GLU A 1 21 ? -15.422 -3.678  4.029   1.00 4.81  ? 21 GLU A CD   1 
ATOM 322  O OE1  . GLU A 1 21 ? -14.919 -4.145  5.037   1.00 5.51  ? 21 GLU A OE1  1 
ATOM 323  O OE2  . GLU A 1 21 ? -16.577 -3.289  3.961   1.00 5.17  ? 21 GLU A OE2  1 
ATOM 324  H H    . GLU A 1 21 ? -12.323 -2.539  3.478   1.00 2.57  ? 21 GLU A H    1 
ATOM 325  H HA   . GLU A 1 21 ? -11.451 -4.947  2.249   1.00 3.20  ? 21 GLU A HA   1 
ATOM 326  H HB2  . GLU A 1 21 ? -13.903 -5.541  2.223   1.00 3.93  ? 21 GLU A HB2  1 
ATOM 327  H HB3  . GLU A 1 21 ? -13.311 -4.992  3.791   1.00 3.97  ? 21 GLU A HB3  1 
ATOM 328  H HG2  . GLU A 1 21 ? -14.048 -2.615  2.766   1.00 3.71  ? 21 GLU A HG2  1 
ATOM 329  H HG3  . GLU A 1 21 ? -15.178 -3.655  1.899   1.00 3.54  ? 21 GLU A HG3  1 
ATOM 330  N N    . SER A 1 22 ? -13.242 -3.003  0.264   1.00 2.19  ? 22 SER A N    1 
ATOM 331  C CA   . SER A 1 22 ? -13.514 -2.749  -1.180  1.00 2.38  ? 22 SER A CA   1 
ATOM 332  C C    . SER A 1 22 ? -14.737 -1.842  -1.314  1.00 2.08  ? 22 SER A C    1 
ATOM 333  O O    . SER A 1 22 ? -15.677 -2.148  -2.019  1.00 2.41  ? 22 SER A O    1 
ATOM 334  C CB   . SER A 1 22 ? -13.791 -4.072  -1.887  1.00 3.28  ? 22 SER A CB   1 
ATOM 335  O OG   . SER A 1 22 ? -12.584 -4.565  -2.454  1.00 3.96  ? 22 SER A OG   1 
ATOM 336  H H    . SER A 1 22 ? -13.650 -2.431  0.946   1.00 2.29  ? 22 SER A H    1 
ATOM 337  H HA   . SER A 1 22 ? -12.657 -2.271  -1.630  1.00 2.77  ? 22 SER A HA   1 
ATOM 338  H HB2  . SER A 1 22 ? -14.168 -4.787  -1.176  1.00 3.52  ? 22 SER A HB2  1 
ATOM 339  H HB3  . SER A 1 22 ? -14.529 -3.914  -2.662  1.00 3.59  ? 22 SER A HB3  1 
ATOM 340  H HG   . SER A 1 22 ? -12.483 -5.481  -2.183  1.00 4.17  ? 22 SER A HG   1 
ATOM 341  N N    . GLY A 1 23 ? -14.727 -0.730  -0.639  1.00 2.23  ? 23 GLY A N    1 
ATOM 342  C CA   . GLY A 1 23 ? -15.885 0.205   -0.716  1.00 2.75  ? 23 GLY A CA   1 
ATOM 343  C C    . GLY A 1 23 ? -16.356 0.327   -2.166  1.00 2.41  ? 23 GLY A C    1 
ATOM 344  O O    . GLY A 1 23 ? -17.508 0.606   -2.433  1.00 2.80  ? 23 GLY A O    1 
ATOM 345  H H    . GLY A 1 23 ? -13.957 -0.511  -0.079  1.00 2.48  ? 23 GLY A H    1 
ATOM 346  H HA2  . GLY A 1 23 ? -16.692 -0.173  -0.104  1.00 3.25  ? 23 GLY A HA2  1 
ATOM 347  H HA3  . GLY A 1 23 ? -15.586 1.178   -0.356  1.00 3.34  ? 23 GLY A HA3  1 
ATOM 348  N N    . SER A 1 24 ? -15.475 0.120   -3.107  1.00 2.05  ? 24 SER A N    1 
ATOM 349  C CA   . SER A 1 24 ? -15.879 0.226   -4.537  1.00 2.25  ? 24 SER A CA   1 
ATOM 350  C C    . SER A 1 24 ? -16.326 -1.139  -5.050  1.00 2.89  ? 24 SER A C    1 
ATOM 351  O O    . SER A 1 24 ? -17.503 -1.408  -5.181  1.00 3.58  ? 24 SER A O    1 
ATOM 352  C CB   . SER A 1 24 ? -14.696 0.712   -5.375  1.00 2.12  ? 24 SER A CB   1 
ATOM 353  O OG   . SER A 1 24 ? -13.617 1.053   -4.514  1.00 2.47  ? 24 SER A OG   1 
ATOM 354  H H    . SER A 1 24 ? -14.551 -0.103  -2.873  1.00 1.99  ? 24 SER A H    1 
ATOM 355  H HA   . SER A 1 24 ? -16.695 0.926   -4.632  1.00 2.68  ? 24 SER A HA   1 
ATOM 356  H HB2  . SER A 1 24 ? -14.381 -0.071  -6.046  1.00 2.34  ? 24 SER A HB2  1 
ATOM 357  H HB3  . SER A 1 24 ? -14.997 1.576   -5.954  1.00 2.33  ? 24 SER A HB3  1 
ATOM 358  H HG   . SER A 1 24 ? -12.877 0.478   -4.724  1.00 2.82  ? 24 SER A HG   1 
ATOM 359  N N    . GLY A 1 25 ? -15.396 -1.996  -5.362  1.00 3.22  ? 25 GLY A N    1 
ATOM 360  C CA   . GLY A 1 25 ? -15.771 -3.334  -5.891  1.00 4.32  ? 25 GLY A CA   1 
ATOM 361  C C    . GLY A 1 25 ? -15.908 -3.235  -7.410  1.00 4.85  ? 25 GLY A C    1 
ATOM 362  O O    . GLY A 1 25 ? -15.486 -4.106  -8.144  1.00 5.82  ? 25 GLY A O    1 
ATOM 363  H H    . GLY A 1 25 ? -14.452 -1.755  -5.263  1.00 3.07  ? 25 GLY A H    1 
ATOM 364  H HA2  . GLY A 1 25 ? -15.003 -4.051  -5.638  1.00 4.63  ? 25 GLY A HA2  1 
ATOM 365  H HA3  . GLY A 1 25 ? -16.714 -3.642  -5.466  1.00 4.63  ? 25 GLY A HA3  1 
ATOM 366  N N    . GLU A 1 26 ? -16.484 -2.163  -7.883  1.00 4.30  ? 26 GLU A N    1 
ATOM 367  C CA   . GLU A 1 26 ? -16.642 -1.974  -9.349  1.00 4.78  ? 26 GLU A CA   1 
ATOM 368  C C    . GLU A 1 26 ? -16.441 -0.490  -9.668  1.00 4.02  ? 26 GLU A C    1 
ATOM 369  O O    . GLU A 1 26 ? -17.336 0.162   -10.167 1.00 4.19  ? 26 GLU A O    1 
ATOM 370  C CB   . GLU A 1 26 ? -18.047 -2.407  -9.776  1.00 5.68  ? 26 GLU A CB   1 
ATOM 371  C CG   . GLU A 1 26 ? -18.289 -1.995  -11.229 1.00 6.49  ? 26 GLU A CG   1 
ATOM 372  C CD   . GLU A 1 26 ? -19.433 -0.981  -11.287 1.00 7.32  ? 26 GLU A CD   1 
ATOM 373  O OE1  . GLU A 1 26 ? -20.515 -1.310  -10.827 1.00 7.72  ? 26 GLU A OE1  1 
ATOM 374  O OE2  . GLU A 1 26 ? -19.210 0.107   -11.792 1.00 7.77  ? 26 GLU A OE2  1 
ATOM 375  H H    . GLU A 1 26 ? -16.805 -1.470  -7.268  1.00 3.64  ? 26 GLU A H    1 
ATOM 376  H HA   . GLU A 1 26 ? -15.903 -2.562  -9.873  1.00 5.22  ? 26 GLU A HA   1 
ATOM 377  H HB2  . GLU A 1 26 ? -18.134 -3.481  -9.685  1.00 6.02  ? 26 GLU A HB2  1 
ATOM 378  H HB3  . GLU A 1 26 ? -18.779 -1.931  -9.141  1.00 5.72  ? 26 GLU A HB3  1 
ATOM 379  H HG2  . GLU A 1 26 ? -17.391 -1.549  -11.631 1.00 6.67  ? 26 GLU A HG2  1 
ATOM 380  H HG3  . GLU A 1 26 ? -18.552 -2.865  -11.810 1.00 6.62  ? 26 GLU A HG3  1 
ATOM 381  N N    . PRO A 1 27 ? -15.267 -0.001  -9.352  1.00 3.51  ? 27 PRO A N    1 
ATOM 382  C CA   . PRO A 1 27 ? -14.910 1.411   -9.576  1.00 3.04  ? 27 PRO A CA   1 
ATOM 383  C C    . PRO A 1 27 ? -14.612 1.667   -11.055 1.00 3.43  ? 27 PRO A C    1 
ATOM 384  O O    . PRO A 1 27 ? -14.981 0.894   -11.917 1.00 4.12  ? 27 PRO A O    1 
ATOM 385  C CB   . PRO A 1 27 ? -13.652 1.603   -8.724  1.00 3.12  ? 27 PRO A CB   1 
ATOM 386  C CG   . PRO A 1 27 ? -13.044 0.196   -8.521  1.00 3.76  ? 27 PRO A CG   1 
ATOM 387  C CD   . PRO A 1 27 ? -14.186 -0.811  -8.752  1.00 3.86  ? 27 PRO A CD   1 
ATOM 388  H HA   . PRO A 1 27 ? -15.693 2.061   -9.223  1.00 2.85  ? 27 PRO A HA   1 
ATOM 389  H HB2  . PRO A 1 27 ? -12.950 2.244   -9.240  1.00 3.44  ? 27 PRO A HB2  1 
ATOM 390  H HB3  . PRO A 1 27 ? -13.912 2.028   -7.767  1.00 2.88  ? 27 PRO A HB3  1 
ATOM 391  H HG2  . PRO A 1 27 ? -12.249 0.031   -9.236  1.00 4.40  ? 27 PRO A HG2  1 
ATOM 392  H HG3  . PRO A 1 27 ? -12.667 0.095   -7.515  1.00 3.81  ? 27 PRO A HG3  1 
ATOM 393  H HD2  . PRO A 1 27 ? -13.869 -1.590  -9.433  1.00 4.62  ? 27 PRO A HD2  1 
ATOM 394  H HD3  . PRO A 1 27 ? -14.511 -1.233  -7.816  1.00 3.72  ? 27 PRO A HD3  1 
ATOM 395  N N    . ASN A 1 28 ? -13.947 2.749   -11.352 1.00 3.28  ? 28 ASN A N    1 
ATOM 396  C CA   . ASN A 1 28 ? -13.623 3.059   -12.773 1.00 3.70  ? 28 ASN A CA   1 
ATOM 397  C C    . ASN A 1 28 ? -12.513 4.111   -12.821 1.00 3.33  ? 28 ASN A C    1 
ATOM 398  O O    . ASN A 1 28 ? -11.461 3.892   -13.388 1.00 3.57  ? 28 ASN A O    1 
ATOM 399  C CB   . ASN A 1 28 ? -14.871 3.601   -13.475 1.00 4.22  ? 28 ASN A CB   1 
ATOM 400  C CG   . ASN A 1 28 ? -15.274 2.652   -14.604 1.00 4.76  ? 28 ASN A CG   1 
ATOM 401  O OD1  . ASN A 1 28 ? -14.979 1.474   -14.558 1.00 5.06  ? 28 ASN A OD1  1 
ATOM 402  N ND2  . ASN A 1 28 ? -15.941 3.118   -15.624 1.00 5.33  ? 28 ASN A ND2  1 
ATOM 403  H H    . ASN A 1 28 ? -13.661 3.357   -10.640 1.00 3.15  ? 28 ASN A H    1 
ATOM 404  H HA   . ASN A 1 28 ? -13.291 2.161   -13.271 1.00 4.07  ? 28 ASN A HA   1 
ATOM 405  H HB2  . ASN A 1 28 ? -15.679 3.679   -12.762 1.00 4.32  ? 28 ASN A HB2  1 
ATOM 406  H HB3  . ASN A 1 28 ? -14.658 4.576   -13.885 1.00 4.53  ? 28 ASN A HB3  1 
ATOM 407  H HD21 . ASN A 1 28 ? -16.179 4.067   -15.661 1.00 5.43  ? 28 ASN A HD21 1 
ATOM 408  H HD22 . ASN A 1 28 ? -16.204 2.518   -16.353 1.00 5.88  ? 28 ASN A HD22 1 
ATOM 409  N N    . ARG A 1 29 ? -12.738 5.251   -12.228 1.00 3.01  ? 29 ARG A N    1 
ATOM 410  C CA   . ARG A 1 29 ? -11.695 6.315   -12.237 1.00 2.92  ? 29 ARG A CA   1 
ATOM 411  C C    . ARG A 1 29 ? -10.550 5.909   -11.307 1.00 2.18  ? 29 ARG A C    1 
ATOM 412  O O    . ARG A 1 29 ? -9.492  6.506   -11.313 1.00 2.28  ? 29 ARG A O    1 
ATOM 413  C CB   . ARG A 1 29 ? -12.304 7.632   -11.754 1.00 3.61  ? 29 ARG A CB   1 
ATOM 414  C CG   . ARG A 1 29 ? -12.974 8.347   -12.929 1.00 4.39  ? 29 ARG A CG   1 
ATOM 415  C CD   . ARG A 1 29 ? -11.904 8.989   -13.813 1.00 5.12  ? 29 ARG A CD   1 
ATOM 416  N NE   . ARG A 1 29 ? -12.462 9.227   -15.175 1.00 5.64  ? 29 ARG A NE   1 
ATOM 417  C CZ   . ARG A 1 29 ? -12.531 10.440  -15.649 1.00 6.31  ? 29 ARG A CZ   1 
ATOM 418  N NH1  . ARG A 1 29 ? -12.852 11.431  -14.862 1.00 6.79  ? 29 ARG A NH1  1 
ATOM 419  N NH2  . ARG A 1 29 ? -12.281 10.664  -16.910 1.00 6.77  ? 29 ARG A NH2  1 
ATOM 420  H H    . ARG A 1 29 ? -13.593 5.408   -11.775 1.00 3.08  ? 29 ARG A H    1 
ATOM 421  H HA   . ARG A 1 29 ? -11.317 6.440   -13.242 1.00 3.30  ? 29 ARG A HA   1 
ATOM 422  H HB2  . ARG A 1 29 ? -13.039 7.429   -10.988 1.00 3.95  ? 29 ARG A HB2  1 
ATOM 423  H HB3  . ARG A 1 29 ? -11.526 8.261   -11.349 1.00 3.62  ? 29 ARG A HB3  1 
ATOM 424  H HG2  . ARG A 1 29 ? -13.541 7.633   -13.508 1.00 4.42  ? 29 ARG A HG2  1 
ATOM 425  H HG3  . ARG A 1 29 ? -13.635 9.114   -12.554 1.00 4.81  ? 29 ARG A HG3  1 
ATOM 426  H HD2  . ARG A 1 29 ? -11.597 9.930   -13.381 1.00 5.64  ? 29 ARG A HD2  1 
ATOM 427  H HD3  . ARG A 1 29 ? -11.052 8.330   -13.884 1.00 5.15  ? 29 ARG A HD3  1 
ATOM 428  H HE   . ARG A 1 29 ? -12.775 8.471   -15.714 1.00 5.72  ? 29 ARG A HE   1 
ATOM 429  H HH11 . ARG A 1 29 ? -13.043 11.260  -13.896 1.00 6.70  ? 29 ARG A HH11 1 
ATOM 430  H HH12 . ARG A 1 29 ? -12.905 12.361  -15.226 1.00 7.43  ? 29 ARG A HH12 1 
ATOM 431  H HH21 . ARG A 1 29 ? -12.035 9.905   -17.513 1.00 6.68  ? 29 ARG A HH21 1 
ATOM 432  H HH22 . ARG A 1 29 ? -12.335 11.594  -17.273 1.00 7.38  ? 29 ARG A HH22 1 
ATOM 433  N N    . ASN A 1 30 ? -10.753 4.897   -10.509 1.00 1.85  ? 30 ASN A N    1 
ATOM 434  C CA   . ASN A 1 30 ? -9.678  4.451   -9.579  1.00 1.79  ? 30 ASN A CA   1 
ATOM 435  C C    . ASN A 1 30 ? -9.591  5.417   -8.395  1.00 1.53  ? 30 ASN A C    1 
ATOM 436  O O    . ASN A 1 30 ? -10.165 6.487   -8.411  1.00 2.16  ? 30 ASN A O    1 
ATOM 437  C CB   . ASN A 1 30 ? -8.339  4.432   -10.320 1.00 2.65  ? 30 ASN A CB   1 
ATOM 438  C CG   . ASN A 1 30 ? -8.548  3.903   -11.740 1.00 3.19  ? 30 ASN A CG   1 
ATOM 439  O OD1  . ASN A 1 30 ? -9.466  3.148   -11.990 1.00 3.63  ? 30 ASN A OD1  1 
ATOM 440  N ND2  . ASN A 1 30 ? -7.728  4.268   -12.687 1.00 3.78  ? 30 ASN A ND2  1 
ATOM 441  H H    . ASN A 1 30 ? -11.614 4.430   -10.521 1.00 2.06  ? 30 ASN A H    1 
ATOM 442  H HA   . ASN A 1 30 ? -9.902  3.459   -9.218  1.00 2.14  ? 30 ASN A HA   1 
ATOM 443  H HB2  . ASN A 1 30 ? -7.937  5.435   -10.363 1.00 3.02  ? 30 ASN A HB2  1 
ATOM 444  H HB3  . ASN A 1 30 ? -7.646  3.790   -9.796  1.00 3.17  ? 30 ASN A HB3  1 
ATOM 445  H HD21 . ASN A 1 30 ? -6.986  4.877   -12.485 1.00 3.90  ? 30 ASN A HD21 1 
ATOM 446  H HD22 . ASN A 1 30 ? -7.853  3.934   -13.599 1.00 4.38  ? 30 ASN A HD22 1 
ATOM 447  N N    . LYS A 1 31 ? -8.877  5.045   -7.368  1.00 1.36  ? 31 LYS A N    1 
ATOM 448  C CA   . LYS A 1 31 ? -8.751  5.938   -6.181  1.00 1.18  ? 31 LYS A CA   1 
ATOM 449  C C    . LYS A 1 31 ? -10.031 5.868   -5.348  1.00 1.11  ? 31 LYS A C    1 
ATOM 450  O O    . LYS A 1 31 ? -10.990 6.569   -5.605  1.00 1.23  ? 31 LYS A O    1 
ATOM 451  C CB   . LYS A 1 31 ? -8.524  7.378   -6.647  1.00 1.32  ? 31 LYS A CB   1 
ATOM 452  C CG   . LYS A 1 31 ? -7.583  7.383   -7.853  1.00 1.74  ? 31 LYS A CG   1 
ATOM 453  C CD   . LYS A 1 31 ? -6.850  8.725   -7.924  1.00 2.03  ? 31 LYS A CD   1 
ATOM 454  C CE   . LYS A 1 31 ? -7.419  9.557   -9.074  1.00 2.69  ? 31 LYS A CE   1 
ATOM 455  N NZ   . LYS A 1 31 ? -8.043  10.796  -8.528  1.00 3.10  ? 31 LYS A NZ   1 
ATOM 456  H H    . LYS A 1 31 ? -8.422  4.177   -7.378  1.00 1.90  ? 31 LYS A H    1 
ATOM 457  H HA   . LYS A 1 31 ? -7.912  5.620   -5.579  1.00 1.33  ? 31 LYS A HA   1 
ATOM 458  H HB2  . LYS A 1 31 ? -9.470  7.819   -6.926  1.00 1.68  ? 31 LYS A HB2  1 
ATOM 459  H HB3  . LYS A 1 31 ? -8.082  7.952   -5.846  1.00 1.63  ? 31 LYS A HB3  1 
ATOM 460  H HG2  . LYS A 1 31 ? -6.862  6.584   -7.750  1.00 2.05  ? 31 LYS A HG2  1 
ATOM 461  H HG3  . LYS A 1 31 ? -8.154  7.239   -8.757  1.00 2.23  ? 31 LYS A HG3  1 
ATOM 462  H HD2  . LYS A 1 31 ? -6.983  9.257   -6.992  1.00 2.38  ? 31 LYS A HD2  1 
ATOM 463  H HD3  . LYS A 1 31 ? -5.797  8.552   -8.093  1.00 2.22  ? 31 LYS A HD3  1 
ATOM 464  H HE2  . LYS A 1 31 ? -6.623  9.825   -9.753  1.00 3.08  ? 31 LYS A HE2  1 
ATOM 465  H HE3  . LYS A 1 31 ? -8.165  8.981   -9.601  1.00 3.18  ? 31 LYS A HE3  1 
ATOM 466  H HZ1  . LYS A 1 31 ? -7.327  11.346  -8.011  1.00 3.46  ? 31 LYS A HZ1  1 
ATOM 467  H HZ2  . LYS A 1 31 ? -8.423  11.367  -9.310  1.00 3.30  ? 31 LYS A HZ2  1 
ATOM 468  H HZ3  . LYS A 1 31 ? -8.816  10.540  -7.882  1.00 3.44  ? 31 LYS A HZ3  1 
ATOM 469  N N    . VAL A 1 32 ? -10.057 5.026   -4.350  1.00 1.01  ? 32 VAL A N    1 
ATOM 470  C CA   . VAL A 1 32 ? -11.277 4.914   -3.502  1.00 1.03  ? 32 VAL A CA   1 
ATOM 471  C C    . VAL A 1 32 ? -10.920 5.217   -2.046  1.00 0.87  ? 32 VAL A C    1 
ATOM 472  O O    . VAL A 1 32 ? -11.731 5.066   -1.155  1.00 0.96  ? 32 VAL A O    1 
ATOM 473  C CB   . VAL A 1 32 ? -11.842 3.496   -3.601  1.00 1.17  ? 32 VAL A CB   1 
ATOM 474  C CG1  . VAL A 1 32 ? -12.410 3.270   -5.003  1.00 1.48  ? 32 VAL A CG1  1 
ATOM 475  C CG2  . VAL A 1 32 ? -10.727 2.484   -3.334  1.00 1.10  ? 32 VAL A CG2  1 
ATOM 476  H H    . VAL A 1 32 ? -9.274  4.470   -4.158  1.00 0.98  ? 32 VAL A H    1 
ATOM 477  H HA   . VAL A 1 32 ? -12.017 5.621   -3.844  1.00 1.13  ? 32 VAL A HA   1 
ATOM 478  H HB   . VAL A 1 32 ? -12.628 3.370   -2.869  1.00 1.27  ? 32 VAL A HB   1 
ATOM 479  H HG11 . VAL A 1 32 ? -12.054 4.046   -5.665  1.00 1.85  ? 32 VAL A HG11 1 
ATOM 480  H HG12 . VAL A 1 32 ? -12.088 2.307   -5.371  1.00 1.87  ? 32 VAL A HG12 1 
ATOM 481  H HG13 . VAL A 1 32 ? -13.489 3.298   -4.963  1.00 1.80  ? 32 VAL A HG13 1 
ATOM 482  H HG21 . VAL A 1 32 ? -9.902  2.977   -2.841  1.00 1.39  ? 32 VAL A HG21 1 
ATOM 483  H HG22 . VAL A 1 32 ? -11.103 1.693   -2.702  1.00 1.46  ? 32 VAL A HG22 1 
ATOM 484  H HG23 . VAL A 1 32 ? -10.388 2.066   -4.271  1.00 1.64  ? 32 VAL A HG23 1 
ATOM 485  N N    . ALA A 1 33 ? -9.713  5.644   -1.796  1.00 0.75  ? 33 ALA A N    1 
ATOM 486  C CA   . ALA A 1 33 ? -9.312  5.954   -0.396  1.00 0.69  ? 33 ALA A CA   1 
ATOM 487  C C    . ALA A 1 33 ? -8.088  6.871   -0.402  1.00 0.58  ? 33 ALA A C    1 
ATOM 488  O O    . ALA A 1 33 ? -7.051  6.536   -0.941  1.00 0.71  ? 33 ALA A O    1 
ATOM 489  C CB   . ALA A 1 33 ? -8.971  4.654   0.336   1.00 0.79  ? 33 ALA A CB   1 
ATOM 490  H H    . ALA A 1 33 ? -9.072  5.759   -2.529  1.00 0.80  ? 33 ALA A H    1 
ATOM 491  H HA   . ALA A 1 33 ? -10.127 6.447   0.111   1.00 0.76  ? 33 ALA A HA   1 
ATOM 492  H HB1  . ALA A 1 33 ? -8.768  3.877   -0.386  1.00 1.15  ? 33 ALA A HB1  1 
ATOM 493  H HB2  . ALA A 1 33 ? -8.099  4.807   0.953   1.00 1.29  ? 33 ALA A HB2  1 
ATOM 494  H HB3  . ALA A 1 33 ? -9.805  4.361   0.956   1.00 1.45  ? 33 ALA A HB3  1 
ATOM 495  N N    . THR A 1 34 ? -8.198  8.025   0.195   1.00 0.54  ? 34 THR A N    1 
ATOM 496  C CA   . THR A 1 34 ? -7.039  8.961   0.229   1.00 0.47  ? 34 THR A CA   1 
ATOM 497  C C    . THR A 1 34 ? -6.397  8.920   1.616   1.00 0.42  ? 34 THR A C    1 
ATOM 498  O O    . THR A 1 34 ? -6.842  9.575   2.537   1.00 0.66  ? 34 THR A O    1 
ATOM 499  C CB   . THR A 1 34 ? -7.519  10.383  -0.069  1.00 0.57  ? 34 THR A CB   1 
ATOM 500  O OG1  . THR A 1 34 ? -8.767  10.327  -0.748  1.00 0.80  ? 34 THR A OG1  1 
ATOM 501  C CG2  . THR A 1 34 ? -6.490  11.098  -0.944  1.00 0.81  ? 34 THR A CG2  1 
ATOM 502  H H    . THR A 1 34 ? -9.042  8.275   0.626   1.00 0.67  ? 34 THR A H    1 
ATOM 503  H HA   . THR A 1 34 ? -6.313  8.663   -0.514  1.00 0.46  ? 34 THR A HA   1 
ATOM 504  H HB   . THR A 1 34 ? -7.637  10.924  0.857   1.00 0.71  ? 34 THR A HB   1 
ATOM 505  H HG1  . THR A 1 34 ? -9.461  10.499  -0.108  1.00 1.08  ? 34 THR A HG1  1 
ATOM 506  H HG21 . THR A 1 34 ? -5.501  10.738  -0.702  1.00 1.35  ? 34 THR A HG21 1 
ATOM 507  H HG22 . THR A 1 34 ? -6.701  10.900  -1.984  1.00 1.43  ? 34 THR A HG22 1 
ATOM 508  H HG23 . THR A 1 34 ? -6.540  12.162  -0.763  1.00 1.29  ? 34 THR A HG23 1 
ATOM 509  N N    . ILE A 1 35 ? -5.357  8.151   1.772   1.00 0.29  ? 35 ILE A N    1 
ATOM 510  C CA   . ILE A 1 35 ? -4.686  8.062   3.100   1.00 0.29  ? 35 ILE A CA   1 
ATOM 511  C C    . ILE A 1 35 ? -3.437  8.940   3.100   1.00 0.29  ? 35 ILE A C    1 
ATOM 512  O O    . ILE A 1 35 ? -2.852  9.198   2.070   1.00 0.31  ? 35 ILE A O    1 
ATOM 513  C CB   . ILE A 1 35 ? -4.279  6.612   3.368   1.00 0.31  ? 35 ILE A CB   1 
ATOM 514  C CG1  . ILE A 1 35 ? -3.725  5.998   2.080   1.00 0.35  ? 35 ILE A CG1  1 
ATOM 515  C CG2  . ILE A 1 35 ? -5.500  5.815   3.828   1.00 0.38  ? 35 ILE A CG2  1 
ATOM 516  C CD1  . ILE A 1 35 ? -3.060  4.658   2.394   1.00 0.73  ? 35 ILE A CD1  1 
ATOM 517  H H    . ILE A 1 35 ? -5.015  7.631   1.015   1.00 0.39  ? 35 ILE A H    1 
ATOM 518  H HA   . ILE A 1 35 ? -5.364  8.396   3.871   1.00 0.34  ? 35 ILE A HA   1 
ATOM 519  H HB   . ILE A 1 35 ? -3.518  6.587   4.138   1.00 0.34  ? 35 ILE A HB   1 
ATOM 520  H HG12 . ILE A 1 35 ? -4.534  5.843   1.379   1.00 0.76  ? 35 ILE A HG12 1 
ATOM 521  H HG13 . ILE A 1 35 ? -2.997  6.667   1.645   1.00 0.71  ? 35 ILE A HG13 1 
ATOM 522  H HG21 . ILE A 1 35 ? -6.347  6.062   3.205   1.00 1.17  ? 35 ILE A HG21 1 
ATOM 523  H HG22 . ILE A 1 35 ? -5.292  4.758   3.748   1.00 0.96  ? 35 ILE A HG22 1 
ATOM 524  H HG23 . ILE A 1 35 ? -5.725  6.061   4.855   1.00 1.14  ? 35 ILE A HG23 1 
ATOM 525  H HD11 . ILE A 1 35 ? -3.553  4.201   3.239   1.00 1.29  ? 35 ILE A HD11 1 
ATOM 526  H HD12 . ILE A 1 35 ? -3.138  4.007   1.536   1.00 1.32  ? 35 ILE A HD12 1 
ATOM 527  H HD13 . ILE A 1 35 ? -2.018  4.821   2.629   1.00 1.44  ? 35 ILE A HD13 1 
ATOM 528  N N    . LYS A 1 36 ? -3.015  9.391   4.244   1.00 0.33  ? 36 LYS A N    1 
ATOM 529  C CA   . LYS A 1 36 ? -1.793  10.237  4.295   1.00 0.38  ? 36 LYS A CA   1 
ATOM 530  C C    . LYS A 1 36 ? -0.567  9.325   4.323   1.00 0.36  ? 36 LYS A C    1 
ATOM 531  O O    . LYS A 1 36 ? -0.685  8.115   4.302   1.00 0.43  ? 36 LYS A O    1 
ATOM 532  C CB   . LYS A 1 36 ? -1.819  11.105  5.554   1.00 0.46  ? 36 LYS A CB   1 
ATOM 533  C CG   . LYS A 1 36 ? -1.437  12.542  5.192   1.00 0.73  ? 36 LYS A CG   1 
ATOM 534  C CD   . LYS A 1 36 ? -1.934  13.494  6.283   1.00 1.23  ? 36 LYS A CD   1 
ATOM 535  C CE   . LYS A 1 36 ? -3.456  13.619  6.196   1.00 1.76  ? 36 LYS A CE   1 
ATOM 536  N NZ   . LYS A 1 36 ? -3.872  14.960  6.695   1.00 2.56  ? 36 LYS A NZ   1 
ATOM 537  H H    . LYS A 1 36 ? -3.493  9.167   5.069   1.00 0.36  ? 36 LYS A H    1 
ATOM 538  H HA   . LYS A 1 36 ? -1.754  10.867  3.418   1.00 0.40  ? 36 LYS A HA   1 
ATOM 539  H HB2  . LYS A 1 36 ? -2.811  11.092  5.980   1.00 0.64  ? 36 LYS A HB2  1 
ATOM 540  H HB3  . LYS A 1 36 ? -1.113  10.718  6.273   1.00 0.63  ? 36 LYS A HB3  1 
ATOM 541  H HG2  . LYS A 1 36 ? -0.362  12.618  5.108   1.00 1.16  ? 36 LYS A HG2  1 
ATOM 542  H HG3  . LYS A 1 36 ? -1.892  12.809  4.250   1.00 1.10  ? 36 LYS A HG3  1 
ATOM 543  H HD2  . LYS A 1 36 ? -1.658  13.104  7.252   1.00 1.82  ? 36 LYS A HD2  1 
ATOM 544  H HD3  . LYS A 1 36 ? -1.486  14.466  6.145   1.00 1.75  ? 36 LYS A HD3  1 
ATOM 545  H HE2  . LYS A 1 36 ? -3.768  13.503  5.169   1.00 2.11  ? 36 LYS A HE2  1 
ATOM 546  H HE3  . LYS A 1 36 ? -3.915  12.851  6.802   1.00 2.26  ? 36 LYS A HE3  1 
ATOM 547  H HZ1  . LYS A 1 36 ? -3.435  15.139  7.621   1.00 2.92  ? 36 LYS A HZ1  1 
ATOM 548  H HZ2  . LYS A 1 36 ? -3.568  15.690  6.018   1.00 3.06  ? 36 LYS A HZ2  1 
ATOM 549  H HZ3  . LYS A 1 36 ? -4.908  14.988  6.792   1.00 2.94  ? 36 LYS A HZ3  1 
ATOM 550  N N    . ARG A 1 37 ? 0.609   9.884   4.370   1.00 0.38  ? 37 ARG A N    1 
ATOM 551  C CA   . ARG A 1 37 ? 1.828   9.032   4.399   1.00 0.41  ? 37 ARG A CA   1 
ATOM 552  C C    . ARG A 1 37 ? 1.774   8.113   5.618   1.00 0.40  ? 37 ARG A C    1 
ATOM 553  O O    . ARG A 1 37 ? 2.484   7.133   5.702   1.00 0.41  ? 37 ARG A O    1 
ATOM 554  C CB   . ARG A 1 37 ? 3.073   9.918   4.478   1.00 0.51  ? 37 ARG A CB   1 
ATOM 555  C CG   . ARG A 1 37 ? 4.318   9.040   4.625   1.00 1.39  ? 37 ARG A CG   1 
ATOM 556  C CD   . ARG A 1 37 ? 5.570   9.917   4.583   1.00 1.74  ? 37 ARG A CD   1 
ATOM 557  N NE   . ARG A 1 37 ? 5.419   11.044  5.545   1.00 2.16  ? 37 ARG A NE   1 
ATOM 558  C CZ   . ARG A 1 37 ? 6.330   11.977  5.606   1.00 2.72  ? 37 ARG A CZ   1 
ATOM 559  N NH1  . ARG A 1 37 ? 7.589   11.653  5.726   1.00 3.27  ? 37 ARG A NH1  1 
ATOM 560  N NH2  . ARG A 1 37 ? 5.982   13.233  5.547   1.00 3.32  ? 37 ARG A NH2  1 
ATOM 561  H H    . ARG A 1 37 ? 0.689   10.861  4.386   1.00 0.45  ? 37 ARG A H    1 
ATOM 562  H HA   . ARG A 1 37 ? 1.867   8.435   3.505   1.00 0.39  ? 37 ARG A HA   1 
ATOM 563  H HB2  . ARG A 1 37 ? 3.153   10.508  3.577   1.00 1.22  ? 37 ARG A HB2  1 
ATOM 564  H HB3  . ARG A 1 37 ? 2.995   10.573  5.333   1.00 1.17  ? 37 ARG A HB3  1 
ATOM 565  H HG2  . ARG A 1 37 ? 4.276   8.513   5.567   1.00 2.06  ? 37 ARG A HG2  1 
ATOM 566  H HG3  . ARG A 1 37 ? 4.353   8.327   3.815   1.00 2.03  ? 37 ARG A HG3  1 
ATOM 567  H HD2  . ARG A 1 37 ? 6.433   9.326   4.853   1.00 2.19  ? 37 ARG A HD2  1 
ATOM 568  H HD3  . ARG A 1 37 ? 5.701   10.310  3.585   1.00 2.19  ? 37 ARG A HD3  1 
ATOM 569  H HE   . ARG A 1 37 ? 4.636   11.086  6.132   1.00 2.57  ? 37 ARG A HE   1 
ATOM 570  H HH11 . ARG A 1 37 ? 7.855   10.690  5.770   1.00 3.36  ? 37 ARG A HH11 1 
ATOM 571  H HH12 . ARG A 1 37 ? 8.286   12.368  5.772   1.00 3.91  ? 37 ARG A HH12 1 
ATOM 572  H HH21 . ARG A 1 37 ? 5.018   13.482  5.455   1.00 3.46  ? 37 ARG A HH21 1 
ATOM 573  H HH22 . ARG A 1 37 ? 6.681   13.948  5.593   1.00 3.94  ? 37 ARG A HH22 1 
ATOM 574  N N    . ASP A 1 38 ? 0.934   8.428   6.559   1.00 0.41  ? 38 ASP A N    1 
ATOM 575  C CA   . ASP A 1 38 ? 0.821   7.583   7.785   1.00 0.46  ? 38 ASP A CA   1 
ATOM 576  C C    . ASP A 1 38 ? 0.430   6.153   7.402   1.00 0.40  ? 38 ASP A C    1 
ATOM 577  O O    . ASP A 1 38 ? 0.793   5.203   8.069   1.00 0.42  ? 38 ASP A O    1 
ATOM 578  C CB   . ASP A 1 38 ? -0.246  8.172   8.710   1.00 0.53  ? 38 ASP A CB   1 
ATOM 579  C CG   . ASP A 1 38 ? 0.408   8.651   10.005  1.00 1.36  ? 38 ASP A CG   1 
ATOM 580  O OD1  . ASP A 1 38 ? 1.136   7.874   10.601  1.00 2.17  ? 38 ASP A OD1  1 
ATOM 581  O OD2  . ASP A 1 38 ? 0.172   9.788   10.382  1.00 1.95  ? 38 ASP A OD2  1 
ATOM 582  H H    . ASP A 1 38 ? 0.374   9.224   6.460   1.00 0.42  ? 38 ASP A H    1 
ATOM 583  H HA   . ASP A 1 38 ? 1.771   7.570   8.298   1.00 0.51  ? 38 ASP A HA   1 
ATOM 584  H HB2  . ASP A 1 38 ? -0.728  9.006   8.219   1.00 1.00  ? 38 ASP A HB2  1 
ATOM 585  H HB3  . ASP A 1 38 ? -0.981  7.415   8.938   1.00 1.03  ? 38 ASP A HB3  1 
ATOM 586  N N    . LYS A 1 39 ? -0.314  5.987   6.342   1.00 0.37  ? 39 LYS A N    1 
ATOM 587  C CA   . LYS A 1 39 ? -0.732  4.617   5.933   1.00 0.35  ? 39 LYS A CA   1 
ATOM 588  C C    . LYS A 1 39 ? 0.396   3.940   5.163   1.00 0.30  ? 39 LYS A C    1 
ATOM 589  O O    . LYS A 1 39 ? 0.868   2.884   5.535   1.00 0.30  ? 39 LYS A O    1 
ATOM 590  C CB   . LYS A 1 39 ? -1.941  4.718   5.020   1.00 0.38  ? 39 LYS A CB   1 
ATOM 591  C CG   . LYS A 1 39 ? -3.224  4.552   5.839   1.00 0.51  ? 39 LYS A CG   1 
ATOM 592  C CD   . LYS A 1 39 ? -3.171  3.232   6.610   1.00 1.22  ? 39 LYS A CD   1 
ATOM 593  C CE   . LYS A 1 39 ? -4.591  2.800   6.982   1.00 1.55  ? 39 LYS A CE   1 
ATOM 594  N NZ   . LYS A 1 39 ? -4.599  2.263   8.372   1.00 2.32  ? 39 LYS A NZ   1 
ATOM 595  H H    . LYS A 1 39 ? -0.606  6.765   5.819   1.00 0.37  ? 39 LYS A H    1 
ATOM 596  H HA   . LYS A 1 39 ? -0.982  4.034   6.806   1.00 0.40  ? 39 LYS A HA   1 
ATOM 597  H HB2  . LYS A 1 39 ? -1.937  5.684   4.537   1.00 0.44  ? 39 LYS A HB2  1 
ATOM 598  H HB3  . LYS A 1 39 ? -1.885  3.940   4.275   1.00 0.41  ? 39 LYS A HB3  1 
ATOM 599  H HG2  . LYS A 1 39 ? -3.315  5.374   6.534   1.00 1.21  ? 39 LYS A HG2  1 
ATOM 600  H HG3  . LYS A 1 39 ? -4.075  4.545   5.176   1.00 1.33  ? 39 LYS A HG3  1 
ATOM 601  H HD2  . LYS A 1 39 ? -2.713  2.473   5.993   1.00 1.97  ? 39 LYS A HD2  1 
ATOM 602  H HD3  . LYS A 1 39 ? -2.590  3.363   7.511   1.00 1.87  ? 39 LYS A HD3  1 
ATOM 603  H HE2  . LYS A 1 39 ? -5.253  3.651   6.920   1.00 1.78  ? 39 LYS A HE2  1 
ATOM 604  H HE3  . LYS A 1 39 ? -4.924  2.034   6.298   1.00 2.04  ? 39 LYS A HE3  1 
ATOM 605  H HZ1  . LYS A 1 39 ? -3.714  2.525   8.851   1.00 2.62  ? 39 LYS A HZ1  1 
ATOM 606  H HZ2  . LYS A 1 39 ? -5.403  2.664   8.894   1.00 2.84  ? 39 LYS A HZ2  1 
ATOM 607  H HZ3  . LYS A 1 39 ? -4.685  1.226   8.342   1.00 2.73  ? 39 LYS A HZ3  1 
ATOM 608  N N    . VAL A 1 40 ? 0.840   4.542   4.096   1.00 0.29  ? 40 VAL A N    1 
ATOM 609  C CA   . VAL A 1 40 ? 1.943   3.927   3.319   1.00 0.30  ? 40 VAL A CA   1 
ATOM 610  C C    . VAL A 1 40 ? 3.188   3.935   4.195   1.00 0.32  ? 40 VAL A C    1 
ATOM 611  O O    . VAL A 1 40 ? 4.157   3.250   3.931   1.00 0.34  ? 40 VAL A O    1 
ATOM 612  C CB   . VAL A 1 40 ? 2.198   4.741   2.049   1.00 0.38  ? 40 VAL A CB   1 
ATOM 613  C CG1  . VAL A 1 40 ? 3.522   4.305   1.419   1.00 0.50  ? 40 VAL A CG1  1 
ATOM 614  C CG2  . VAL A 1 40 ? 1.059   4.505   1.055   1.00 0.54  ? 40 VAL A CG2  1 
ATOM 615  H H    . VAL A 1 40 ? 0.453   5.396   3.815   1.00 0.31  ? 40 VAL A H    1 
ATOM 616  H HA   . VAL A 1 40 ? 1.685   2.911   3.057   1.00 0.30  ? 40 VAL A HA   1 
ATOM 617  H HB   . VAL A 1 40 ? 2.248   5.791   2.299   1.00 0.43  ? 40 VAL A HB   1 
ATOM 618  H HG11 . VAL A 1 40 ? 3.750   3.294   1.725   1.00 1.20  ? 40 VAL A HG11 1 
ATOM 619  H HG12 . VAL A 1 40 ? 3.438   4.345   0.343   1.00 1.16  ? 40 VAL A HG12 1 
ATOM 620  H HG13 . VAL A 1 40 ? 4.311   4.967   1.744   1.00 1.11  ? 40 VAL A HG13 1 
ATOM 621  H HG21 . VAL A 1 40 ? 0.927   3.443   0.905   1.00 1.14  ? 40 VAL A HG21 1 
ATOM 622  H HG22 . VAL A 1 40 ? 0.146   4.928   1.447   1.00 1.11  ? 40 VAL A HG22 1 
ATOM 623  H HG23 . VAL A 1 40 ? 1.299   4.976   0.114   1.00 1.22  ? 40 VAL A HG23 1 
ATOM 624  N N    . ARG A 1 41 ? 3.155   4.691   5.259   1.00 0.36  ? 41 ARG A N    1 
ATOM 625  C CA   . ARG A 1 41 ? 4.323   4.728   6.179   1.00 0.43  ? 41 ARG A CA   1 
ATOM 626  C C    . ARG A 1 41 ? 4.366   3.414   6.956   1.00 0.41  ? 41 ARG A C    1 
ATOM 627  O O    . ARG A 1 41 ? 5.315   2.661   6.879   1.00 0.40  ? 41 ARG A O    1 
ATOM 628  C CB   . ARG A 1 41 ? 4.180   5.895   7.158   1.00 0.53  ? 41 ARG A CB   1 
ATOM 629  C CG   . ARG A 1 41 ? 5.206   5.748   8.283   1.00 1.01  ? 41 ARG A CG   1 
ATOM 630  C CD   . ARG A 1 41 ? 5.646   7.134   8.757   1.00 1.31  ? 41 ARG A CD   1 
ATOM 631  N NE   . ARG A 1 41 ? 7.055   7.071   9.238   1.00 1.67  ? 41 ARG A NE   1 
ATOM 632  C CZ   . ARG A 1 41 ? 7.377   7.603   10.386  1.00 2.25  ? 41 ARG A CZ   1 
ATOM 633  N NH1  . ARG A 1 41 ? 6.928   7.082   11.494  1.00 2.84  ? 41 ARG A NH1  1 
ATOM 634  N NH2  . ARG A 1 41 ? 8.148   8.655   10.423  1.00 2.90  ? 41 ARG A NH2  1 
ATOM 635  H H    . ARG A 1 41 ? 2.347   5.219   5.461   1.00 0.36  ? 41 ARG A H    1 
ATOM 636  H HA   . ARG A 1 41 ? 5.232   4.840   5.608   1.00 0.47  ? 41 ARG A HA   1 
ATOM 637  H HB2  . ARG A 1 41 ? 4.347   6.826   6.635   1.00 1.00  ? 41 ARG A HB2  1 
ATOM 638  H HB3  . ARG A 1 41 ? 3.184   5.893   7.578   1.00 0.89  ? 41 ARG A HB3  1 
ATOM 639  H HG2  . ARG A 1 41 ? 4.761   5.209   9.107   1.00 1.54  ? 41 ARG A HG2  1 
ATOM 640  H HG3  . ARG A 1 41 ? 6.065   5.206   7.918   1.00 1.58  ? 41 ARG A HG3  1 
ATOM 641  H HD2  . ARG A 1 41 ? 5.576   7.834   7.938   1.00 1.77  ? 41 ARG A HD2  1 
ATOM 642  H HD3  . ARG A 1 41 ? 5.005   7.459   9.564   1.00 1.75  ? 41 ARG A HD3  1 
ATOM 643  H HE   . ARG A 1 41 ? 7.739   6.629   8.692   1.00 2.05  ? 41 ARG A HE   1 
ATOM 644  H HH11 . ARG A 1 41 ? 6.338   6.277   11.466  1.00 2.95  ? 41 ARG A HH11 1 
ATOM 645  H HH12 . ARG A 1 41 ? 7.176   7.490   12.374  1.00 3.51  ? 41 ARG A HH12 1 
ATOM 646  H HH21 . ARG A 1 41 ? 8.492   9.053   9.573   1.00 3.08  ? 41 ARG A HH21 1 
ATOM 647  H HH22 . ARG A 1 41 ? 8.395   9.062   11.302  1.00 3.54  ? 41 ARG A HH22 1 
ATOM 648  N N    . GLU A 1 42 ? 3.326   3.128   7.694   1.00 0.43  ? 42 GLU A N    1 
ATOM 649  C CA   . GLU A 1 42 ? 3.284   1.856   8.465   1.00 0.47  ? 42 GLU A CA   1 
ATOM 650  C C    . GLU A 1 42 ? 3.310   0.693   7.479   1.00 0.40  ? 42 GLU A C    1 
ATOM 651  O O    . GLU A 1 42 ? 4.146   -0.185  7.548   1.00 0.46  ? 42 GLU A O    1 
ATOM 652  C CB   . GLU A 1 42 ? 1.996   1.801   9.290   1.00 0.58  ? 42 GLU A CB   1 
ATOM 653  C CG   . GLU A 1 42 ? 2.282   2.274   10.716  1.00 1.12  ? 42 GLU A CG   1 
ATOM 654  C CD   . GLU A 1 42 ? 3.352   1.382   11.347  1.00 1.49  ? 42 GLU A CD   1 
ATOM 655  O OE1  . GLU A 1 42 ? 3.405   0.215   10.994  1.00 2.06  ? 42 GLU A OE1  1 
ATOM 656  O OE2  . GLU A 1 42 ? 4.100   1.879   12.172  1.00 2.06  ? 42 GLU A OE2  1 
ATOM 657  H H    . GLU A 1 42 ? 2.564   3.744   7.722   1.00 0.45  ? 42 GLU A H    1 
ATOM 658  H HA   . GLU A 1 42 ? 4.140   1.798   9.120   1.00 0.51  ? 42 GLU A HA   1 
ATOM 659  H HB2  . GLU A 1 42 ? 1.252   2.442   8.839   1.00 0.91  ? 42 GLU A HB2  1 
ATOM 660  H HB3  . GLU A 1 42 ? 1.629   0.787   9.318   1.00 1.02  ? 42 GLU A HB3  1 
ATOM 661  H HG2  . GLU A 1 42 ? 2.633   3.297   10.692  1.00 1.59  ? 42 GLU A HG2  1 
ATOM 662  H HG3  . GLU A 1 42 ? 1.378   2.218   11.303  1.00 1.74  ? 42 GLU A HG3  1 
ATOM 663  N N    . ILE A 1 43 ? 2.395   0.698   6.552   1.00 0.35  ? 43 ILE A N    1 
ATOM 664  C CA   . ILE A 1 43 ? 2.341   -0.384  5.536   1.00 0.34  ? 43 ILE A CA   1 
ATOM 665  C C    . ILE A 1 43 ? 3.759   -0.699  5.056   1.00 0.27  ? 43 ILE A C    1 
ATOM 666  O O    . ILE A 1 43 ? 4.190   -1.835  5.066   1.00 0.35  ? 43 ILE A O    1 
ATOM 667  C CB   . ILE A 1 43 ? 1.481   0.096   4.364   1.00 0.39  ? 43 ILE A CB   1 
ATOM 668  C CG1  . ILE A 1 43 ? 0.002   -0.026  4.738   1.00 0.58  ? 43 ILE A CG1  1 
ATOM 669  C CG2  . ILE A 1 43 ? 1.763   -0.751  3.118   1.00 0.44  ? 43 ILE A CG2  1 
ATOM 670  C CD1  . ILE A 1 43 ? -0.864  0.344   3.533   1.00 1.18  ? 43 ILE A CD1  1 
ATOM 671  H H    . ILE A 1 43 ? 1.740   1.427   6.520   1.00 0.38  ? 43 ILE A H    1 
ATOM 672  H HA   . ILE A 1 43 ? 1.902   -1.269  5.971   1.00 0.44  ? 43 ILE A HA   1 
ATOM 673  H HB   . ILE A 1 43 ? 1.715   1.133   4.157   1.00 0.37  ? 43 ILE A HB   1 
ATOM 674  H HG12 . ILE A 1 43 ? -0.210  -1.041  5.039   1.00 1.23  ? 43 ILE A HG12 1 
ATOM 675  H HG13 . ILE A 1 43 ? -0.218  0.644   5.556   1.00 1.08  ? 43 ILE A HG13 1 
ATOM 676  H HG21 . ILE A 1 43 ? 1.892   -1.783  3.407   1.00 1.05  ? 43 ILE A HG21 1 
ATOM 677  H HG22 . ILE A 1 43 ? 0.932   -0.671  2.432   1.00 1.14  ? 43 ILE A HG22 1 
ATOM 678  H HG23 . ILE A 1 43 ? 2.662   -0.396  2.637   1.00 1.03  ? 43 ILE A HG23 1 
ATOM 679  H HD11 . ILE A 1 43 ? -0.589  1.326   3.179   1.00 1.79  ? 43 ILE A HD11 1 
ATOM 680  H HD12 . ILE A 1 43 ? -0.712  -0.379  2.745   1.00 1.78  ? 43 ILE A HD12 1 
ATOM 681  H HD13 . ILE A 1 43 ? -1.905  0.345   3.824   1.00 1.70  ? 43 ILE A HD13 1 
ATOM 682  N N    . ALA A 1 44 ? 4.491   0.298   4.640   1.00 0.25  ? 44 ALA A N    1 
ATOM 683  C CA   . ALA A 1 44 ? 5.879   0.049   4.167   1.00 0.33  ? 44 ALA A CA   1 
ATOM 684  C C    . ALA A 1 44 ? 6.696   -0.538  5.318   1.00 0.35  ? 44 ALA A C    1 
ATOM 685  O O    . ALA A 1 44 ? 7.537   -1.393  5.123   1.00 0.42  ? 44 ALA A O    1 
ATOM 686  C CB   . ALA A 1 44 ? 6.510   1.366   3.712   1.00 0.42  ? 44 ALA A CB   1 
ATOM 687  H H    . ALA A 1 44 ? 4.127   1.208   4.641   1.00 0.27  ? 44 ALA A H    1 
ATOM 688  H HA   . ALA A 1 44 ? 5.860   -0.648  3.343   1.00 0.42  ? 44 ALA A HA   1 
ATOM 689  H HB1  . ALA A 1 44 ? 5.984   2.193   4.168   1.00 1.16  ? 44 ALA A HB1  1 
ATOM 690  H HB2  . ALA A 1 44 ? 7.547   1.391   4.011   1.00 1.07  ? 44 ALA A HB2  1 
ATOM 691  H HB3  . ALA A 1 44 ? 6.442   1.445   2.637   1.00 1.08  ? 44 ALA A HB3  1 
ATOM 692  N N    . GLU A 1 45 ? 6.451   -0.089  6.519   1.00 0.40  ? 45 GLU A N    1 
ATOM 693  C CA   . GLU A 1 45 ? 7.208   -0.625  7.684   1.00 0.52  ? 45 GLU A CA   1 
ATOM 694  C C    . GLU A 1 45 ? 6.951   -2.124  7.813   1.00 0.49  ? 45 GLU A C    1 
ATOM 695  O O    . GLU A 1 45 ? 7.858   -2.909  8.007   1.00 0.56  ? 45 GLU A O    1 
ATOM 696  C CB   . GLU A 1 45 ? 6.751   0.085   8.961   1.00 0.67  ? 45 GLU A CB   1 
ATOM 697  C CG   . GLU A 1 45 ? 7.861   1.017   9.452   1.00 1.00  ? 45 GLU A CG   1 
ATOM 698  C CD   . GLU A 1 45 ? 8.038   0.849   10.962  1.00 1.60  ? 45 GLU A CD   1 
ATOM 699  O OE1  . GLU A 1 45 ? 7.073   0.492   11.616  1.00 2.25  ? 45 GLU A OE1  1 
ATOM 700  O OE2  . GLU A 1 45 ? 9.138   1.080   11.437  1.00 2.20  ? 45 GLU A OE2  1 
ATOM 701  H H    . GLU A 1 45 ? 5.765   0.597   6.654   1.00 0.41  ? 45 GLU A H    1 
ATOM 702  H HA   . GLU A 1 45 ? 8.258   -0.457  7.535   1.00 0.60  ? 45 GLU A HA   1 
ATOM 703  H HB2  . GLU A 1 45 ? 5.861   0.660   8.753   1.00 0.86  ? 45 GLU A HB2  1 
ATOM 704  H HB3  . GLU A 1 45 ? 6.536   -0.649  9.724   1.00 0.86  ? 45 GLU A HB3  1 
ATOM 705  H HG2  . GLU A 1 45 ? 8.785   0.772   8.949   1.00 1.43  ? 45 GLU A HG2  1 
ATOM 706  H HG3  . GLU A 1 45 ? 7.593   2.040   9.234   1.00 1.39  ? 45 GLU A HG3  1 
ATOM 707  N N    . LEU A 1 46 ? 5.719   -2.524  7.708   1.00 0.44  ? 46 LEU A N    1 
ATOM 708  C CA   . LEU A 1 46 ? 5.389   -3.974  7.822   1.00 0.49  ? 46 LEU A CA   1 
ATOM 709  C C    . LEU A 1 46 ? 6.009   -4.730  6.646   1.00 0.43  ? 46 LEU A C    1 
ATOM 710  O O    . LEU A 1 46 ? 6.772   -5.659  6.825   1.00 0.47  ? 46 LEU A O    1 
ATOM 711  C CB   . LEU A 1 46 ? 3.871   -4.157  7.799   1.00 0.60  ? 46 LEU A CB   1 
ATOM 712  C CG   . LEU A 1 46 ? 3.345   -4.245  9.232   1.00 1.00  ? 46 LEU A CG   1 
ATOM 713  C CD1  . LEU A 1 46 ? 1.842   -4.526  9.209   1.00 1.74  ? 46 LEU A CD1  1 
ATOM 714  C CD2  . LEU A 1 46 ? 4.063   -5.379  9.969   1.00 1.50  ? 46 LEU A CD2  1 
ATOM 715  H H    . LEU A 1 46 ? 5.010   -1.869  7.550   1.00 0.44  ? 46 LEU A H    1 
ATOM 716  H HA   . LEU A 1 46 ? 5.785   -4.361  8.749   1.00 0.59  ? 46 LEU A HA   1 
ATOM 717  H HB2  . LEU A 1 46 ? 3.414   -3.316  7.298   1.00 0.79  ? 46 LEU A HB2  1 
ATOM 718  H HB3  . LEU A 1 46 ? 3.626   -5.068  7.272   1.00 0.82  ? 46 LEU A HB3  1 
ATOM 719  H HG   . LEU A 1 46 ? 3.528   -3.310  9.741   1.00 1.75  ? 46 LEU A HG   1 
ATOM 720  H HD11 . LEU A 1 46 ? 1.629   -5.292  8.478   1.00 2.25  ? 46 LEU A HD11 1 
ATOM 721  H HD12 . LEU A 1 46 ? 1.523   -4.861  10.185  1.00 2.34  ? 46 LEU A HD12 1 
ATOM 722  H HD13 . LEU A 1 46 ? 1.311   -3.622  8.947   1.00 2.16  ? 46 LEU A HD13 1 
ATOM 723  H HD21 . LEU A 1 46 ? 4.564   -6.012  9.253   1.00 1.87  ? 46 LEU A HD21 1 
ATOM 724  H HD22 . LEU A 1 46 ? 4.788   -4.961  10.651  1.00 2.04  ? 46 LEU A HD22 1 
ATOM 725  H HD23 . LEU A 1 46 ? 3.341   -5.962  10.522  1.00 2.13  ? 46 LEU A HD23 1 
ATOM 726  N N    . LYS A 1 47 ? 5.680   -4.344  5.446   1.00 0.43  ? 47 LYS A N    1 
ATOM 727  C CA   . LYS A 1 47 ? 6.243   -5.035  4.253   1.00 0.47  ? 47 LYS A CA   1 
ATOM 728  C C    . LYS A 1 47 ? 7.683   -4.568  4.003   1.00 0.49  ? 47 LYS A C    1 
ATOM 729  O O    . LYS A 1 47 ? 8.293   -4.918  3.015   1.00 0.68  ? 47 LYS A O    1 
ATOM 730  C CB   . LYS A 1 47 ? 5.381   -4.713  3.030   1.00 0.56  ? 47 LYS A CB   1 
ATOM 731  C CG   . LYS A 1 47 ? 6.067   -5.233  1.766   1.00 1.60  ? 47 LYS A CG   1 
ATOM 732  C CD   . LYS A 1 47 ? 5.016   -5.796  0.809   1.00 2.08  ? 47 LYS A CD   1 
ATOM 733  C CE   . LYS A 1 47 ? 5.499   -7.136  0.250   1.00 2.82  ? 47 LYS A CE   1 
ATOM 734  N NZ   . LYS A 1 47 ? 5.428   -7.109  -1.238  1.00 3.46  ? 47 LYS A NZ   1 
ATOM 735  H H    . LYS A 1 47 ? 5.057   -3.597  5.328   1.00 0.47  ? 47 LYS A H    1 
ATOM 736  H HA   . LYS A 1 47 ? 6.237   -6.101  4.422   1.00 0.56  ? 47 LYS A HA   1 
ATOM 737  H HB2  . LYS A 1 47 ? 4.415   -5.186  3.138   1.00 0.92  ? 47 LYS A HB2  1 
ATOM 738  H HB3  . LYS A 1 47 ? 5.251   -3.645  2.954   1.00 1.07  ? 47 LYS A HB3  1 
ATOM 739  H HG2  . LYS A 1 47 ? 6.596   -4.423  1.286   1.00 2.29  ? 47 LYS A HG2  1 
ATOM 740  H HG3  . LYS A 1 47 ? 6.765   -6.013  2.031   1.00 2.13  ? 47 LYS A HG3  1 
ATOM 741  H HD2  . LYS A 1 47 ? 4.086   -5.941  1.341   1.00 2.52  ? 47 LYS A HD2  1 
ATOM 742  H HD3  . LYS A 1 47 ? 4.862   -5.103  -0.004  1.00 2.39  ? 47 LYS A HD3  1 
ATOM 743  H HE2  . LYS A 1 47 ? 6.520   -7.307  0.559   1.00 3.15  ? 47 LYS A HE2  1 
ATOM 744  H HE3  . LYS A 1 47 ? 4.871   -7.931  0.626   1.00 3.25  ? 47 LYS A HE3  1 
ATOM 745  H HZ1  . LYS A 1 47 ? 4.894   -6.271  -1.545  1.00 3.90  ? 47 LYS A HZ1  1 
ATOM 746  H HZ2  . LYS A 1 47 ? 6.389   -7.067  -1.631  1.00 3.77  ? 47 LYS A HZ2  1 
ATOM 747  H HZ3  . LYS A 1 47 ? 4.949   -7.968  -1.578  1.00 3.68  ? 47 LYS A HZ3  1 
ATOM 748  N N    . MET A 1 48 ? 8.231   -3.771  4.881   1.00 0.57  ? 48 MET A N    1 
ATOM 749  C CA   . MET A 1 48 ? 9.626   -3.278  4.671   1.00 0.69  ? 48 MET A CA   1 
ATOM 750  C C    . MET A 1 48 ? 10.626  -4.423  4.864   1.00 0.61  ? 48 MET A C    1 
ATOM 751  O O    . MET A 1 48 ? 11.392  -4.726  3.971   1.00 0.84  ? 48 MET A O    1 
ATOM 752  C CB   . MET A 1 48 ? 9.929   -2.158  5.668   1.00 0.97  ? 48 MET A CB   1 
ATOM 753  C CG   . MET A 1 48 ? 10.116  -0.840  4.915   1.00 0.98  ? 48 MET A CG   1 
ATOM 754  S SD   . MET A 1 48 ? 11.653  -0.050  5.454   1.00 1.37  ? 48 MET A SD   1 
ATOM 755  C CE   . MET A 1 48 ? 12.439  0.050   3.828   1.00 1.42  ? 48 MET A CE   1 
ATOM 756  H H    . MET A 1 48 ? 7.725   -3.488  5.669   1.00 0.70  ? 48 MET A H    1 
ATOM 757  H HA   . MET A 1 48 ? 9.717   -2.894  3.665   1.00 0.87  ? 48 MET A HA   1 
ATOM 758  H HB2  . MET A 1 48 ? 9.108   -2.063  6.364   1.00 1.30  ? 48 MET A HB2  1 
ATOM 759  H HB3  . MET A 1 48 ? 10.834  -2.393  6.209   1.00 1.27  ? 48 MET A HB3  1 
ATOM 760  H HG2  . MET A 1 48 ? 10.164  -1.036  3.854   1.00 1.36  ? 48 MET A HG2  1 
ATOM 761  H HG3  . MET A 1 48 ? 9.282   -0.185  5.123   1.00 1.50  ? 48 MET A HG3  1 
ATOM 762  H HE1  . MET A 1 48 ? 11.677  0.072   3.061   1.00 1.83  ? 48 MET A HE1  1 
ATOM 763  H HE2  . MET A 1 48 ? 13.038  0.949   3.772   1.00 1.93  ? 48 MET A HE2  1 
ATOM 764  H HE3  . MET A 1 48 ? 13.072  -0.809  3.679   1.00 1.86  ? 48 MET A HE3  1 
ATOM 765  N N    . PRO A 1 49 ? 10.590  -5.032  6.023   1.00 0.78  ? 49 PRO A N    1 
ATOM 766  C CA   . PRO A 1 49 ? 11.487  -6.153  6.350   1.00 0.79  ? 49 PRO A CA   1 
ATOM 767  C C    . PRO A 1 49 ? 11.052  -7.409  5.591   1.00 1.01  ? 49 PRO A C    1 
ATOM 768  O O    . PRO A 1 49 ? 10.608  -8.380  6.171   1.00 1.47  ? 49 PRO A O    1 
ATOM 769  C CB   . PRO A 1 49 ? 11.324  -6.322  7.863   1.00 1.12  ? 49 PRO A CB   1 
ATOM 770  C CG   . PRO A 1 49 ? 9.966   -5.680  8.224   1.00 1.52  ? 49 PRO A CG   1 
ATOM 771  C CD   . PRO A 1 49 ? 9.653   -4.669  7.105   1.00 1.31  ? 49 PRO A CD   1 
ATOM 772  H HA   . PRO A 1 49 ? 12.510  -5.903  6.115   1.00 0.92  ? 49 PRO A HA   1 
ATOM 773  H HB2  . PRO A 1 49 ? 11.324  -7.372  8.121   1.00 1.16  ? 49 PRO A HB2  1 
ATOM 774  H HB3  . PRO A 1 49 ? 12.119  -5.809  8.383   1.00 1.33  ? 49 PRO A HB3  1 
ATOM 775  H HG2  . PRO A 1 49 ? 9.197   -6.439  8.269   1.00 1.72  ? 49 PRO A HG2  1 
ATOM 776  H HG3  . PRO A 1 49 ? 10.037  -5.165  9.170   1.00 1.88  ? 49 PRO A HG3  1 
ATOM 777  H HD2  . PRO A 1 49 ? 8.631   -4.774  6.777   1.00 1.49  ? 49 PRO A HD2  1 
ATOM 778  H HD3  . PRO A 1 49 ? 9.844   -3.662  7.441   1.00 1.55  ? 49 PRO A HD3  1 
ATOM 779  N N    . ASP A 1 50 ? 11.178  -7.384  4.293   1.00 1.21  ? 50 ASP A N    1 
ATOM 780  C CA   . ASP A 1 50 ? 10.775  -8.557  3.468   1.00 1.71  ? 50 ASP A CA   1 
ATOM 781  C C    . ASP A 1 50 ? 10.579  -8.099  2.021   1.00 1.76  ? 50 ASP A C    1 
ATOM 782  O O    . ASP A 1 50 ? 10.683  -8.874  1.091   1.00 2.18  ? 50 ASP A O    1 
ATOM 783  C CB   . ASP A 1 50 ? 9.463   -9.137  4.002   1.00 2.15  ? 50 ASP A CB   1 
ATOM 784  C CG   . ASP A 1 50 ? 9.733   -10.496 4.651   1.00 2.74  ? 50 ASP A CG   1 
ATOM 785  O OD1  . ASP A 1 50 ? 9.910   -11.455 3.919   1.00 3.19  ? 50 ASP A OD1  1 
ATOM 786  O OD2  . ASP A 1 50 ? 9.758   -10.554 5.870   1.00 3.25  ? 50 ASP A OD2  1 
ATOM 787  H H    . ASP A 1 50 ? 11.538  -6.585  3.856   1.00 1.32  ? 50 ASP A H    1 
ATOM 788  H HA   . ASP A 1 50 ? 11.548  -9.310  3.507   1.00 1.91  ? 50 ASP A HA   1 
ATOM 789  H HB2  . ASP A 1 50 ? 9.046   -8.463  4.736   1.00 2.14  ? 50 ASP A HB2  1 
ATOM 790  H HB3  . ASP A 1 50 ? 8.766   -9.262  3.188   1.00 2.51  ? 50 ASP A HB3  1 
ATOM 791  N N    . LEU A 1 51 ? 10.296  -6.838  1.828   1.00 1.39  ? 51 LEU A N    1 
ATOM 792  C CA   . LEU A 1 51 ? 10.092  -6.315  0.448   1.00 1.44  ? 51 LEU A CA   1 
ATOM 793  C C    . LEU A 1 51 ? 11.447  -5.944  -0.160  1.00 1.51  ? 51 LEU A C    1 
ATOM 794  O O    . LEU A 1 51 ? 12.438  -5.826  0.532   1.00 1.68  ? 51 LEU A O    1 
ATOM 795  C CB   . LEU A 1 51 ? 9.202   -5.071  0.507   1.00 1.26  ? 51 LEU A CB   1 
ATOM 796  C CG   . LEU A 1 51 ? 8.943   -4.553  -0.907  1.00 1.74  ? 51 LEU A CG   1 
ATOM 797  C CD1  . LEU A 1 51 ? 8.268   -5.647  -1.735  1.00 2.33  ? 51 LEU A CD1  1 
ATOM 798  C CD2  . LEU A 1 51 ? 8.027   -3.328  -0.838  1.00 2.06  ? 51 LEU A CD2  1 
ATOM 799  H H    . LEU A 1 51 ? 10.218  -6.233  2.595   1.00 1.19  ? 51 LEU A H    1 
ATOM 800  H HA   . LEU A 1 51 ? 9.617   -7.071  -0.159  1.00 1.66  ? 51 LEU A HA   1 
ATOM 801  H HB2  . LEU A 1 51 ? 8.263   -5.324  0.975   1.00 1.40  ? 51 LEU A HB2  1 
ATOM 802  H HB3  . LEU A 1 51 ? 9.696   -4.302  1.086   1.00 1.24  ? 51 LEU A HB3  1 
ATOM 803  H HG   . LEU A 1 51 ? 9.880   -4.277  -1.369  1.00 2.11  ? 51 LEU A HG   1 
ATOM 804  H HD11 . LEU A 1 51 ? 8.105   -6.517  -1.116  1.00 2.83  ? 51 LEU A HD11 1 
ATOM 805  H HD12 . LEU A 1 51 ? 7.320   -5.284  -2.105  1.00 2.56  ? 51 LEU A HD12 1 
ATOM 806  H HD13 . LEU A 1 51 ? 8.903   -5.911  -2.567  1.00 2.75  ? 51 LEU A HD13 1 
ATOM 807  H HD21 . LEU A 1 51 ? 7.815   -3.094  0.196   1.00 2.54  ? 51 LEU A HD21 1 
ATOM 808  H HD22 . LEU A 1 51 ? 8.515   -2.486  -1.305  1.00 2.33  ? 51 LEU A HD22 1 
ATOM 809  H HD23 . LEU A 1 51 ? 7.102   -3.541  -1.354  1.00 2.40  ? 51 LEU A HD23 1 
ATOM 810  N N    . ASN A 1 52 ? 11.497  -5.758  -1.451  1.00 1.60  ? 52 ASN A N    1 
ATOM 811  C CA   . ASN A 1 52 ? 12.787  -5.392  -2.100  1.00 1.75  ? 52 ASN A CA   1 
ATOM 812  C C    . ASN A 1 52 ? 12.970  -3.874  -2.047  1.00 1.60  ? 52 ASN A C    1 
ATOM 813  O O    . ASN A 1 52 ? 13.810  -3.316  -2.726  1.00 2.06  ? 52 ASN A O    1 
ATOM 814  C CB   . ASN A 1 52 ? 12.772  -5.853  -3.560  1.00 2.00  ? 52 ASN A CB   1 
ATOM 815  C CG   . ASN A 1 52 ? 14.181  -6.280  -3.975  1.00 2.66  ? 52 ASN A CG   1 
ATOM 816  O OD1  . ASN A 1 52 ? 15.006  -6.589  -3.138  1.00 3.20  ? 52 ASN A OD1  1 
ATOM 817  N ND2  . ASN A 1 52 ? 14.494  -6.311  -5.241  1.00 3.23  ? 52 ASN A ND2  1 
ATOM 818  H H    . ASN A 1 52 ? 10.686  -5.857  -1.992  1.00 1.71  ? 52 ASN A H    1 
ATOM 819  H HA   . ASN A 1 52 ? 13.601  -5.872  -1.579  1.00 1.85  ? 52 ASN A HA   1 
ATOM 820  H HB2  . ASN A 1 52 ? 12.095  -6.688  -3.666  1.00 2.12  ? 52 ASN A HB2  1 
ATOM 821  H HB3  . ASN A 1 52 ? 12.444  -5.041  -4.191  1.00 2.17  ? 52 ASN A HB3  1 
ATOM 822  H HD21 . ASN A 1 52 ? 13.829  -6.062  -5.917  1.00 3.31  ? 52 ASN A HD21 1 
ATOM 823  H HD22 . ASN A 1 52 ? 15.394  -6.583  -5.518  1.00 3.86  ? 52 ASN A HD22 1 
ATOM 824  N N    . ALA A 1 53 ? 12.192  -3.200  -1.244  1.00 1.26  ? 53 ALA A N    1 
ATOM 825  C CA   . ALA A 1 53 ? 12.321  -1.719  -1.147  1.00 1.11  ? 53 ALA A CA   1 
ATOM 826  C C    . ALA A 1 53 ? 13.801  -1.340  -1.076  1.00 1.23  ? 53 ALA A C    1 
ATOM 827  O O    . ALA A 1 53 ? 14.648  -2.157  -0.768  1.00 1.53  ? 53 ALA A O    1 
ATOM 828  C CB   . ALA A 1 53 ? 11.608  -1.228  0.114   1.00 1.03  ? 53 ALA A CB   1 
ATOM 829  H H    . ALA A 1 53 ? 11.521  -3.670  -0.705  1.00 1.40  ? 53 ALA A H    1 
ATOM 830  H HA   . ALA A 1 53 ? 11.873  -1.259  -2.016  1.00 1.07  ? 53 ALA A HA   1 
ATOM 831  H HB1  . ALA A 1 53 ? 11.539  -2.035  0.827   1.00 1.31  ? 53 ALA A HB1  1 
ATOM 832  H HB2  . ALA A 1 53 ? 12.166  -0.410  0.548   1.00 1.41  ? 53 ALA A HB2  1 
ATOM 833  H HB3  . ALA A 1 53 ? 10.615  -0.890  -0.143  1.00 1.36  ? 53 ALA A HB3  1 
ATOM 834  N N    . ALA A 1 54 ? 14.122  -0.107  -1.356  1.00 1.18  ? 54 ALA A N    1 
ATOM 835  C CA   . ALA A 1 54 ? 15.548  0.323   -1.303  1.00 1.39  ? 54 ALA A CA   1 
ATOM 836  C C    . ALA A 1 54 ? 15.740  1.317   -0.154  1.00 1.38  ? 54 ALA A C    1 
ATOM 837  O O    . ALA A 1 54 ? 16.840  1.756   0.121   1.00 1.80  ? 54 ALA A O    1 
ATOM 838  C CB   . ALA A 1 54 ? 15.928  0.992   -2.624  1.00 1.46  ? 54 ALA A CB   1 
ATOM 839  H H    . ALA A 1 54 ? 13.425  0.537   -1.601  1.00 1.14  ? 54 ALA A H    1 
ATOM 840  H HA   . ALA A 1 54 ? 16.178  -0.538  -1.142  1.00 1.57  ? 54 ALA A HA   1 
ATOM 841  H HB1  . ALA A 1 54 ? 15.123  1.637   -2.946  1.00 1.74  ? 54 ALA A HB1  1 
ATOM 842  H HB2  . ALA A 1 54 ? 16.825  1.578   -2.487  1.00 1.57  ? 54 ALA A HB2  1 
ATOM 843  H HB3  . ALA A 1 54 ? 16.105  0.235   -3.373  1.00 2.03  ? 54 ALA A HB3  1 
ATOM 844  N N    . SER A 1 55 ? 14.681  1.677   0.518   1.00 1.20  ? 55 SER A N    1 
ATOM 845  C CA   . SER A 1 55 ? 14.803  2.640   1.646   1.00 1.22  ? 55 SER A CA   1 
ATOM 846  C C    . SER A 1 55 ? 13.421  3.195   1.990   1.00 1.03  ? 55 SER A C    1 
ATOM 847  O O    . SER A 1 55 ? 12.488  3.085   1.220   1.00 1.14  ? 55 SER A O    1 
ATOM 848  C CB   . SER A 1 55 ? 15.727  3.789   1.237   1.00 1.37  ? 55 SER A CB   1 
ATOM 849  O OG   . SER A 1 55 ? 16.904  3.751   2.033   1.00 1.86  ? 55 SER A OG   1 
ATOM 850  H H    . SER A 1 55 ? 13.802  1.313   0.282   1.00 1.32  ? 55 SER A H    1 
ATOM 851  H HA   . SER A 1 55 ? 15.214  2.137   2.508   1.00 1.34  ? 55 SER A HA   1 
ATOM 852  H HB2  . SER A 1 55 ? 15.996  3.686   0.200   1.00 1.78  ? 55 SER A HB2  1 
ATOM 853  H HB3  . SER A 1 55 ? 15.212  4.731   1.382   1.00 1.77  ? 55 SER A HB3  1 
ATOM 854  H HG   . SER A 1 55 ? 16.883  4.501   2.632   1.00 2.12  ? 55 SER A HG   1 
ATOM 855  N N    . ILE A 1 56 ? 13.280  3.792   3.143   1.00 1.03  ? 56 ILE A N    1 
ATOM 856  C CA   . ILE A 1 56 ? 11.957  4.353   3.536   1.00 0.92  ? 56 ILE A CA   1 
ATOM 857  C C    . ILE A 1 56 ? 11.343  5.092   2.344   1.00 0.81  ? 56 ILE A C    1 
ATOM 858  O O    . ILE A 1 56 ? 10.415  4.618   1.719   1.00 0.77  ? 56 ILE A O    1 
ATOM 859  C CB   . ILE A 1 56 ? 12.142  5.328   4.700   1.00 1.13  ? 56 ILE A CB   1 
ATOM 860  C CG1  . ILE A 1 56 ? 12.713  4.578   5.905   1.00 1.30  ? 56 ILE A CG1  1 
ATOM 861  C CG2  . ILE A 1 56 ? 10.790  5.939   5.074   1.00 1.11  ? 56 ILE A CG2  1 
ATOM 862  C CD1  . ILE A 1 56 ? 11.687  3.559   6.405   1.00 1.08  ? 56 ILE A CD1  1 
ATOM 863  H H    . ILE A 1 56 ? 14.046  3.870   3.749   1.00 1.26  ? 56 ILE A H    1 
ATOM 864  H HA   . ILE A 1 56 ? 11.301  3.551   3.838   1.00 0.84  ? 56 ILE A HA   1 
ATOM 865  H HB   . ILE A 1 56 ? 12.822  6.114   4.406   1.00 1.29  ? 56 ILE A HB   1 
ATOM 866  H HG12 . ILE A 1 56 ? 13.619  4.066   5.614   1.00 1.71  ? 56 ILE A HG12 1 
ATOM 867  H HG13 . ILE A 1 56 ? 12.933  5.281   6.695   1.00 1.58  ? 56 ILE A HG13 1 
ATOM 868  H HG21 . ILE A 1 56 ? 9.999   5.250   4.815   1.00 1.56  ? 56 ILE A HG21 1 
ATOM 869  H HG22 . ILE A 1 56 ? 10.765  6.133   6.136   1.00 1.51  ? 56 ILE A HG22 1 
ATOM 870  H HG23 . ILE A 1 56 ? 10.652  6.864   4.535   1.00 1.48  ? 56 ILE A HG23 1 
ATOM 871  H HD11 . ILE A 1 56 ? 10.706  4.010   6.415   1.00 1.49  ? 56 ILE A HD11 1 
ATOM 872  H HD12 . ILE A 1 56 ? 11.683  2.702   5.748   1.00 1.48  ? 56 ILE A HD12 1 
ATOM 873  H HD13 . ILE A 1 56 ? 11.949  3.245   7.405   1.00 1.54  ? 56 ILE A HD13 1 
ATOM 874  N N    . GLU A 1 57 ? 11.856  6.248   2.023   1.00 0.82  ? 57 GLU A N    1 
ATOM 875  C CA   . GLU A 1 57 ? 11.301  7.014   0.870   1.00 0.79  ? 57 GLU A CA   1 
ATOM 876  C C    . GLU A 1 57 ? 11.263  6.114   -0.367  1.00 0.70  ? 57 GLU A C    1 
ATOM 877  O O    . GLU A 1 57 ? 10.422  6.265   -1.230  1.00 0.67  ? 57 GLU A O    1 
ATOM 878  C CB   . GLU A 1 57 ? 12.189  8.228   0.590   1.00 0.89  ? 57 GLU A CB   1 
ATOM 879  C CG   . GLU A 1 57 ? 11.463  9.502   1.027   1.00 1.52  ? 57 GLU A CG   1 
ATOM 880  C CD   . GLU A 1 57 ? 12.386  10.708  0.835   1.00 2.01  ? 57 GLU A CD   1 
ATOM 881  O OE1  . GLU A 1 57 ? 13.521  10.635  1.275   1.00 2.69  ? 57 GLU A OE1  1 
ATOM 882  O OE2  . GLU A 1 57 ? 11.942  11.681  0.250   1.00 2.39  ? 57 GLU A OE2  1 
ATOM 883  H H    . GLU A 1 57 ? 12.605  6.613   2.538   1.00 0.87  ? 57 GLU A H    1 
ATOM 884  H HA   . GLU A 1 57 ? 10.300  7.345   1.106   1.00 0.83  ? 57 GLU A HA   1 
ATOM 885  H HB2  . GLU A 1 57 ? 13.113  8.133   1.141   1.00 1.35  ? 57 GLU A HB2  1 
ATOM 886  H HB3  . GLU A 1 57 ? 12.402  8.283   -0.466  1.00 1.21  ? 57 GLU A HB3  1 
ATOM 887  H HG2  . GLU A 1 57 ? 10.572  9.631   0.431   1.00 2.07  ? 57 GLU A HG2  1 
ATOM 888  H HG3  . GLU A 1 57 ? 11.191  9.423   2.070   1.00 2.07  ? 57 GLU A HG3  1 
ATOM 889  N N    . ALA A 1 58 ? 12.168  5.178   -0.458  1.00 0.71  ? 58 ALA A N    1 
ATOM 890  C CA   . ALA A 1 58 ? 12.183  4.270   -1.640  1.00 0.69  ? 58 ALA A CA   1 
ATOM 891  C C    . ALA A 1 58 ? 10.936  3.384   -1.618  1.00 0.58  ? 58 ALA A C    1 
ATOM 892  O O    . ALA A 1 58 ? 10.291  3.177   -2.627  1.00 0.53  ? 58 ALA A O    1 
ATOM 893  C CB   . ALA A 1 58 ? 13.435  3.390   -1.591  1.00 0.78  ? 58 ALA A CB   1 
ATOM 894  H H    . ALA A 1 58 ? 12.838  5.072   0.248   1.00 0.77  ? 58 ALA A H    1 
ATOM 895  H HA   . ALA A 1 58 ? 12.191  4.857   -2.546  1.00 0.72  ? 58 ALA A HA   1 
ATOM 896  H HB1  . ALA A 1 58 ? 13.844  3.402   -0.592  1.00 1.19  ? 58 ALA A HB1  1 
ATOM 897  H HB2  . ALA A 1 58 ? 13.174  2.378   -1.862  1.00 1.45  ? 58 ALA A HB2  1 
ATOM 898  H HB3  . ALA A 1 58 ? 14.169  3.771   -2.286  1.00 1.24  ? 58 ALA A HB3  1 
ATOM 899  N N    . ALA A 1 59 ? 10.591  2.858   -0.474  1.00 0.57  ? 59 ALA A N    1 
ATOM 900  C CA   . ALA A 1 59 ? 9.385   1.987   -0.391  1.00 0.50  ? 59 ALA A CA   1 
ATOM 901  C C    . ALA A 1 59 ? 8.155   2.785   -0.819  1.00 0.41  ? 59 ALA A C    1 
ATOM 902  O O    . ALA A 1 59 ? 7.346   2.332   -1.600  1.00 0.34  ? 59 ALA A O    1 
ATOM 903  C CB   . ALA A 1 59 ? 9.204   1.497   1.046   1.00 0.56  ? 59 ALA A CB   1 
ATOM 904  H H    . ALA A 1 59 ? 11.123  3.036   0.328   1.00 0.64  ? 59 ALA A H    1 
ATOM 905  H HA   . ALA A 1 59 ? 9.507   1.144   -1.047  1.00 0.53  ? 59 ALA A HA   1 
ATOM 906  H HB1  . ALA A 1 59 ? 9.698   2.178   1.724   1.00 1.11  ? 59 ALA A HB1  1 
ATOM 907  H HB2  . ALA A 1 59 ? 8.151   1.455   1.282   1.00 1.22  ? 59 ALA A HB2  1 
ATOM 908  H HB3  . ALA A 1 59 ? 9.635   0.512   1.148   1.00 1.17  ? 59 ALA A HB3  1 
ATOM 909  N N    . MET A 1 60 ? 8.022   3.973   -0.311  1.00 0.49  ? 60 MET A N    1 
ATOM 910  C CA   . MET A 1 60 ? 6.853   4.821   -0.677  1.00 0.48  ? 60 MET A CA   1 
ATOM 911  C C    . MET A 1 60 ? 6.854   5.054   -2.188  1.00 0.44  ? 60 MET A C    1 
ATOM 912  O O    . MET A 1 60 ? 5.817   5.137   -2.814  1.00 0.45  ? 60 MET A O    1 
ATOM 913  C CB   . MET A 1 60 ? 6.952   6.165   0.047   1.00 0.65  ? 60 MET A CB   1 
ATOM 914  C CG   . MET A 1 60 ? 5.556   6.775   0.186   1.00 1.18  ? 60 MET A CG   1 
ATOM 915  S SD   . MET A 1 60 ? 5.616   8.529   -0.253  1.00 1.69  ? 60 MET A SD   1 
ATOM 916  C CE   . MET A 1 60 ? 5.822   9.176   1.424   1.00 1.81  ? 60 MET A CE   1 
ATOM 917  H H    . MET A 1 60 ? 8.693   4.307   0.310   1.00 0.58  ? 60 MET A H    1 
ATOM 918  H HA   . MET A 1 60 ? 5.940   4.322   -0.389  1.00 0.44  ? 60 MET A HA   1 
ATOM 919  H HB2  . MET A 1 60 ? 7.380   6.015   1.027   1.00 1.29  ? 60 MET A HB2  1 
ATOM 920  H HB3  . MET A 1 60 ? 7.579   6.836   -0.522  1.00 1.34  ? 60 MET A HB3  1 
ATOM 921  H HG2  . MET A 1 60 ? 4.872   6.261   -0.473  1.00 1.89  ? 60 MET A HG2  1 
ATOM 922  H HG3  . MET A 1 60 ? 5.218   6.670   1.207   1.00 1.82  ? 60 MET A HG3  1 
ATOM 923  H HE1  . MET A 1 60 ? 6.186   8.394   2.071   1.00 2.25  ? 60 MET A HE1  1 
ATOM 924  H HE2  . MET A 1 60 ? 6.534   9.991   1.410   1.00 2.19  ? 60 MET A HE2  1 
ATOM 925  H HE3  . MET A 1 60 ? 4.868   9.530   1.792   1.00 2.19  ? 60 MET A HE3  1 
ATOM 926  N N    . ARG A 1 61 ? 8.013   5.155   -2.781  1.00 0.49  ? 61 ARG A N    1 
ATOM 927  C CA   . ARG A 1 61 ? 8.075   5.374   -4.253  1.00 0.53  ? 61 ARG A CA   1 
ATOM 928  C C    . ARG A 1 61 ? 7.367   4.217   -4.958  1.00 0.46  ? 61 ARG A C    1 
ATOM 929  O O    . ARG A 1 61 ? 6.365   4.399   -5.619  1.00 0.50  ? 61 ARG A O    1 
ATOM 930  C CB   . ARG A 1 61 ? 9.537   5.429   -4.701  1.00 0.63  ? 61 ARG A CB   1 
ATOM 931  C CG   . ARG A 1 61 ? 9.737   6.611   -5.652  1.00 0.99  ? 61 ARG A CG   1 
ATOM 932  C CD   . ARG A 1 61 ? 11.224  6.959   -5.730  1.00 1.62  ? 61 ARG A CD   1 
ATOM 933  N NE   . ARG A 1 61 ? 11.380  8.382   -6.146  1.00 2.17  ? 61 ARG A NE   1 
ATOM 934  C CZ   . ARG A 1 61 ? 11.653  8.672   -7.389  1.00 2.75  ? 61 ARG A CZ   1 
ATOM 935  N NH1  . ARG A 1 61 ? 10.691  8.761   -8.265  1.00 3.20  ? 61 ARG A NH1  1 
ATOM 936  N NH2  . ARG A 1 61 ? 12.889  8.874   -7.754  1.00 3.42  ? 61 ARG A NH2  1 
ATOM 937  H H    . ARG A 1 61 ? 8.840   5.080   -2.261  1.00 0.55  ? 61 ARG A H    1 
ATOM 938  H HA   . ARG A 1 61 ? 7.585   6.304   -4.501  1.00 0.60  ? 61 ARG A HA   1 
ATOM 939  H HB2  . ARG A 1 61 ? 10.174  5.552   -3.836  1.00 0.90  ? 61 ARG A HB2  1 
ATOM 940  H HB3  . ARG A 1 61 ? 9.793   4.513   -5.210  1.00 0.73  ? 61 ARG A HB3  1 
ATOM 941  H HG2  . ARG A 1 61 ? 9.376   6.346   -6.635  1.00 1.50  ? 61 ARG A HG2  1 
ATOM 942  H HG3  . ARG A 1 61 ? 9.187   7.465   -5.285  1.00 1.53  ? 61 ARG A HG3  1 
ATOM 943  H HD2  . ARG A 1 61 ? 11.678  6.816   -4.761  1.00 2.22  ? 61 ARG A HD2  1 
ATOM 944  H HD3  . ARG A 1 61 ? 11.706  6.318   -6.452  1.00 2.03  ? 61 ARG A HD3  1 
ATOM 945  H HE   . ARG A 1 61 ? 11.276  9.099   -5.486  1.00 2.55  ? 61 ARG A HE   1 
ATOM 946  H HH11 . ARG A 1 61 ? 9.743   8.607   -7.984  1.00 3.25  ? 61 ARG A HH11 1 
ATOM 947  H HH12 . ARG A 1 61 ? 10.900  8.983   -9.217  1.00 3.84  ? 61 ARG A HH12 1 
ATOM 948  H HH21 . ARG A 1 61 ? 13.627  8.805   -7.082  1.00 3.62  ? 61 ARG A HH21 1 
ATOM 949  H HH22 . ARG A 1 61 ? 13.099  9.096   -8.706  1.00 4.03  ? 61 ARG A HH22 1 
ATOM 950  N N    . MET A 1 62 ? 7.879   3.025   -4.816  1.00 0.44  ? 62 MET A N    1 
ATOM 951  C CA   . MET A 1 62 ? 7.230   1.854   -5.470  1.00 0.49  ? 62 MET A CA   1 
ATOM 952  C C    . MET A 1 62 ? 5.899   1.562   -4.773  1.00 0.45  ? 62 MET A C    1 
ATOM 953  O O    . MET A 1 62 ? 4.957   1.096   -5.381  1.00 0.65  ? 62 MET A O    1 
ATOM 954  C CB   . MET A 1 62 ? 8.145   0.633   -5.358  1.00 0.58  ? 62 MET A CB   1 
ATOM 955  C CG   . MET A 1 62 ? 8.599   0.206   -6.754  1.00 1.31  ? 62 MET A CG   1 
ATOM 956  S SD   . MET A 1 62 ? 10.383  -0.100  -6.742  1.00 1.83  ? 62 MET A SD   1 
ATOM 957  C CE   . MET A 1 62 ? 10.375  -1.438  -5.523  1.00 1.47  ? 62 MET A CE   1 
ATOM 958  H H    . MET A 1 62 ? 8.685   2.899   -4.273  1.00 0.46  ? 62 MET A H    1 
ATOM 959  H HA   . MET A 1 62 ? 7.050   2.077   -6.512  1.00 0.57  ? 62 MET A HA   1 
ATOM 960  H HB2  . MET A 1 62 ? 9.008   0.885   -4.759  1.00 1.21  ? 62 MET A HB2  1 
ATOM 961  H HB3  . MET A 1 62 ? 7.607   -0.178  -4.893  1.00 1.18  ? 62 MET A HB3  1 
ATOM 962  H HG2  . MET A 1 62 ? 8.081   -0.699  -7.040  1.00 1.88  ? 62 MET A HG2  1 
ATOM 963  H HG3  . MET A 1 62 ? 8.373   0.989   -7.463  1.00 1.93  ? 62 MET A HG3  1 
ATOM 964  H HE1  . MET A 1 62 ? 9.733   -1.166  -4.696  1.00 1.72  ? 62 MET A HE1  1 
ATOM 965  H HE2  . MET A 1 62 ? 10.007  -2.341  -5.981  1.00 1.82  ? 62 MET A HE2  1 
ATOM 966  H HE3  . MET A 1 62 ? 11.382  -1.602  -5.164  1.00 1.87  ? 62 MET A HE3  1 
ATOM 967  N N    . ILE A 1 63 ? 5.818   1.835   -3.499  1.00 0.31  ? 63 ILE A N    1 
ATOM 968  C CA   . ILE A 1 63 ? 4.552   1.576   -2.757  1.00 0.29  ? 63 ILE A CA   1 
ATOM 969  C C    . ILE A 1 63 ? 3.462   2.523   -3.270  1.00 0.27  ? 63 ILE A C    1 
ATOM 970  O O    . ILE A 1 63 ? 2.351   2.116   -3.544  1.00 0.28  ? 63 ILE A O    1 
ATOM 971  C CB   . ILE A 1 63 ? 4.783   1.811   -1.260  1.00 0.33  ? 63 ILE A CB   1 
ATOM 972  C CG1  . ILE A 1 63 ? 5.559   0.629   -0.674  1.00 0.41  ? 63 ILE A CG1  1 
ATOM 973  C CG2  . ILE A 1 63 ? 3.437   1.935   -0.540  1.00 0.40  ? 63 ILE A CG2  1 
ATOM 974  C CD1  . ILE A 1 63 ? 4.683   -0.623  -0.704  1.00 0.60  ? 63 ILE A CD1  1 
ATOM 975  H H    . ILE A 1 63 ? 6.591   2.211   -3.029  1.00 0.39  ? 63 ILE A H    1 
ATOM 976  H HA   . ILE A 1 63 ? 4.244   0.554   -2.918  1.00 0.34  ? 63 ILE A HA   1 
ATOM 977  H HB   . ILE A 1 63 ? 5.351   2.721   -1.120  1.00 0.34  ? 63 ILE A HB   1 
ATOM 978  H HG12 . ILE A 1 63 ? 6.452   0.460   -1.259  1.00 0.73  ? 63 ILE A HG12 1 
ATOM 979  H HG13 . ILE A 1 63 ? 5.835   0.850   0.347   1.00 0.77  ? 63 ILE A HG13 1 
ATOM 980  H HG21 . ILE A 1 63 ? 2.777   1.148   -0.875  1.00 1.19  ? 63 ILE A HG21 1 
ATOM 981  H HG22 . ILE A 1 63 ? 3.589   1.849   0.525   1.00 1.02  ? 63 ILE A HG22 1 
ATOM 982  H HG23 . ILE A 1 63 ? 2.996   2.895   -0.764  1.00 0.98  ? 63 ILE A HG23 1 
ATOM 983  H HD11 . ILE A 1 63 ? 3.868   -0.477  -1.398  1.00 1.21  ? 63 ILE A HD11 1 
ATOM 984  H HD12 . ILE A 1 63 ? 5.275   -1.470  -1.019  1.00 1.28  ? 63 ILE A HD12 1 
ATOM 985  H HD13 . ILE A 1 63 ? 4.286   -0.809  0.283   1.00 1.23  ? 63 ILE A HD13 1 
ATOM 986  N N    . GLU A 1 64 ? 3.773   3.784   -3.403  1.00 0.32  ? 64 GLU A N    1 
ATOM 987  C CA   . GLU A 1 64 ? 2.756   4.754   -3.898  1.00 0.36  ? 64 GLU A CA   1 
ATOM 988  C C    . GLU A 1 64 ? 2.335   4.372   -5.320  1.00 0.35  ? 64 GLU A C    1 
ATOM 989  O O    . GLU A 1 64 ? 1.193   4.047   -5.573  1.00 0.38  ? 64 GLU A O    1 
ATOM 990  C CB   . GLU A 1 64 ? 3.355   6.162   -3.905  1.00 0.49  ? 64 GLU A CB   1 
ATOM 991  C CG   . GLU A 1 64 ? 2.228   7.196   -3.867  1.00 0.92  ? 64 GLU A CG   1 
ATOM 992  C CD   . GLU A 1 64 ? 2.747   8.535   -4.396  1.00 1.41  ? 64 GLU A CD   1 
ATOM 993  O OE1  . GLU A 1 64 ? 3.121   8.586   -5.556  1.00 2.10  ? 64 GLU A OE1  1 
ATOM 994  O OE2  . GLU A 1 64 ? 2.762   9.486   -3.632  1.00 1.88  ? 64 GLU A OE2  1 
ATOM 995  H H    . GLU A 1 64 ? 4.675   4.091   -3.178  1.00 0.38  ? 64 GLU A H    1 
ATOM 996  H HA   . GLU A 1 64 ? 1.892   4.733   -3.250  1.00 0.37  ? 64 GLU A HA   1 
ATOM 997  H HB2  . GLU A 1 64 ? 3.989   6.286   -3.039  1.00 1.03  ? 64 GLU A HB2  1 
ATOM 998  H HB3  . GLU A 1 64 ? 3.939   6.301   -4.802  1.00 0.84  ? 64 GLU A HB3  1 
ATOM 999  H HG2  . GLU A 1 64 ? 1.409   6.858   -4.484  1.00 1.35  ? 64 GLU A HG2  1 
ATOM 1000 H HG3  . GLU A 1 64 ? 1.889   7.321   -2.850  1.00 1.43  ? 64 GLU A HG3  1 
ATOM 1001 N N    . GLY A 1 65 ? 3.251   4.411   -6.249  1.00 0.42  ? 65 GLY A N    1 
ATOM 1002 C CA   . GLY A 1 65 ? 2.905   4.050   -7.653  1.00 0.48  ? 65 GLY A CA   1 
ATOM 1003 C C    . GLY A 1 65 ? 2.032   2.794   -7.657  1.00 0.44  ? 65 GLY A C    1 
ATOM 1004 O O    . GLY A 1 65 ? 1.053   2.708   -8.370  1.00 0.55  ? 65 GLY A O    1 
ATOM 1005 H H    . GLY A 1 65 ? 4.167   4.676   -6.024  1.00 0.47  ? 65 GLY A H    1 
ATOM 1006 H HA2  . GLY A 1 65 ? 2.364   4.867   -8.111  1.00 0.55  ? 65 GLY A HA2  1 
ATOM 1007 H HA3  . GLY A 1 65 ? 3.808   3.858   -8.210  1.00 0.54  ? 65 GLY A HA3  1 
ATOM 1008 N N    . THR A 1 66 ? 2.378   1.819   -6.861  1.00 0.35  ? 66 THR A N    1 
ATOM 1009 C CA   . THR A 1 66 ? 1.567   0.570   -6.817  1.00 0.38  ? 66 THR A CA   1 
ATOM 1010 C C    . THR A 1 66 ? 0.144   0.904   -6.365  1.00 0.36  ? 66 THR A C    1 
ATOM 1011 O O    . THR A 1 66 ? -0.822  0.390   -6.891  1.00 0.42  ? 66 THR A O    1 
ATOM 1012 C CB   . THR A 1 66 ? 2.201   -0.413  -5.830  1.00 0.40  ? 66 THR A CB   1 
ATOM 1013 O OG1  . THR A 1 66 ? 3.566   -0.609  -6.169  1.00 0.52  ? 66 THR A OG1  1 
ATOM 1014 C CG2  . THR A 1 66 ? 1.461   -1.749  -5.892  1.00 0.52  ? 66 THR A CG2  1 
ATOM 1015 H H    . THR A 1 66 ? 3.171   1.909   -6.292  1.00 0.35  ? 66 THR A H    1 
ATOM 1016 H HA   . THR A 1 66 ? 1.537   0.125   -7.800  1.00 0.46  ? 66 THR A HA   1 
ATOM 1017 H HB   . THR A 1 66 ? 2.130   -0.014  -4.829  1.00 0.36  ? 66 THR A HB   1 
ATOM 1018 H HG1  . THR A 1 66 ? 3.958   -1.181  -5.505  1.00 0.98  ? 66 THR A HG1  1 
ATOM 1019 H HG21 . THR A 1 66 ? 1.151   -1.942  -6.909  1.00 1.20  ? 66 THR A HG21 1 
ATOM 1020 H HG22 . THR A 1 66 ? 2.116   -2.540  -5.559  1.00 1.16  ? 66 THR A HG22 1 
ATOM 1021 H HG23 . THR A 1 66 ? 0.591   -1.709  -5.252  1.00 1.12  ? 66 THR A HG23 1 
ATOM 1022 N N    . ALA A 1 67 ? 0.009   1.766   -5.394  1.00 0.31  ? 67 ALA A N    1 
ATOM 1023 C CA   . ALA A 1 67 ? -1.350  2.137   -4.909  1.00 0.33  ? 67 ALA A CA   1 
ATOM 1024 C C    . ALA A 1 67 ? -2.194  2.629   -6.085  1.00 0.37  ? 67 ALA A C    1 
ATOM 1025 O O    . ALA A 1 67 ? -3.373  2.352   -6.174  1.00 0.37  ? 67 ALA A O    1 
ATOM 1026 C CB   . ALA A 1 67 ? -1.232  3.253   -3.868  1.00 0.34  ? 67 ALA A CB   1 
ATOM 1027 H H    . ALA A 1 67 ? 0.802   2.171   -4.985  1.00 0.29  ? 67 ALA A H    1 
ATOM 1028 H HA   . ALA A 1 67 ? -1.822  1.275   -4.461  1.00 0.36  ? 67 ALA A HA   1 
ATOM 1029 H HB1  . ALA A 1 67 ? -0.268  3.731   -3.962  1.00 0.99  ? 67 ALA A HB1  1 
ATOM 1030 H HB2  . ALA A 1 67 ? -2.013  3.980   -4.032  1.00 1.05  ? 67 ALA A HB2  1 
ATOM 1031 H HB3  . ALA A 1 67 ? -1.331  2.833   -2.879  1.00 1.17  ? 67 ALA A HB3  1 
ATOM 1032 N N    . ARG A 1 68 ? -1.599  3.362   -6.984  1.00 0.47  ? 68 ARG A N    1 
ATOM 1033 C CA   . ARG A 1 68 ? -2.366  3.877   -8.154  1.00 0.57  ? 68 ARG A CA   1 
ATOM 1034 C C    . ARG A 1 68 ? -2.917  2.705   -8.971  1.00 0.62  ? 68 ARG A C    1 
ATOM 1035 O O    . ARG A 1 68 ? -3.749  2.882   -9.839  1.00 0.67  ? 68 ARG A O    1 
ATOM 1036 C CB   . ARG A 1 68 ? -1.447  4.726   -9.034  1.00 0.72  ? 68 ARG A CB   1 
ATOM 1037 C CG   . ARG A 1 68 ? -1.642  6.206   -8.700  1.00 1.24  ? 68 ARG A CG   1 
ATOM 1038 C CD   . ARG A 1 68 ? -0.626  7.044   -9.476  1.00 1.75  ? 68 ARG A CD   1 
ATOM 1039 N NE   . ARG A 1 68 ? -1.151  8.427   -9.649  1.00 2.36  ? 68 ARG A NE   1 
ATOM 1040 C CZ   . ARG A 1 68 ? -1.176  8.972   -10.834 1.00 3.04  ? 68 ARG A CZ   1 
ATOM 1041 N NH1  . ARG A 1 68 ? -0.060  9.209   -11.468 1.00 3.62  ? 68 ARG A NH1  1 
ATOM 1042 N NH2  . ARG A 1 68 ? -2.318  9.280   -11.386 1.00 3.65  ? 68 ARG A NH2  1 
ATOM 1043 H H    . ARG A 1 68 ? -0.647  3.577   -6.891  1.00 0.52  ? 68 ARG A H    1 
ATOM 1044 H HA   . ARG A 1 68 ? -3.187  4.484   -7.801  1.00 0.54  ? 68 ARG A HA   1 
ATOM 1045 H HB2  . ARG A 1 68 ? -0.418  4.447   -8.853  1.00 1.29  ? 68 ARG A HB2  1 
ATOM 1046 H HB3  . ARG A 1 68 ? -1.688  4.558   -10.073 1.00 1.22  ? 68 ARG A HB3  1 
ATOM 1047 H HG2  . ARG A 1 68 ? -2.643  6.507   -8.974  1.00 1.84  ? 68 ARG A HG2  1 
ATOM 1048 H HG3  . ARG A 1 68 ? -1.498  6.358   -7.640  1.00 1.90  ? 68 ARG A HG3  1 
ATOM 1049 H HD2  . ARG A 1 68 ? 0.305   7.078   -8.929  1.00 2.25  ? 68 ARG A HD2  1 
ATOM 1050 H HD3  . ARG A 1 68 ? -0.457  6.599   -10.445 1.00 2.18  ? 68 ARG A HD3  1 
ATOM 1051 H HE   . ARG A 1 68 ? -1.477  8.928   -8.872  1.00 2.71  ? 68 ARG A HE   1 
ATOM 1052 H HH11 . ARG A 1 68 ? 0.815   8.973   -11.045 1.00 3.68  ? 68 ARG A HH11 1 
ATOM 1053 H HH12 . ARG A 1 68 ? -0.080  9.626   -12.377 1.00 4.30  ? 68 ARG A HH12 1 
ATOM 1054 H HH21 . ARG A 1 68 ? -3.174  9.098   -10.901 1.00 3.74  ? 68 ARG A HH21 1 
ATOM 1055 H HH22 . ARG A 1 68 ? -2.338  9.697   -12.295 1.00 4.32  ? 68 ARG A HH22 1 
ATOM 1056 N N    . SER A 1 69 ? -2.464  1.509   -8.706  1.00 0.67  ? 69 SER A N    1 
ATOM 1057 C CA   . SER A 1 69 ? -2.970  0.338   -9.474  1.00 0.81  ? 69 SER A CA   1 
ATOM 1058 C C    . SER A 1 69 ? -4.391  0.011   -9.012  1.00 0.73  ? 69 SER A C    1 
ATOM 1059 O O    . SER A 1 69 ? -5.158  -0.614  -9.718  1.00 0.83  ? 69 SER A O    1 
ATOM 1060 C CB   . SER A 1 69 ? -2.063  -0.867  -9.226  1.00 1.01  ? 69 SER A CB   1 
ATOM 1061 O OG   . SER A 1 69 ? -1.856  -1.560  -10.450 1.00 1.67  ? 69 SER A OG   1 
ATOM 1062 H H    . SER A 1 69 ? -1.792  1.383   -8.005  1.00 0.67  ? 69 SER A H    1 
ATOM 1063 H HA   . SER A 1 69 ? -2.979  0.573   -10.529 1.00 0.90  ? 69 SER A HA   1 
ATOM 1064 H HB2  . SER A 1 69 ? -1.113  -0.532  -8.844  1.00 1.38  ? 69 SER A HB2  1 
ATOM 1065 H HB3  . SER A 1 69 ? -2.528  -1.523  -8.502  1.00 1.42  ? 69 SER A HB3  1 
ATOM 1066 H HG   . SER A 1 69 ? -0.929  -1.477  -10.685 1.00 2.05  ? 69 SER A HG   1 
ATOM 1067 N N    . MET A 1 70 ? -4.750  0.437   -7.832  1.00 0.61  ? 70 MET A N    1 
ATOM 1068 C CA   . MET A 1 70 ? -6.121  0.163   -7.323  1.00 0.65  ? 70 MET A CA   1 
ATOM 1069 C C    . MET A 1 70 ? -6.819  1.492   -7.027  1.00 0.58  ? 70 MET A C    1 
ATOM 1070 O O    . MET A 1 70 ? -7.642  1.956   -7.789  1.00 0.76  ? 70 MET A O    1 
ATOM 1071 C CB   . MET A 1 70 ? -6.036  -0.667  -6.040  1.00 0.75  ? 70 MET A CB   1 
ATOM 1072 C CG   . MET A 1 70 ? -5.382  -2.016  -6.347  1.00 0.79  ? 70 MET A CG   1 
ATOM 1073 S SD   . MET A 1 70 ? -6.649  -3.309  -6.360  1.00 1.34  ? 70 MET A SD   1 
ATOM 1074 C CE   . MET A 1 70 ? -5.654  -4.608  -5.585  1.00 1.56  ? 70 MET A CE   1 
ATOM 1075 H H    . MET A 1 70 ? -4.116  0.945   -7.283  1.00 0.55  ? 70 MET A H    1 
ATOM 1076 H HA   . MET A 1 70 ? -6.683  -0.381  -8.069  1.00 0.77  ? 70 MET A HA   1 
ATOM 1077 H HB2  . MET A 1 70 ? -5.441  -0.137  -5.308  1.00 0.88  ? 70 MET A HB2  1 
ATOM 1078 H HB3  . MET A 1 70 ? -7.028  -0.830  -5.649  1.00 0.81  ? 70 MET A HB3  1 
ATOM 1079 H HG2  . MET A 1 70 ? -4.903  -1.972  -7.315  1.00 1.19  ? 70 MET A HG2  1 
ATOM 1080 H HG3  . MET A 1 70 ? -4.646  -2.240  -5.591  1.00 1.18  ? 70 MET A HG3  1 
ATOM 1081 H HE1  . MET A 1 70 ? -4.672  -4.224  -5.360  1.00 2.15  ? 70 MET A HE1  1 
ATOM 1082 H HE2  . MET A 1 70 ? -6.132  -4.928  -4.670  1.00 1.90  ? 70 MET A HE2  1 
ATOM 1083 H HE3  . MET A 1 70 ? -5.565  -5.445  -6.264  1.00 1.98  ? 70 MET A HE3  1 
ATOM 1084 N N    . GLY A 1 71 ? -6.489  2.110   -5.926  1.00 0.62  ? 71 GLY A N    1 
ATOM 1085 C CA   . GLY A 1 71 ? -7.127  3.414   -5.583  1.00 0.78  ? 71 GLY A CA   1 
ATOM 1086 C C    . GLY A 1 71 ? -6.632  3.893   -4.216  1.00 0.73  ? 71 GLY A C    1 
ATOM 1087 O O    . GLY A 1 71 ? -7.334  4.576   -3.497  1.00 1.11  ? 71 GLY A O    1 
ATOM 1088 H H    . GLY A 1 71 ? -5.820  1.718   -5.328  1.00 0.74  ? 71 GLY A H    1 
ATOM 1089 H HA2  . GLY A 1 71 ? -6.873  4.146   -6.336  1.00 0.86  ? 71 GLY A HA2  1 
ATOM 1090 H HA3  . GLY A 1 71 ? -8.200  3.291   -5.549  1.00 0.93  ? 71 GLY A HA3  1 
ATOM 1091 N N    . ILE A 1 72 ? -5.427  3.545   -3.853  1.00 0.48  ? 72 ILE A N    1 
ATOM 1092 C CA   . ILE A 1 72 ? -4.890  3.987   -2.535  1.00 0.46  ? 72 ILE A CA   1 
ATOM 1093 C C    . ILE A 1 72 ? -4.143  5.311   -2.709  1.00 0.43  ? 72 ILE A C    1 
ATOM 1094 O O    . ILE A 1 72 ? -2.929  5.350   -2.730  1.00 0.66  ? 72 ILE A O    1 
ATOM 1095 C CB   . ILE A 1 72 ? -3.934  2.925   -1.992  1.00 0.47  ? 72 ILE A CB   1 
ATOM 1096 C CG1  . ILE A 1 72 ? -4.724  1.663   -1.640  1.00 0.64  ? 72 ILE A CG1  1 
ATOM 1097 C CG2  . ILE A 1 72 ? -3.237  3.456   -0.738  1.00 0.58  ? 72 ILE A CG2  1 
ATOM 1098 C CD1  . ILE A 1 72 ? -4.798  0.748   -2.864  1.00 0.82  ? 72 ILE A CD1  1 
ATOM 1099 H H    . ILE A 1 72 ? -4.872  3.001   -4.449  1.00 0.62  ? 72 ILE A H    1 
ATOM 1100 H HA   . ILE A 1 72 ? -5.707  4.124   -1.842  1.00 0.49  ? 72 ILE A HA   1 
ATOM 1101 H HB   . ILE A 1 72 ? -3.194  2.690   -2.742  1.00 0.51  ? 72 ILE A HB   1 
ATOM 1102 H HG12 . ILE A 1 72 ? -4.231  1.144   -0.832  1.00 1.08  ? 72 ILE A HG12 1 
ATOM 1103 H HG13 . ILE A 1 72 ? -5.724  1.936   -1.336  1.00 1.15  ? 72 ILE A HG13 1 
ATOM 1104 H HG21 . ILE A 1 72 ? -3.909  4.109   -0.203  1.00 1.12  ? 72 ILE A HG21 1 
ATOM 1105 H HG22 . ILE A 1 72 ? -2.959  2.628   -0.104  1.00 1.18  ? 72 ILE A HG22 1 
ATOM 1106 H HG23 . ILE A 1 72 ? -2.352  4.005   -1.023  1.00 1.28  ? 72 ILE A HG23 1 
ATOM 1107 H HD11 . ILE A 1 72 ? -4.511  1.303   -3.746  1.00 1.36  ? 72 ILE A HD11 1 
ATOM 1108 H HD12 . ILE A 1 72 ? -4.127  -0.087  -2.731  1.00 1.37  ? 72 ILE A HD12 1 
ATOM 1109 H HD13 . ILE A 1 72 ? -5.807  0.384   -2.982  1.00 1.48  ? 72 ILE A HD13 1 
ATOM 1110 N N    . VAL A 1 73 ? -4.855  6.395   -2.841  1.00 0.32  ? 73 VAL A N    1 
ATOM 1111 C CA   . VAL A 1 73 ? -4.182  7.708   -3.018  1.00 0.33  ? 73 VAL A CA   1 
ATOM 1112 C C    . VAL A 1 73 ? -3.336  8.020   -1.784  1.00 0.30  ? 73 VAL A C    1 
ATOM 1113 O O    . VAL A 1 73 ? -3.508  7.434   -0.734  1.00 0.38  ? 73 VAL A O    1 
ATOM 1114 C CB   . VAL A 1 73 ? -5.237  8.798   -3.207  1.00 0.42  ? 73 VAL A CB   1 
ATOM 1115 C CG1  . VAL A 1 73 ? -4.547  10.149  -3.400  1.00 0.53  ? 73 VAL A CG1  1 
ATOM 1116 C CG2  . VAL A 1 73 ? -6.078  8.474   -4.442  1.00 0.46  ? 73 VAL A CG2  1 
ATOM 1117 H H    . VAL A 1 73 ? -5.831  6.346   -2.825  1.00 0.40  ? 73 VAL A H    1 
ATOM 1118 H HA   . VAL A 1 73 ? -3.546  7.670   -3.889  1.00 0.36  ? 73 VAL A HA   1 
ATOM 1119 H HB   . VAL A 1 73 ? -5.873  8.838   -2.335  1.00 0.47  ? 73 VAL A HB   1 
ATOM 1120 H HG11 . VAL A 1 73 ? -3.648  10.016  -3.983  1.00 1.21  ? 73 VAL A HG11 1 
ATOM 1121 H HG12 . VAL A 1 73 ? -5.215  10.824  -3.917  1.00 1.15  ? 73 VAL A HG12 1 
ATOM 1122 H HG13 . VAL A 1 73 ? -4.293  10.564  -2.436  1.00 1.12  ? 73 VAL A HG13 1 
ATOM 1123 H HG21 . VAL A 1 73 ? -5.461  7.982   -5.179  1.00 1.11  ? 73 VAL A HG21 1 
ATOM 1124 H HG22 . VAL A 1 73 ? -6.893  7.822   -4.163  1.00 1.11  ? 73 VAL A HG22 1 
ATOM 1125 H HG23 . VAL A 1 73 ? -6.475  9.388   -4.858  1.00 1.13  ? 73 VAL A HG23 1 
ATOM 1126 N N    . VAL A 1 74 ? -2.423  8.940   -1.909  1.00 0.37  ? 74 VAL A N    1 
ATOM 1127 C CA   . VAL A 1 74 ? -1.557  9.295   -0.750  1.00 0.37  ? 74 VAL A CA   1 
ATOM 1128 C C    . VAL A 1 74 ? -1.259  10.794  -0.777  1.00 0.44  ? 74 VAL A C    1 
ATOM 1129 O O    . VAL A 1 74 ? -0.601  11.293  -1.668  1.00 0.54  ? 74 VAL A O    1 
ATOM 1130 C CB   . VAL A 1 74 ? -0.243  8.516   -0.831  1.00 0.42  ? 74 VAL A CB   1 
ATOM 1131 C CG1  . VAL A 1 74 ? 0.320   8.316   0.576   1.00 0.51  ? 74 VAL A CG1  1 
ATOM 1132 C CG2  . VAL A 1 74 ? -0.497  7.151   -1.476  1.00 0.50  ? 74 VAL A CG2  1 
ATOM 1133 H H    . VAL A 1 74 ? -2.305  9.395   -2.768  1.00 0.49  ? 74 VAL A H    1 
ATOM 1134 H HA   . VAL A 1 74 ? -2.065  9.048   0.168   1.00 0.38  ? 74 VAL A HA   1 
ATOM 1135 H HB   . VAL A 1 74 ? 0.466   9.072   -1.426  1.00 0.50  ? 74 VAL A HB   1 
ATOM 1136 H HG11 . VAL A 1 74 ? 0.449   9.277   1.052   1.00 1.16  ? 74 VAL A HG11 1 
ATOM 1137 H HG12 . VAL A 1 74 ? -0.365  7.716   1.157   1.00 1.03  ? 74 VAL A HG12 1 
ATOM 1138 H HG13 . VAL A 1 74 ? 1.274   7.815   0.515   1.00 1.25  ? 74 VAL A HG13 1 
ATOM 1139 H HG21 . VAL A 1 74 ? -1.006  7.286   -2.418  1.00 1.12  ? 74 VAL A HG21 1 
ATOM 1140 H HG22 . VAL A 1 74 ? 0.446   6.651   -1.644  1.00 1.27  ? 74 VAL A HG22 1 
ATOM 1141 H HG23 . VAL A 1 74 ? -1.109  6.551   -0.818  1.00 1.05  ? 74 VAL A HG23 1 
ATOM 1142 N N    . GLU A 1 75 ? -1.740  11.517  0.196   1.00 0.50  ? 75 GLU A N    1 
ATOM 1143 C CA   . GLU A 1 75 ? -1.488  12.985  0.230   1.00 0.63  ? 75 GLU A CA   1 
ATOM 1144 C C    . GLU A 1 75 ? -0.505  13.307  1.356   1.00 0.76  ? 75 GLU A C    1 
ATOM 1145 O O    . GLU A 1 75 ? -0.446  12.621  2.357   1.00 1.15  ? 75 GLU A O    1 
ATOM 1146 C CB   . GLU A 1 75 ? -2.805  13.724  0.477   1.00 0.79  ? 75 GLU A CB   1 
ATOM 1147 C CG   . GLU A 1 75 ? -3.450  14.080  -0.864  1.00 1.37  ? 75 GLU A CG   1 
ATOM 1148 C CD   . GLU A 1 75 ? -4.691  14.940  -0.622  1.00 1.78  ? 75 GLU A CD   1 
ATOM 1149 O OE1  . GLU A 1 75 ? -4.567  15.948  0.054   1.00 2.41  ? 75 GLU A OE1  1 
ATOM 1150 O OE2  . GLU A 1 75 ? -5.746  14.577  -1.116  1.00 2.16  ? 75 GLU A OE2  1 
ATOM 1151 H H    . GLU A 1 75 ? -2.269  11.093  0.905   1.00 0.52  ? 75 GLU A H    1 
ATOM 1152 H HA   . GLU A 1 75 ? -1.070  13.301  -0.714  1.00 0.68  ? 75 GLU A HA   1 
ATOM 1153 H HB2  . GLU A 1 75 ? -3.473  13.089  1.042   1.00 1.15  ? 75 GLU A HB2  1 
ATOM 1154 H HB3  . GLU A 1 75 ? -2.612  14.630  1.032   1.00 1.15  ? 75 GLU A HB3  1 
ATOM 1155 H HG2  . GLU A 1 75 ? -2.744  14.628  -1.470  1.00 1.87  ? 75 GLU A HG2  1 
ATOM 1156 H HG3  . GLU A 1 75 ? -3.737  13.173  -1.377  1.00 1.90  ? 75 GLU A HG3  1 
ATOM 1157 N N    . ASP A 1 76 ? 0.270   14.347  1.201   1.00 0.93  ? 76 ASP A N    1 
ATOM 1158 C CA   . ASP A 1 76 ? 1.249   14.711  2.265   1.00 1.11  ? 76 ASP A CA   1 
ATOM 1159 C C    . ASP A 1 76 ? 0.511   15.360  3.436   1.00 1.62  ? 76 ASP A C    1 
ATOM 1160 O O    . ASP A 1 76 ? -0.057  16.421  3.238   1.00 2.06  ? 76 ASP A O    1 
ATOM 1161 C CB   . ASP A 1 76 ? 2.274   15.696  1.698   1.00 1.91  ? 76 ASP A CB   1 
ATOM 1162 C CG   . ASP A 1 76 ? 3.679   15.107  1.835   1.00 2.46  ? 76 ASP A CG   1 
ATOM 1163 O OD1  . ASP A 1 76 ? 4.065   14.339  0.969   1.00 3.03  ? 76 ASP A OD1  1 
ATOM 1164 O OD2  . ASP A 1 76 ? 4.345   15.434  2.803   1.00 3.00  ? 76 ASP A OD2  1 
ATOM 1165 O OXT  . ASP A 1 76 ? 0.527   14.785  4.512   1.00 2.38  ? 76 ASP A OXT  1 
ATOM 1166 H H    . ASP A 1 76 ? 0.208   14.886  0.387   1.00 1.21  ? 76 ASP A H    1 
ATOM 1167 H HA   . ASP A 1 76 ? 1.756   13.821  2.607   1.00 1.25  ? 76 ASP A HA   1 
ATOM 1168 H HB2  . ASP A 1 76 ? 2.059   15.878  0.654   1.00 2.44  ? 76 ASP A HB2  1 
ATOM 1169 H HB3  . ASP A 1 76 ? 2.220   16.626  2.244   1.00 2.43  ? 76 ASP A HB3  1 
# 
